data_5MF1
#
_entry.id   5MF1
#
_cell.length_a   103.970
_cell.length_b   114.060
_cell.length_c   137.420
_cell.angle_alpha   90.00
_cell.angle_beta   90.00
_cell.angle_gamma   90.00
#
_symmetry.space_group_name_H-M   'P 21 21 21'
#
loop_
_entity.id
_entity.type
_entity.pdbx_description
1 polymer 'Fusion protein HAP2/GCS1'
2 non-polymer 2-acetamido-2-deoxy-beta-D-glucopyranose
3 non-polymer 2-acetamido-2-deoxy-beta-D-galactopyranose
#
_entity_poly.entity_id   1
_entity_poly.type   'polypeptide(L)'
_entity_poly.pdbx_seq_one_letter_code
;RSEVIASGRLEKCVVDGVTEELDCQEKVVVTLTVGNGQSLQTEALEFSLSCLNSPDGRCPCSCSAADPTCACRDLAAPLR
VSLTKSPLWASYPLQYLSSFNWKPLEVILRPSNKVCKDGDWEDSPTCGWFSQGGVRVADSQGFCCECSSSQVWDDTFGSS
KERTRANLDCDFWSDPLDILIGRKPVSAHCLTFDPQWYSGYELGAASLQFEIAITVEVPTAPSPTTATTSATPRTNNSSS
ANSTNSTNSPAPQFLSPPAPSTREVLHLGPSVPLASSASRLLSAKLLGDLAMYTQLPAISNQVLMVPQPPAAAAATGSPL
DATLATNRSAWMLLDKTMLSMDGLACDKVGTGFSAFRYQPSGCGRAPQACLSGQLKDLWEADLARIADGRVPLYMITRFT
GGSDTTLQSFSGGPLSFALPVTSHSQSLVTLSVAADGVRLVTNRSPGKITGAAVCRFAGTSCGGFEAVAARGYIYVNITN
TGRLDSDYTLTVSNCSSNVRPIEARTLAVRAGSAASLDPPMELYVEDQAAAAARTCTVSLYDSVGAVTDSLTLSFYTNAT
QLVVKPSGGYNGGPFEDDDDKAGWSHPQFEKGGGSGGGSGGGSWSHPQFEK
;
_entity_poly.pdbx_strand_id   A,B,C
#
# COMPACT_ATOMS: atom_id res chain seq x y z
N VAL A 4 13.33 12.50 -23.51
CA VAL A 4 12.50 13.53 -24.16
C VAL A 4 11.25 12.90 -24.82
N ILE A 5 10.06 13.40 -24.42
CA ILE A 5 8.76 12.95 -24.92
C ILE A 5 8.55 13.45 -26.36
N ALA A 6 8.21 14.75 -26.52
CA ALA A 6 7.99 15.38 -27.82
C ALA A 6 8.13 16.90 -27.79
N SER A 7 8.77 17.44 -28.83
CA SER A 7 8.97 18.89 -29.04
C SER A 7 7.89 19.41 -30.00
N GLY A 8 7.76 20.73 -30.08
CA GLY A 8 6.79 21.39 -30.94
C GLY A 8 6.69 22.88 -30.72
N ARG A 9 5.94 23.56 -31.60
CA ARG A 9 5.74 25.00 -31.52
C ARG A 9 4.26 25.30 -31.33
N LEU A 10 3.94 26.21 -30.40
CA LEU A 10 2.58 26.56 -30.05
C LEU A 10 2.49 28.03 -29.67
N GLU A 11 1.38 28.70 -30.04
CA GLU A 11 1.17 30.08 -29.65
C GLU A 11 0.50 30.07 -28.28
N LYS A 12 1.23 30.55 -27.27
CA LYS A 12 0.76 30.61 -25.90
C LYS A 12 0.27 32.04 -25.64
N CYS A 13 -1.06 32.20 -25.50
CA CYS A 13 -1.73 33.48 -25.27
C CYS A 13 -2.09 33.63 -23.80
N VAL A 14 -1.87 34.83 -23.27
CA VAL A 14 -2.14 35.15 -21.86
C VAL A 14 -3.10 36.35 -21.76
N VAL A 15 -4.36 36.06 -21.36
CA VAL A 15 -5.37 37.11 -21.18
C VAL A 15 -5.20 37.63 -19.76
N ASP A 16 -4.61 38.83 -19.61
CA ASP A 16 -4.35 39.43 -18.30
C ASP A 16 -5.63 39.69 -17.49
N GLY A 17 -5.60 39.29 -16.23
CA GLY A 17 -6.73 39.37 -15.30
C GLY A 17 -7.23 40.76 -14.95
N VAL A 18 -6.36 41.78 -15.04
CA VAL A 18 -6.78 43.16 -14.71
C VAL A 18 -6.89 44.04 -15.96
N THR A 19 -5.88 43.99 -16.85
CA THR A 19 -5.83 44.78 -18.09
C THR A 19 -6.75 44.24 -19.21
N GLU A 20 -7.13 42.94 -19.13
CA GLU A 20 -7.98 42.23 -20.11
C GLU A 20 -7.33 42.05 -21.50
N GLU A 21 -6.10 42.56 -21.68
CA GLU A 21 -5.38 42.49 -22.94
C GLU A 21 -4.69 41.15 -23.10
N LEU A 22 -4.85 40.51 -24.27
CA LEU A 22 -4.22 39.21 -24.54
C LEU A 22 -2.86 39.37 -25.23
N ASP A 23 -1.85 38.66 -24.69
CA ASP A 23 -0.48 38.71 -25.19
C ASP A 23 -0.09 37.34 -25.74
N CYS A 24 -0.01 37.24 -27.07
CA CYS A 24 0.34 35.98 -27.73
C CYS A 24 1.78 35.96 -28.17
N GLN A 25 2.48 34.88 -27.81
CA GLN A 25 3.87 34.65 -28.17
C GLN A 25 4.07 33.19 -28.55
N GLU A 26 4.66 32.95 -29.72
CA GLU A 26 4.92 31.58 -30.18
C GLU A 26 6.14 31.04 -29.45
N LYS A 27 5.94 29.96 -28.68
CA LYS A 27 6.96 29.32 -27.86
C LYS A 27 7.24 27.88 -28.29
N VAL A 28 8.41 27.35 -27.87
CA VAL A 28 8.82 25.96 -28.09
C VAL A 28 8.55 25.17 -26.79
N VAL A 29 7.54 24.29 -26.85
CA VAL A 29 7.07 23.49 -25.73
C VAL A 29 7.64 22.08 -25.83
N VAL A 30 8.60 21.75 -24.94
CA VAL A 30 9.26 20.45 -24.93
C VAL A 30 8.99 19.70 -23.62
N THR A 31 8.33 18.53 -23.70
CA THR A 31 8.08 17.66 -22.55
C THR A 31 9.19 16.64 -22.56
N LEU A 32 9.80 16.36 -21.40
CA LEU A 32 10.92 15.41 -21.32
C LEU A 32 10.97 14.58 -20.06
N THR A 33 11.58 13.40 -20.15
CA THR A 33 11.74 12.46 -19.04
C THR A 33 13.06 12.68 -18.28
N VAL A 34 13.00 12.65 -16.94
CA VAL A 34 14.16 12.80 -16.05
C VAL A 34 14.15 11.62 -15.08
N GLY A 35 15.09 10.69 -15.29
CA GLY A 35 15.22 9.46 -14.54
C GLY A 35 15.62 9.60 -13.09
N ASN A 36 15.44 8.51 -12.30
CA ASN A 36 15.77 8.44 -10.88
C ASN A 36 17.29 8.64 -10.66
N GLY A 37 18.10 7.95 -11.47
CA GLY A 37 19.55 8.02 -11.40
C GLY A 37 20.21 8.86 -12.47
N GLN A 38 19.57 10.01 -12.81
CA GLN A 38 20.09 10.95 -13.81
C GLN A 38 20.73 12.13 -13.07
N SER A 39 21.67 11.82 -12.16
CA SER A 39 22.35 12.79 -11.29
C SER A 39 23.53 13.55 -11.96
N LEU A 40 23.82 13.31 -13.27
CA LEU A 40 24.90 13.98 -13.99
C LEU A 40 24.49 14.69 -15.28
N GLN A 41 25.32 15.67 -15.69
CA GLN A 41 25.16 16.45 -16.92
C GLN A 41 25.64 15.60 -18.12
N THR A 42 24.74 14.74 -18.63
CA THR A 42 25.00 13.83 -19.75
C THR A 42 24.45 14.42 -21.04
N GLU A 43 23.16 14.77 -21.05
CA GLU A 43 22.49 15.36 -22.20
C GLU A 43 22.11 16.82 -21.96
N ALA A 44 21.91 17.57 -23.06
CA ALA A 44 21.50 18.97 -23.04
C ALA A 44 20.64 19.31 -24.25
N LEU A 45 19.91 20.43 -24.15
CA LEU A 45 19.03 20.93 -25.20
C LEU A 45 19.53 22.27 -25.67
N GLU A 46 19.57 22.47 -27.00
CA GLU A 46 20.02 23.72 -27.57
C GLU A 46 18.91 24.42 -28.30
N PHE A 47 18.53 25.60 -27.80
CA PHE A 47 17.45 26.41 -28.35
C PHE A 47 17.97 27.60 -29.13
N SER A 48 17.50 27.76 -30.39
CA SER A 48 17.89 28.86 -31.25
C SER A 48 16.95 30.05 -31.05
N LEU A 49 17.51 31.19 -30.60
CA LEU A 49 16.77 32.42 -30.31
C LEU A 49 17.18 33.57 -31.23
N ALA A 77 23.01 32.53 -31.55
CA ALA A 77 23.52 32.08 -30.25
C ALA A 77 22.62 31.00 -29.60
N PRO A 78 23.16 29.80 -29.28
CA PRO A 78 22.30 28.74 -28.71
C PRO A 78 22.16 28.76 -27.18
N LEU A 79 20.93 28.47 -26.70
CA LEU A 79 20.60 28.40 -25.28
C LEU A 79 20.73 26.95 -24.82
N ARG A 80 21.79 26.65 -24.04
CA ARG A 80 22.03 25.30 -23.55
C ARG A 80 21.28 25.06 -22.25
N VAL A 81 20.37 24.06 -22.25
CA VAL A 81 19.54 23.68 -21.11
C VAL A 81 19.77 22.21 -20.79
N SER A 82 20.16 21.89 -19.53
CA SER A 82 20.39 20.52 -19.11
C SER A 82 19.76 20.20 -17.75
N LEU A 83 19.08 19.04 -17.66
CA LEU A 83 18.37 18.58 -16.48
C LEU A 83 19.04 17.43 -15.76
N THR A 84 18.99 17.47 -14.41
CA THR A 84 19.51 16.45 -13.51
C THR A 84 18.53 16.25 -12.36
N LYS A 85 18.35 14.99 -11.91
CA LYS A 85 17.48 14.68 -10.77
C LYS A 85 18.30 14.11 -9.62
N SER A 86 18.10 14.69 -8.42
CA SER A 86 18.75 14.29 -7.18
C SER A 86 18.41 12.81 -6.84
N PRO A 87 19.14 12.13 -5.90
CA PRO A 87 18.75 10.74 -5.56
C PRO A 87 17.33 10.74 -4.96
N LEU A 88 16.45 9.83 -5.45
CA LEU A 88 15.08 9.80 -4.96
C LEU A 88 14.96 9.05 -3.64
N TRP A 89 14.10 9.59 -2.75
CA TRP A 89 13.84 9.07 -1.42
C TRP A 89 12.36 8.99 -1.12
N ALA A 90 11.94 7.94 -0.41
CA ALA A 90 10.55 7.81 0.00
C ALA A 90 10.49 8.04 1.51
N SER A 91 10.14 9.29 1.92
CA SER A 91 10.07 9.66 3.32
C SER A 91 8.72 9.41 3.93
N TYR A 92 8.70 8.84 5.14
CA TYR A 92 7.52 8.47 5.91
C TYR A 92 7.39 9.37 7.15
N PRO A 93 6.26 10.09 7.31
CA PRO A 93 6.13 10.99 8.47
C PRO A 93 5.95 10.25 9.80
N LEU A 94 6.67 10.69 10.82
CA LEU A 94 6.61 10.10 12.15
C LEU A 94 5.56 10.78 13.04
N GLN A 95 4.91 9.99 13.90
CA GLN A 95 3.95 10.46 14.89
C GLN A 95 4.17 9.61 16.12
N TYR A 96 4.71 10.22 17.19
CA TYR A 96 5.01 9.52 18.43
C TYR A 96 3.77 8.92 19.06
N LEU A 97 3.88 7.65 19.48
CA LEU A 97 2.79 6.93 20.12
C LEU A 97 3.06 6.77 21.61
N SER A 98 4.08 5.95 21.95
CA SER A 98 4.48 5.68 23.32
C SER A 98 5.94 5.24 23.34
N SER A 99 6.53 5.16 24.54
CA SER A 99 7.89 4.71 24.75
C SER A 99 7.84 3.22 25.06
N PHE A 100 8.82 2.47 24.55
CA PHE A 100 8.91 1.03 24.69
C PHE A 100 10.26 0.68 25.26
N ASN A 101 10.31 -0.13 26.34
CA ASN A 101 11.57 -0.53 26.98
C ASN A 101 12.27 -1.69 26.23
N TRP A 102 13.62 -1.61 26.12
CA TRP A 102 14.52 -2.55 25.43
C TRP A 102 14.34 -3.99 25.89
N LYS A 103 14.26 -4.23 27.22
CA LYS A 103 14.05 -5.56 27.82
C LYS A 103 13.66 -5.45 29.30
N PRO A 104 12.34 -5.53 29.62
CA PRO A 104 11.93 -5.50 31.02
C PRO A 104 12.34 -6.80 31.69
N LEU A 105 12.64 -6.74 32.99
CA LEU A 105 13.10 -7.86 33.79
C LEU A 105 12.23 -8.10 35.04
N GLU A 106 12.17 -9.35 35.48
CA GLU A 106 11.47 -9.73 36.70
C GLU A 106 12.53 -9.87 37.80
N VAL A 107 12.30 -9.21 38.93
CA VAL A 107 13.22 -9.27 40.05
C VAL A 107 12.53 -10.03 41.20
N ILE A 108 12.95 -11.28 41.42
CA ILE A 108 12.40 -12.15 42.46
C ILE A 108 12.96 -11.75 43.83
N LEU A 109 12.11 -11.10 44.65
CA LEU A 109 12.46 -10.68 46.00
C LEU A 109 11.93 -11.70 47.02
N ARG A 110 12.81 -12.17 47.89
CA ARG A 110 12.41 -13.11 48.94
C ARG A 110 12.56 -12.35 50.27
N PRO A 111 11.40 -12.00 50.90
CA PRO A 111 11.43 -11.13 52.10
C PRO A 111 12.23 -11.59 53.33
N SER A 112 12.55 -12.90 53.47
CA SER A 112 13.24 -13.52 54.62
C SER A 112 12.38 -13.52 55.91
N ASN A 113 11.61 -12.42 56.15
CA ASN A 113 10.67 -12.29 57.26
C ASN A 113 9.38 -13.06 56.92
N LYS A 114 9.36 -13.72 55.74
CA LYS A 114 8.32 -14.57 55.16
C LYS A 114 6.95 -13.85 54.99
N VAL A 115 6.96 -12.51 54.92
CA VAL A 115 5.73 -11.73 54.74
C VAL A 115 5.78 -10.94 53.44
N CYS A 116 4.98 -11.41 52.45
CA CYS A 116 4.79 -10.78 51.15
C CYS A 116 3.31 -10.50 51.02
N LYS A 117 2.96 -9.23 50.84
CA LYS A 117 1.60 -8.78 50.68
C LYS A 117 1.57 -7.73 49.59
N ASP A 118 1.34 -8.19 48.35
CA ASP A 118 1.30 -7.34 47.17
C ASP A 118 -0.01 -7.53 46.42
N GLY A 119 -1.04 -6.88 46.96
CA GLY A 119 -2.40 -6.88 46.42
C GLY A 119 -2.80 -5.50 45.97
N ASP A 120 -3.98 -5.37 45.35
CA ASP A 120 -4.46 -4.05 44.90
C ASP A 120 -4.93 -3.27 46.13
N TRP A 121 -4.77 -1.93 46.09
CA TRP A 121 -5.08 -1.01 47.20
C TRP A 121 -4.27 -1.37 48.48
N GLU A 122 -3.01 -1.83 48.27
CA GLU A 122 -2.12 -2.21 49.35
C GLU A 122 -1.29 -1.02 49.79
N ASP A 123 -1.33 -0.78 51.11
CA ASP A 123 -0.66 0.31 51.83
C ASP A 123 0.84 0.40 51.54
N SER A 124 1.52 -0.75 51.49
CA SER A 124 2.96 -0.85 51.29
C SER A 124 3.31 -2.23 50.71
N PRO A 125 3.42 -2.35 49.36
CA PRO A 125 3.77 -3.66 48.79
C PRO A 125 5.28 -3.93 48.86
N THR A 126 5.67 -5.21 48.73
CA THR A 126 7.07 -5.64 48.76
C THR A 126 7.83 -5.03 47.58
N CYS A 127 7.24 -5.08 46.38
CA CYS A 127 7.82 -4.54 45.15
C CYS A 127 7.87 -3.02 45.16
N GLY A 128 6.84 -2.40 45.75
CA GLY A 128 6.70 -0.97 45.80
C GLY A 128 6.11 -0.44 44.51
N TRP A 129 5.29 0.62 44.63
CA TRP A 129 4.64 1.23 43.49
C TRP A 129 5.62 2.02 42.62
N PHE A 130 5.38 1.99 41.30
CA PHE A 130 6.19 2.72 40.34
C PHE A 130 5.50 4.07 40.11
N SER A 131 6.28 5.17 40.12
CA SER A 131 5.73 6.51 39.93
C SER A 131 6.40 7.26 38.80
N GLN A 132 5.59 8.09 38.11
CA GLN A 132 6.03 8.96 37.03
C GLN A 132 6.02 10.44 37.48
N ARG A 136 1.26 6.92 41.42
CA ARG A 136 1.19 5.46 41.56
C ARG A 136 0.60 4.79 40.31
N VAL A 137 1.46 4.14 39.51
CA VAL A 137 1.11 3.41 38.27
C VAL A 137 0.36 2.13 38.65
N ALA A 138 -0.81 1.91 38.02
CA ALA A 138 -1.67 0.76 38.28
C ALA A 138 -1.01 -0.59 37.99
N ASP A 139 -1.20 -1.55 38.93
CA ASP A 139 -0.72 -2.93 38.92
C ASP A 139 0.82 -3.07 38.81
N SER A 140 1.57 -2.04 39.24
CA SER A 140 3.04 -2.01 39.23
C SER A 140 3.70 -2.66 40.46
N GLN A 141 2.88 -3.29 41.34
CA GLN A 141 3.32 -3.93 42.59
C GLN A 141 3.71 -5.41 42.44
N GLY A 142 3.66 -5.95 41.22
CA GLY A 142 4.00 -7.35 40.96
C GLY A 142 3.09 -8.35 41.65
N PHE A 143 3.61 -9.54 42.00
CA PHE A 143 2.80 -10.56 42.65
C PHE A 143 3.58 -11.45 43.62
N CYS A 144 2.90 -11.98 44.65
CA CYS A 144 3.49 -12.90 45.63
C CYS A 144 3.18 -14.36 45.25
N CYS A 145 4.09 -15.27 45.61
CA CYS A 145 3.96 -16.70 45.36
C CYS A 145 4.49 -17.48 46.57
N GLU A 146 3.69 -18.46 47.03
CA GLU A 146 4.03 -19.30 48.18
C GLU A 146 4.68 -20.65 47.75
N CYS A 147 4.45 -21.74 48.51
CA CYS A 147 4.96 -23.08 48.23
C CYS A 147 3.84 -24.11 48.23
N GLU A 162 13.55 -22.48 34.78
CA GLU A 162 12.63 -23.49 34.24
C GLU A 162 11.78 -24.16 35.33
N ARG A 163 12.27 -24.16 36.59
CA ARG A 163 11.62 -24.83 37.73
C ARG A 163 10.18 -24.33 38.04
N THR A 164 9.91 -23.01 37.90
CA THR A 164 8.67 -22.22 38.14
C THR A 164 8.75 -21.37 39.39
N ARG A 165 8.30 -20.11 39.28
CA ARG A 165 8.26 -19.06 40.31
C ARG A 165 8.01 -19.56 41.74
N ALA A 166 7.05 -20.51 41.90
CA ALA A 166 6.71 -21.10 43.20
C ALA A 166 7.68 -22.23 43.62
N ASN A 167 8.02 -23.11 42.68
CA ASN A 167 8.91 -24.26 42.88
C ASN A 167 10.29 -23.84 43.38
N LEU A 168 10.76 -22.64 42.98
CA LEU A 168 12.06 -22.06 43.36
C LEU A 168 12.10 -21.68 44.83
N ASP A 169 10.97 -21.13 45.36
CA ASP A 169 10.79 -20.68 46.74
C ASP A 169 10.97 -21.82 47.73
N CYS A 170 10.63 -23.06 47.31
CA CYS A 170 10.75 -24.26 48.12
C CYS A 170 12.22 -24.63 48.27
N ASP A 171 12.76 -24.22 49.42
CA ASP A 171 14.12 -24.43 49.89
C ASP A 171 14.06 -25.33 51.13
N PHE A 172 15.01 -26.28 51.26
CA PHE A 172 15.06 -27.16 52.42
C PHE A 172 15.43 -26.33 53.65
N TRP A 173 16.33 -25.38 53.45
CA TRP A 173 16.85 -24.52 54.48
C TRP A 173 15.83 -23.51 55.03
N SER A 174 14.77 -23.15 54.26
CA SER A 174 13.74 -22.20 54.72
C SER A 174 12.39 -22.90 55.01
N PRO A 185 7.41 -18.99 53.73
CA PRO A 185 8.12 -19.41 52.51
C PRO A 185 7.53 -18.73 51.26
N VAL A 186 7.56 -17.39 51.23
CA VAL A 186 6.97 -16.58 50.16
C VAL A 186 7.99 -15.67 49.40
N SER A 187 7.66 -15.27 48.14
CA SER A 187 8.48 -14.42 47.27
C SER A 187 7.65 -13.49 46.37
N ALA A 188 8.11 -12.22 46.21
CA ALA A 188 7.50 -11.21 45.33
C ALA A 188 8.19 -11.22 43.96
N HIS A 189 7.43 -10.93 42.89
CA HIS A 189 7.94 -10.93 41.53
C HIS A 189 7.62 -9.57 40.95
N CYS A 190 8.65 -8.73 40.87
CA CYS A 190 8.53 -7.34 40.47
C CYS A 190 9.06 -7.06 39.07
N LEU A 191 8.34 -6.20 38.34
CA LEU A 191 8.78 -5.79 37.02
C LEU A 191 9.72 -4.59 37.15
N THR A 192 10.89 -4.70 36.50
CA THR A 192 11.95 -3.68 36.44
C THR A 192 12.28 -3.42 34.98
N PHE A 193 12.71 -2.21 34.65
CA PHE A 193 13.01 -1.88 33.27
C PHE A 193 14.48 -1.71 32.98
N ASP A 194 14.88 -2.07 31.74
CA ASP A 194 16.24 -1.93 31.22
C ASP A 194 16.57 -0.44 31.21
N PRO A 195 17.82 -0.02 31.49
CA PRO A 195 18.12 1.42 31.47
C PRO A 195 17.84 2.08 30.11
N GLN A 196 17.96 1.30 29.00
CA GLN A 196 17.72 1.78 27.65
C GLN A 196 16.26 1.70 27.28
N TRP A 197 15.71 2.81 26.79
CA TRP A 197 14.34 2.91 26.32
C TRP A 197 14.37 3.30 24.86
N TYR A 198 13.28 2.97 24.12
CA TYR A 198 13.05 3.31 22.72
C TYR A 198 11.77 4.12 22.65
N SER A 199 11.62 4.93 21.60
CA SER A 199 10.41 5.69 21.41
C SER A 199 9.76 5.14 20.16
N GLY A 200 8.48 4.82 20.27
CA GLY A 200 7.68 4.24 19.19
C GLY A 200 6.95 5.29 18.39
N TYR A 201 7.25 5.35 17.07
CA TYR A 201 6.66 6.32 16.15
C TYR A 201 5.90 5.61 15.05
N GLU A 202 4.62 5.96 14.88
CA GLU A 202 3.78 5.37 13.84
C GLU A 202 4.13 6.06 12.51
N LEU A 203 4.59 5.29 11.52
CA LEU A 203 4.93 5.83 10.21
C LEU A 203 3.67 6.16 9.44
N GLY A 204 3.71 7.26 8.71
CA GLY A 204 2.60 7.71 7.89
C GLY A 204 2.75 7.27 6.45
N ALA A 205 2.14 8.01 5.52
CA ALA A 205 2.21 7.68 4.10
C ALA A 205 3.44 8.27 3.45
N ALA A 206 4.14 7.44 2.66
CA ALA A 206 5.34 7.81 1.93
C ALA A 206 5.08 8.95 0.98
N SER A 207 6.04 9.86 0.91
CA SER A 207 5.99 10.97 -0.01
C SER A 207 7.36 11.01 -0.67
N LEU A 208 7.38 11.01 -2.02
CA LEU A 208 8.60 11.06 -2.79
C LEU A 208 9.29 12.41 -2.62
N GLN A 209 10.53 12.38 -2.18
CA GLN A 209 11.31 13.58 -1.97
C GLN A 209 12.54 13.54 -2.86
N PHE A 210 12.67 14.57 -3.70
CA PHE A 210 13.78 14.76 -4.64
C PHE A 210 13.87 16.25 -5.01
N GLU A 211 14.65 16.57 -6.05
CA GLU A 211 14.83 17.93 -6.58
C GLU A 211 15.39 17.80 -7.99
N ILE A 212 14.79 18.54 -8.94
CA ILE A 212 15.27 18.57 -10.32
C ILE A 212 16.03 19.87 -10.50
N ALA A 213 17.25 19.78 -11.03
CA ALA A 213 18.09 20.94 -11.26
C ALA A 213 18.19 21.18 -12.76
N ILE A 214 17.69 22.35 -13.18
CA ILE A 214 17.74 22.78 -14.58
C ILE A 214 18.83 23.84 -14.68
N THR A 215 19.88 23.55 -15.46
CA THR A 215 21.01 24.46 -15.62
C THR A 215 20.93 25.16 -16.97
N VAL A 216 20.29 26.35 -16.98
CA VAL A 216 20.09 27.18 -18.17
C VAL A 216 21.34 28.01 -18.38
N GLU A 217 21.86 28.00 -19.62
CA GLU A 217 23.05 28.73 -20.03
C GLU A 217 22.83 29.36 -21.40
N VAL A 218 23.39 30.56 -21.64
CA VAL A 218 23.28 31.29 -22.92
C VAL A 218 24.55 31.04 -23.76
N ARG A 263 28.03 31.37 -21.84
CA ARG A 263 27.74 32.63 -21.18
C ARG A 263 27.36 32.46 -19.69
N GLU A 264 26.42 33.29 -19.18
CA GLU A 264 25.99 33.23 -17.79
C GLU A 264 24.99 32.09 -17.55
N VAL A 265 25.25 31.32 -16.47
CA VAL A 265 24.50 30.13 -16.06
C VAL A 265 23.56 30.43 -14.88
N LEU A 266 22.32 29.90 -14.95
CA LEU A 266 21.30 30.01 -13.91
C LEU A 266 20.69 28.63 -13.63
N HIS A 267 20.57 28.25 -12.34
CA HIS A 267 19.99 26.98 -11.90
C HIS A 267 18.53 27.15 -11.41
N LEU A 268 17.62 26.33 -11.96
CA LEU A 268 16.20 26.27 -11.60
C LEU A 268 15.95 24.98 -10.82
N GLY A 269 15.19 25.07 -9.74
CA GLY A 269 14.91 23.91 -8.90
C GLY A 269 13.48 23.42 -8.78
N PRO A 270 12.81 22.86 -9.83
CA PRO A 270 11.47 22.28 -9.61
C PRO A 270 11.60 20.99 -8.80
N SER A 271 10.59 20.72 -7.99
CA SER A 271 10.51 19.56 -7.10
C SER A 271 9.04 19.32 -6.72
N VAL A 272 8.80 18.39 -5.80
CA VAL A 272 7.50 18.07 -5.25
C VAL A 272 6.87 19.31 -4.54
N PRO A 273 7.58 20.06 -3.62
CA PRO A 273 6.95 21.25 -3.01
C PRO A 273 6.94 22.48 -3.92
N LEU A 274 7.73 22.48 -5.01
CA LEU A 274 7.83 23.57 -5.98
C LEU A 274 7.69 23.03 -7.39
N ALA A 275 6.49 22.56 -7.76
CA ALA A 275 6.17 21.99 -9.07
C ALA A 275 6.51 22.87 -10.29
N SER A 276 6.59 24.22 -10.12
CA SER A 276 6.86 25.18 -11.19
C SER A 276 8.08 26.07 -10.93
N SER A 277 8.77 26.45 -12.03
CA SER A 277 9.96 27.33 -12.03
C SER A 277 10.04 28.16 -13.31
N ALA A 278 10.63 29.37 -13.23
CA ALA A 278 10.74 30.29 -14.37
C ALA A 278 11.99 31.18 -14.34
N SER A 279 12.41 31.69 -15.53
CA SER A 279 13.55 32.58 -15.75
C SER A 279 13.39 33.38 -17.09
N ARG A 280 12.35 34.27 -17.16
CA ARG A 280 11.90 35.16 -18.25
C ARG A 280 11.72 34.44 -19.62
N LEU A 281 12.82 33.99 -20.28
CA LEU A 281 12.82 33.28 -21.58
C LEU A 281 12.34 31.85 -21.44
N LEU A 282 12.66 31.20 -20.30
CA LEU A 282 12.30 29.81 -20.03
C LEU A 282 11.53 29.63 -18.72
N SER A 283 10.38 28.97 -18.83
CA SER A 283 9.55 28.60 -17.69
C SER A 283 9.25 27.10 -17.78
N ALA A 284 9.71 26.33 -16.79
CA ALA A 284 9.51 24.88 -16.75
C ALA A 284 8.55 24.44 -15.64
N LYS A 285 7.77 23.37 -15.91
CA LYS A 285 6.84 22.82 -14.94
C LYS A 285 7.00 21.33 -14.82
N LEU A 286 7.12 20.83 -13.58
CA LEU A 286 7.17 19.42 -13.25
C LEU A 286 5.71 18.97 -13.16
N LEU A 287 5.27 18.15 -14.10
CA LEU A 287 3.89 17.65 -14.11
C LEU A 287 3.71 16.58 -13.03
N GLY A 288 4.72 15.74 -12.89
CA GLY A 288 4.76 14.63 -11.94
C GLY A 288 5.47 13.46 -12.57
N ASP A 289 5.77 12.41 -11.78
CA ASP A 289 6.42 11.28 -12.42
C ASP A 289 5.46 10.10 -12.61
N LEU A 290 5.87 9.18 -13.49
CA LEU A 290 5.15 7.95 -13.81
C LEU A 290 5.26 6.95 -12.63
N ALA A 291 4.40 5.91 -12.63
CA ALA A 291 4.39 4.91 -11.57
C ALA A 291 5.61 3.99 -11.61
N MET A 292 6.09 3.62 -10.40
CA MET A 292 7.24 2.73 -10.17
C MET A 292 6.83 1.31 -10.48
N TYR A 293 7.70 0.56 -11.18
CA TYR A 293 7.39 -0.82 -11.54
C TYR A 293 7.42 -1.74 -10.34
N THR A 294 8.32 -1.47 -9.39
CA THR A 294 8.43 -2.20 -8.12
C THR A 294 7.88 -1.23 -7.07
N GLN A 295 6.73 -1.55 -6.49
CA GLN A 295 6.11 -0.69 -5.49
C GLN A 295 6.95 -0.64 -4.20
N LEU A 296 6.74 0.42 -3.41
CA LEU A 296 7.43 0.64 -2.14
C LEU A 296 7.03 -0.41 -1.09
N PRO A 297 7.88 -0.72 -0.08
CA PRO A 297 7.48 -1.71 0.93
C PRO A 297 6.30 -1.22 1.76
N ALA A 298 5.40 -2.15 2.12
CA ALA A 298 4.21 -1.83 2.91
C ALA A 298 4.58 -1.58 4.36
N ILE A 299 5.16 -0.39 4.62
CA ILE A 299 5.62 -0.02 5.96
C ILE A 299 4.90 1.24 6.48
N SER A 300 3.91 1.73 5.71
CA SER A 300 3.10 2.91 5.97
C SER A 300 2.21 2.83 7.24
N ASN A 301 2.30 1.75 8.02
CA ASN A 301 1.51 1.65 9.26
C ASN A 301 2.27 1.05 10.44
N GLN A 302 3.45 0.50 10.17
CA GLN A 302 4.33 -0.13 11.15
C GLN A 302 4.86 0.91 12.14
N VAL A 303 5.36 0.46 13.31
CA VAL A 303 5.88 1.33 14.36
C VAL A 303 7.42 1.30 14.41
N LEU A 304 8.03 2.47 14.18
CA LEU A 304 9.47 2.72 14.19
C LEU A 304 9.96 2.93 15.61
N MET A 305 10.97 2.14 16.00
CA MET A 305 11.59 2.13 17.32
C MET A 305 12.96 2.80 17.26
N VAL A 306 13.02 4.05 17.73
CA VAL A 306 14.24 4.85 17.79
C VAL A 306 14.72 4.84 19.26
N PRO A 307 15.99 4.49 19.56
CA PRO A 307 16.40 4.47 20.97
C PRO A 307 16.50 5.87 21.58
N GLN A 308 15.82 6.07 22.73
CA GLN A 308 15.80 7.30 23.50
C GLN A 308 17.23 7.60 24.00
N PRO A 309 17.73 8.84 23.81
CA PRO A 309 19.11 9.14 24.25
C PRO A 309 19.20 9.55 25.74
N PRO A 310 20.22 9.07 26.51
CA PRO A 310 21.33 8.17 26.10
C PRO A 310 20.90 6.72 25.89
N ALA A 325 25.44 2.47 18.04
CA ALA A 325 26.77 2.84 17.53
C ALA A 325 26.74 3.90 16.41
N THR A 326 25.79 3.77 15.45
CA THR A 326 25.64 4.67 14.29
C THR A 326 24.19 5.23 14.17
N ASN A 327 24.04 6.47 13.64
CA ASN A 327 22.76 7.17 13.42
C ASN A 327 21.85 6.33 12.52
N ARG A 328 20.77 5.75 13.12
CA ARG A 328 19.74 4.88 12.51
C ARG A 328 20.09 3.38 12.49
N SER A 329 21.27 2.98 12.98
CA SER A 329 21.66 1.56 12.97
C SER A 329 20.87 0.72 14.00
N ALA A 330 20.64 1.29 15.20
CA ALA A 330 19.94 0.66 16.30
C ALA A 330 18.42 0.61 16.09
N TRP A 331 17.93 1.42 15.13
CA TRP A 331 16.51 1.56 14.77
C TRP A 331 15.88 0.26 14.27
N MET A 332 14.62 0.04 14.68
CA MET A 332 13.82 -1.13 14.33
C MET A 332 12.44 -0.71 13.84
N LEU A 333 11.85 -1.46 12.91
CA LEU A 333 10.51 -1.18 12.38
C LEU A 333 9.63 -2.39 12.62
N LEU A 334 8.66 -2.24 13.51
CA LEU A 334 7.82 -3.34 13.98
C LEU A 334 6.38 -3.28 13.54
N ASP A 335 5.81 -4.45 13.16
CA ASP A 335 4.41 -4.60 12.76
C ASP A 335 3.56 -4.40 14.01
N LYS A 336 2.35 -3.86 13.88
CA LYS A 336 1.46 -3.62 15.02
C LYS A 336 1.04 -4.90 15.75
N THR A 337 1.14 -6.07 15.07
CA THR A 337 0.85 -7.40 15.64
C THR A 337 1.82 -7.79 16.75
N MET A 338 3.00 -7.17 16.79
CA MET A 338 4.01 -7.49 17.79
C MET A 338 4.09 -6.49 18.94
N LEU A 339 3.07 -5.65 19.08
CA LEU A 339 3.06 -4.62 20.10
C LEU A 339 1.85 -4.67 21.01
N SER A 340 2.11 -4.58 22.32
CA SER A 340 1.04 -4.45 23.32
C SER A 340 1.04 -2.95 23.58
N MET A 341 0.19 -2.23 22.84
CA MET A 341 0.08 -0.79 22.90
C MET A 341 -0.49 -0.33 24.24
N ASP A 342 -1.56 -1.00 24.71
CA ASP A 342 -2.22 -0.74 25.99
C ASP A 342 -1.46 -1.36 27.18
N GLY A 343 -0.43 -2.17 26.88
CA GLY A 343 0.40 -2.85 27.86
C GLY A 343 -0.32 -3.91 28.65
N LEU A 344 -1.39 -4.48 28.04
CA LEU A 344 -2.25 -5.49 28.66
C LEU A 344 -2.01 -6.92 28.18
N ALA A 345 -1.41 -7.09 26.98
CA ALA A 345 -1.08 -8.40 26.40
C ALA A 345 0.21 -8.91 26.98
N CYS A 346 0.46 -10.23 26.91
CA CYS A 346 1.68 -10.89 27.41
C CYS A 346 2.63 -11.15 26.23
N ASP A 347 3.95 -11.12 26.48
CA ASP A 347 5.02 -11.41 25.52
C ASP A 347 5.00 -10.60 24.20
N LYS A 348 4.71 -9.30 24.31
CA LYS A 348 4.66 -8.35 23.18
C LYS A 348 5.47 -7.11 23.51
N VAL A 349 6.03 -6.44 22.49
CA VAL A 349 6.80 -5.21 22.68
C VAL A 349 5.90 -4.14 23.31
N GLY A 350 6.06 -3.97 24.61
CA GLY A 350 5.30 -3.02 25.40
C GLY A 350 4.44 -3.64 26.48
N THR A 351 4.75 -4.90 26.91
CA THR A 351 3.99 -5.54 27.98
C THR A 351 4.36 -4.86 29.27
N GLY A 352 3.36 -4.29 29.91
CA GLY A 352 3.57 -3.52 31.12
C GLY A 352 3.27 -4.30 32.38
N PHE A 353 3.14 -3.56 33.49
CA PHE A 353 2.86 -4.07 34.82
C PHE A 353 1.52 -4.78 34.94
N SER A 354 0.49 -4.26 34.24
CA SER A 354 -0.88 -4.79 34.26
C SER A 354 -1.02 -6.14 33.56
N ALA A 355 -0.07 -6.45 32.67
CA ALA A 355 0.03 -7.68 31.90
C ALA A 355 0.90 -8.70 32.60
N PHE A 356 1.99 -8.22 33.26
CA PHE A 356 2.93 -9.06 34.01
C PHE A 356 2.23 -9.62 35.25
N ARG A 357 1.56 -8.73 36.01
CA ARG A 357 0.70 -9.10 37.13
C ARG A 357 -0.57 -9.56 36.39
N TYR A 358 -1.31 -10.54 36.95
CA TYR A 358 -2.52 -11.10 36.31
C TYR A 358 -2.21 -12.01 35.10
N GLN A 359 -0.95 -12.48 34.93
CA GLN A 359 -0.62 -13.39 33.81
C GLN A 359 -1.35 -14.75 34.00
N PRO A 360 -1.72 -15.47 32.91
CA PRO A 360 -2.57 -16.67 33.05
C PRO A 360 -2.29 -17.61 34.22
N SER A 361 -1.12 -18.28 34.25
CA SER A 361 -0.78 -19.22 35.32
C SER A 361 -0.21 -18.50 36.53
N GLY A 362 0.78 -17.64 36.29
CA GLY A 362 1.44 -16.89 37.34
C GLY A 362 2.55 -17.66 38.01
N CYS A 363 2.28 -18.19 39.21
CA CYS A 363 3.25 -18.92 40.03
C CYS A 363 3.64 -20.32 39.48
N GLY A 364 2.85 -20.82 38.54
CA GLY A 364 3.08 -22.12 37.90
C GLY A 364 3.89 -22.04 36.63
N ARG A 365 4.48 -20.85 36.37
CA ARG A 365 5.31 -20.56 35.21
C ARG A 365 6.70 -20.09 35.59
N ALA A 366 7.70 -20.52 34.81
CA ALA A 366 9.12 -20.17 34.98
C ALA A 366 9.31 -18.64 35.01
N PRO A 367 10.28 -18.07 35.79
CA PRO A 367 10.44 -16.61 35.79
C PRO A 367 10.76 -16.03 34.42
N GLN A 368 10.38 -14.75 34.23
CA GLN A 368 10.48 -13.95 32.99
C GLN A 368 9.50 -14.53 31.94
N ALA A 369 8.44 -15.20 32.44
CA ALA A 369 7.40 -15.86 31.62
C ALA A 369 6.70 -14.90 30.67
N CYS A 370 6.04 -13.85 31.21
CA CYS A 370 5.31 -12.86 30.41
C CYS A 370 6.25 -11.80 29.79
N LEU A 371 7.58 -11.97 29.92
CA LEU A 371 8.55 -10.98 29.45
C LEU A 371 9.33 -11.37 28.19
N SER A 372 8.83 -12.33 27.40
CA SER A 372 9.46 -12.70 26.13
C SER A 372 8.98 -11.77 24.99
N GLY A 373 9.50 -12.00 23.78
CA GLY A 373 9.17 -11.23 22.58
C GLY A 373 9.38 -9.72 22.66
N GLN A 374 10.40 -9.27 23.43
CA GLN A 374 10.74 -7.85 23.63
C GLN A 374 11.75 -7.38 22.60
N LEU A 375 11.95 -6.05 22.47
CA LEU A 375 12.89 -5.40 21.52
C LEU A 375 14.26 -6.07 21.42
N LYS A 376 14.82 -6.43 22.60
CA LYS A 376 16.10 -7.11 22.75
C LYS A 376 16.01 -8.48 22.08
N ASP A 377 15.00 -9.27 22.47
CA ASP A 377 14.76 -10.62 21.94
C ASP A 377 14.65 -10.62 20.42
N LEU A 378 13.90 -9.64 19.86
CA LEU A 378 13.71 -9.50 18.43
C LEU A 378 14.97 -9.08 17.75
N TRP A 379 15.76 -8.18 18.39
CA TRP A 379 17.04 -7.71 17.86
C TRP A 379 18.02 -8.87 17.76
N GLU A 380 18.16 -9.64 18.85
CA GLU A 380 19.02 -10.82 18.98
C GLU A 380 18.65 -11.91 17.97
N ALA A 381 17.34 -12.08 17.72
CA ALA A 381 16.78 -13.03 16.76
C ALA A 381 17.17 -12.63 15.34
N ASP A 382 17.15 -11.31 15.07
CA ASP A 382 17.50 -10.75 13.77
C ASP A 382 18.99 -10.90 13.47
N LEU A 383 19.85 -10.80 14.51
CA LEU A 383 21.30 -10.98 14.39
C LEU A 383 21.53 -12.42 13.94
N ALA A 384 20.84 -13.39 14.63
CA ALA A 384 20.87 -14.84 14.35
C ALA A 384 20.44 -15.11 12.91
N ARG A 385 19.44 -14.36 12.39
CA ARG A 385 18.99 -14.48 11.00
C ARG A 385 20.13 -14.09 10.06
N ILE A 386 20.77 -12.91 10.29
CA ILE A 386 21.90 -12.41 9.49
C ILE A 386 23.04 -13.44 9.48
N ALA A 387 23.30 -14.05 10.66
CA ALA A 387 24.31 -15.10 10.89
C ALA A 387 24.03 -16.31 10.01
N ASP A 388 22.75 -16.71 9.85
CA ASP A 388 22.32 -17.86 9.01
C ASP A 388 22.09 -17.46 7.53
N GLY A 389 22.56 -16.26 7.17
CA GLY A 389 22.44 -15.71 5.83
C GLY A 389 20.99 -15.53 5.40
N ARG A 390 20.19 -14.93 6.29
CA ARG A 390 18.76 -14.66 6.11
C ARG A 390 18.53 -13.18 6.41
N VAL A 391 17.52 -12.57 5.75
CA VAL A 391 17.22 -11.15 5.92
C VAL A 391 16.48 -10.91 7.24
N PRO A 392 16.95 -9.95 8.10
CA PRO A 392 16.25 -9.67 9.36
C PRO A 392 14.81 -9.20 9.16
N LEU A 393 13.95 -9.41 10.17
CA LEU A 393 12.52 -9.08 10.10
C LEU A 393 12.13 -7.74 10.73
N TYR A 394 12.99 -7.21 11.62
CA TYR A 394 12.68 -6.00 12.38
C TYR A 394 13.67 -4.86 12.17
N MET A 395 14.97 -5.16 11.94
CA MET A 395 16.00 -4.14 11.73
C MET A 395 15.76 -3.36 10.44
N ILE A 396 15.71 -2.02 10.53
CA ILE A 396 15.42 -1.14 9.38
C ILE A 396 16.39 -1.35 8.19
N THR A 397 17.54 -2.02 8.43
CA THR A 397 18.53 -2.33 7.39
C THR A 397 18.05 -3.43 6.44
N ARG A 398 16.89 -4.07 6.73
CA ARG A 398 16.31 -5.12 5.88
C ARG A 398 15.93 -4.63 4.47
N PHE A 399 15.68 -3.31 4.33
CA PHE A 399 15.31 -2.67 3.06
C PHE A 399 16.51 -2.33 2.20
N THR A 400 17.64 -1.97 2.85
CA THR A 400 18.87 -1.57 2.17
C THR A 400 19.60 -2.77 1.56
N GLY A 401 19.94 -3.72 2.41
CA GLY A 401 20.66 -4.93 2.05
C GLY A 401 21.76 -5.30 3.02
N GLY A 402 21.91 -4.46 4.06
CA GLY A 402 22.90 -4.66 5.11
C GLY A 402 23.47 -3.38 5.68
N SER A 403 23.96 -2.49 4.81
CA SER A 403 24.57 -1.22 5.21
C SER A 403 23.57 -0.16 5.65
N ASP A 404 23.93 0.57 6.72
CA ASP A 404 23.16 1.68 7.29
C ASP A 404 23.55 3.00 6.58
N THR A 405 24.77 3.02 6.00
CA THR A 405 25.39 4.15 5.27
C THR A 405 24.51 4.73 4.16
N THR A 406 23.76 3.85 3.44
CA THR A 406 22.84 4.21 2.36
C THR A 406 21.79 5.21 2.89
N LEU A 407 21.14 4.87 4.03
CA LEU A 407 20.11 5.65 4.72
C LEU A 407 20.63 6.96 5.30
N GLN A 408 21.88 6.96 5.81
CA GLN A 408 22.55 8.13 6.43
C GLN A 408 22.60 9.32 5.46
N SER A 409 22.73 9.02 4.15
CA SER A 409 22.78 9.99 3.05
C SER A 409 21.48 10.83 2.88
N PHE A 410 20.41 10.51 3.64
CA PHE A 410 19.14 11.25 3.59
C PHE A 410 19.26 12.63 4.27
N SER A 411 18.74 13.66 3.58
CA SER A 411 18.75 15.08 3.95
C SER A 411 17.99 15.49 5.22
N GLY A 412 16.91 14.76 5.55
CA GLY A 412 16.02 15.03 6.69
C GLY A 412 16.65 15.13 8.08
N GLY A 413 15.84 15.62 9.02
CA GLY A 413 16.21 15.83 10.41
C GLY A 413 16.46 14.58 11.24
N PRO A 414 16.85 14.73 12.53
CA PRO A 414 17.14 13.56 13.38
C PRO A 414 16.03 12.53 13.46
N LEU A 415 14.77 13.01 13.60
CA LEU A 415 13.59 12.15 13.67
C LEU A 415 12.85 12.12 12.35
N SER A 416 13.50 11.52 11.38
CA SER A 416 12.99 11.32 10.03
C SER A 416 13.33 9.91 9.60
N PHE A 417 12.53 9.36 8.68
CA PHE A 417 12.77 8.04 8.14
C PHE A 417 12.44 8.06 6.66
N ALA A 418 13.40 7.64 5.83
CA ALA A 418 13.25 7.58 4.39
C ALA A 418 14.05 6.47 3.82
N LEU A 419 13.49 5.79 2.82
CA LEU A 419 14.15 4.69 2.15
C LEU A 419 14.59 5.11 0.75
N PRO A 420 15.79 4.67 0.31
CA PRO A 420 16.23 5.03 -1.05
C PRO A 420 15.37 4.31 -2.08
N VAL A 421 14.94 5.03 -3.11
CA VAL A 421 14.09 4.46 -4.16
C VAL A 421 14.99 3.90 -5.27
N THR A 422 14.86 2.59 -5.55
CA THR A 422 15.64 1.89 -6.57
C THR A 422 14.83 1.63 -7.84
N SER A 423 13.49 1.65 -7.73
CA SER A 423 12.64 1.48 -8.89
C SER A 423 12.64 2.78 -9.70
N HIS A 424 12.44 2.67 -11.02
CA HIS A 424 12.43 3.82 -11.92
C HIS A 424 11.22 4.70 -11.69
N SER A 425 11.45 6.01 -11.60
CA SER A 425 10.39 7.01 -11.46
C SER A 425 10.72 8.15 -12.41
N GLN A 426 10.29 8.01 -13.66
CA GLN A 426 10.57 9.00 -14.71
C GLN A 426 9.69 10.25 -14.56
N SER A 427 10.29 11.37 -14.13
CA SER A 427 9.61 12.64 -13.94
C SER A 427 9.33 13.36 -15.24
N LEU A 428 8.11 13.88 -15.41
CA LEU A 428 7.76 14.61 -16.63
C LEU A 428 7.91 16.11 -16.40
N VAL A 429 8.81 16.74 -17.18
CA VAL A 429 9.10 18.18 -17.08
C VAL A 429 8.79 18.82 -18.42
N THR A 430 7.95 19.88 -18.43
CA THR A 430 7.60 20.58 -19.67
C THR A 430 8.28 21.95 -19.67
N LEU A 431 9.04 22.23 -20.72
CA LEU A 431 9.80 23.45 -20.89
C LEU A 431 9.15 24.35 -21.92
N SER A 432 8.97 25.63 -21.58
CA SER A 432 8.38 26.64 -22.46
C SER A 432 9.41 27.74 -22.71
N VAL A 433 10.01 27.73 -23.91
CA VAL A 433 11.02 28.70 -24.28
C VAL A 433 10.51 29.63 -25.38
N ALA A 434 10.76 30.95 -25.25
CA ALA A 434 10.40 31.97 -26.24
C ALA A 434 11.19 31.79 -27.55
N ALA A 435 12.36 31.11 -27.46
CA ALA A 435 13.25 30.76 -28.57
C ALA A 435 12.57 29.77 -29.51
N ASP A 436 12.88 29.83 -30.82
CA ASP A 436 12.26 28.97 -31.83
C ASP A 436 13.28 28.08 -32.55
N GLY A 437 13.25 26.79 -32.21
CA GLY A 437 14.13 25.75 -32.73
C GLY A 437 14.83 25.00 -31.60
N VAL A 438 14.87 23.65 -31.66
CA VAL A 438 15.49 22.82 -30.62
C VAL A 438 16.29 21.63 -31.19
N ARG A 439 17.40 21.30 -30.51
CA ARG A 439 18.31 20.20 -30.83
C ARG A 439 18.72 19.50 -29.52
N LEU A 440 18.80 18.16 -29.54
CA LEU A 440 19.20 17.36 -28.38
C LEU A 440 20.64 16.85 -28.58
N VAL A 441 21.52 17.13 -27.60
CA VAL A 441 22.93 16.72 -27.63
C VAL A 441 23.19 15.82 -26.42
N THR A 442 23.64 14.57 -26.66
CA THR A 442 23.86 13.56 -25.63
C THR A 442 25.24 12.91 -25.67
N ASN A 443 25.86 12.70 -24.51
CA ASN A 443 27.16 12.03 -24.38
C ASN A 443 26.96 10.51 -24.43
N ARG A 444 27.72 9.83 -25.32
CA ARG A 444 27.64 8.36 -25.51
C ARG A 444 28.98 7.66 -25.24
N SER A 445 29.43 7.69 -23.98
CA SER A 445 30.68 7.07 -23.55
C SER A 445 30.52 5.56 -23.29
N PRO A 446 31.44 4.68 -23.77
CA PRO A 446 31.29 3.23 -23.50
C PRO A 446 31.58 2.84 -22.05
N GLY A 447 31.18 1.64 -21.67
CA GLY A 447 31.38 1.13 -20.32
C GLY A 447 31.86 -0.31 -20.25
N LYS A 448 32.25 -0.75 -19.03
CA LYS A 448 32.73 -2.10 -18.75
C LYS A 448 32.31 -2.57 -17.36
N ILE A 449 31.77 -3.80 -17.24
CA ILE A 449 31.39 -4.39 -15.94
C ILE A 449 32.68 -4.88 -15.28
N THR A 450 33.16 -4.15 -14.26
CA THR A 450 34.40 -4.44 -13.55
C THR A 450 34.15 -5.23 -12.26
N GLY A 451 33.25 -6.22 -12.38
CA GLY A 451 32.86 -7.10 -11.29
C GLY A 451 31.35 -7.22 -11.08
N ALA A 452 30.91 -8.43 -10.67
CA ALA A 452 29.51 -8.76 -10.42
C ALA A 452 29.43 -10.00 -9.53
N ALA A 453 28.77 -9.86 -8.35
CA ALA A 453 28.62 -10.97 -7.38
C ALA A 453 27.27 -10.96 -6.65
N VAL A 454 26.76 -12.16 -6.37
CA VAL A 454 25.52 -12.40 -5.64
C VAL A 454 25.96 -12.69 -4.23
N CYS A 455 25.57 -11.85 -3.29
CA CYS A 455 25.98 -12.02 -1.91
C CYS A 455 24.81 -12.01 -0.94
N ARG A 456 25.02 -12.60 0.26
CA ARG A 456 24.00 -12.67 1.31
C ARG A 456 23.80 -11.32 1.99
N PHE A 457 22.80 -11.25 2.88
CA PHE A 457 22.48 -10.04 3.64
C PHE A 457 23.68 -9.58 4.46
N ALA A 458 24.06 -8.30 4.31
CA ALA A 458 25.18 -7.63 5.00
C ALA A 458 26.55 -8.23 4.67
N GLY A 459 26.68 -8.79 3.48
CA GLY A 459 27.90 -9.41 2.99
C GLY A 459 28.44 -10.52 3.87
N THR A 460 27.54 -11.41 4.35
CA THR A 460 27.84 -12.56 5.20
C THR A 460 28.86 -13.45 4.45
N SER A 461 28.57 -13.73 3.17
CA SER A 461 29.37 -14.51 2.24
C SER A 461 29.01 -14.01 0.85
N CYS A 462 29.49 -14.71 -0.20
CA CYS A 462 29.19 -14.42 -1.60
C CYS A 462 29.05 -15.71 -2.41
N GLY A 463 28.68 -15.56 -3.68
CA GLY A 463 28.49 -16.66 -4.61
C GLY A 463 27.09 -17.24 -4.64
N GLY A 464 26.35 -17.11 -3.53
CA GLY A 464 25.00 -17.65 -3.42
C GLY A 464 24.27 -17.38 -2.13
N PHE A 465 22.99 -17.82 -2.09
CA PHE A 465 22.08 -17.61 -0.95
C PHE A 465 21.18 -18.82 -0.65
N GLU A 466 20.25 -18.68 0.32
CA GLU A 466 19.34 -19.76 0.68
C GLU A 466 18.00 -19.60 -0.07
N ALA A 467 17.65 -20.60 -0.89
CA ALA A 467 16.43 -20.62 -1.70
C ALA A 467 15.18 -20.32 -0.90
N VAL A 468 14.40 -19.32 -1.35
CA VAL A 468 13.12 -18.83 -0.81
C VAL A 468 13.26 -18.22 0.63
N ALA A 469 13.75 -19.00 1.62
CA ALA A 469 13.93 -18.57 3.01
C ALA A 469 14.85 -17.34 3.19
N ALA A 470 15.60 -17.00 2.13
CA ALA A 470 16.51 -15.85 2.07
C ALA A 470 16.57 -15.30 0.63
N ARG A 471 17.42 -14.28 0.41
CA ARG A 471 17.60 -13.66 -0.89
C ARG A 471 19.03 -13.24 -1.13
N GLY A 472 19.39 -13.18 -2.41
CA GLY A 472 20.70 -12.74 -2.85
C GLY A 472 20.69 -11.25 -3.07
N TYR A 473 21.87 -10.67 -3.15
CA TYR A 473 22.04 -9.25 -3.39
C TYR A 473 23.13 -9.07 -4.44
N ILE A 474 22.73 -8.67 -5.65
CA ILE A 474 23.63 -8.48 -6.78
C ILE A 474 24.34 -7.13 -6.65
N TYR A 475 25.68 -7.17 -6.43
CA TYR A 475 26.53 -5.99 -6.34
C TYR A 475 27.29 -5.94 -7.66
N VAL A 476 27.17 -4.83 -8.41
CA VAL A 476 27.84 -4.72 -9.72
C VAL A 476 28.66 -3.45 -9.81
N ASN A 477 29.96 -3.61 -10.10
CA ASN A 477 30.90 -2.51 -10.31
C ASN A 477 30.99 -2.30 -11.82
N ILE A 478 30.83 -1.04 -12.26
CA ILE A 478 30.91 -0.67 -13.68
C ILE A 478 31.91 0.47 -13.86
N THR A 479 32.43 0.68 -15.09
CA THR A 479 33.39 1.76 -15.36
C THR A 479 33.11 2.46 -16.69
N ASN A 480 33.07 3.79 -16.64
CA ASN A 480 32.88 4.64 -17.80
C ASN A 480 34.24 4.68 -18.50
N THR A 481 34.35 3.96 -19.61
CA THR A 481 35.61 3.87 -20.37
C THR A 481 35.65 4.92 -21.50
N GLY A 482 35.46 6.20 -21.12
CA GLY A 482 35.46 7.33 -22.04
C GLY A 482 35.88 8.65 -21.44
N ARG A 483 35.84 9.69 -22.27
CA ARG A 483 36.22 11.08 -21.94
C ARG A 483 35.03 11.90 -21.48
N LEU A 484 33.81 11.34 -21.59
CA LEU A 484 32.59 12.05 -21.21
C LEU A 484 31.78 11.36 -20.13
N ASP A 485 31.12 12.17 -19.27
CA ASP A 485 30.22 11.70 -18.22
C ASP A 485 28.97 11.21 -18.95
N SER A 486 28.61 9.92 -18.80
CA SER A 486 27.47 9.35 -19.51
C SER A 486 26.53 8.52 -18.63
N ASP A 487 25.27 8.35 -19.09
CA ASP A 487 24.23 7.56 -18.42
C ASP A 487 24.26 6.12 -18.96
N TYR A 488 24.15 5.14 -18.06
CA TYR A 488 24.20 3.71 -18.37
C TYR A 488 23.01 2.96 -17.83
N THR A 489 22.67 1.84 -18.46
CA THR A 489 21.54 1.00 -18.09
C THR A 489 22.01 -0.44 -17.84
N LEU A 490 21.86 -0.91 -16.58
CA LEU A 490 22.29 -2.24 -16.16
C LEU A 490 21.08 -3.16 -16.06
N THR A 491 21.10 -4.29 -16.80
CA THR A 491 20.00 -5.25 -16.84
C THR A 491 20.42 -6.68 -16.47
N VAL A 492 19.64 -7.32 -15.58
CA VAL A 492 19.86 -8.72 -15.18
C VAL A 492 18.75 -9.51 -15.86
N SER A 493 19.07 -10.01 -17.06
CA SER A 493 18.13 -10.72 -17.93
C SER A 493 18.64 -12.10 -18.32
N ASN A 494 17.85 -12.86 -19.12
CA ASN A 494 18.13 -14.19 -19.66
C ASN A 494 18.61 -15.14 -18.55
N CYS A 495 17.90 -15.13 -17.42
CA CYS A 495 18.22 -15.94 -16.26
C CYS A 495 17.69 -17.34 -16.37
N SER A 496 18.27 -18.25 -15.58
CA SER A 496 17.87 -19.66 -15.56
C SER A 496 16.54 -19.88 -14.86
N SER A 497 16.00 -21.11 -14.94
CA SER A 497 14.68 -21.51 -14.41
C SER A 497 14.42 -21.05 -12.98
N ASN A 498 13.15 -20.64 -12.76
CA ASN A 498 12.59 -20.15 -11.50
C ASN A 498 13.43 -19.06 -10.81
N VAL A 499 13.81 -18.02 -11.56
CA VAL A 499 14.55 -16.89 -11.01
C VAL A 499 13.64 -15.70 -11.18
N ARG A 500 13.35 -14.98 -10.06
CA ARG A 500 12.45 -13.83 -10.08
C ARG A 500 13.10 -12.66 -10.81
N PRO A 501 12.42 -12.18 -11.87
CA PRO A 501 12.96 -11.06 -12.65
C PRO A 501 13.28 -9.81 -11.84
N ILE A 502 14.42 -9.16 -12.19
CA ILE A 502 14.93 -7.96 -11.51
C ILE A 502 14.80 -6.78 -12.47
N GLU A 503 14.20 -5.66 -12.00
CA GLU A 503 14.02 -4.43 -12.79
C GLU A 503 15.37 -3.79 -13.07
N ALA A 504 15.56 -3.25 -14.31
CA ALA A 504 16.78 -2.57 -14.78
C ALA A 504 17.17 -1.39 -13.89
N ARG A 505 18.44 -0.98 -13.97
CA ARG A 505 18.95 0.15 -13.20
C ARG A 505 19.62 1.20 -14.07
N THR A 506 19.52 2.48 -13.65
CA THR A 506 20.17 3.58 -14.34
C THR A 506 21.37 4.05 -13.52
N LEU A 507 22.48 4.39 -14.19
CA LEU A 507 23.72 4.84 -13.57
C LEU A 507 24.33 6.01 -14.33
N ALA A 508 24.37 7.19 -13.70
CA ALA A 508 25.03 8.34 -14.31
C ALA A 508 26.47 8.24 -13.78
N VAL A 509 27.42 7.96 -14.68
CA VAL A 509 28.84 7.76 -14.33
C VAL A 509 29.73 8.80 -15.01
N ARG A 510 30.62 9.41 -14.21
CA ARG A 510 31.58 10.41 -14.69
C ARG A 510 32.65 9.75 -15.54
N ALA A 511 33.24 10.52 -16.47
CA ALA A 511 34.27 10.07 -17.40
C ALA A 511 35.45 9.41 -16.68
N GLY A 512 35.88 8.27 -17.21
CA GLY A 512 36.99 7.50 -16.66
C GLY A 512 36.73 6.79 -15.35
N SER A 513 35.89 7.40 -14.50
CA SER A 513 35.52 6.91 -13.18
C SER A 513 34.67 5.64 -13.20
N ALA A 514 34.73 4.90 -12.08
CA ALA A 514 33.99 3.68 -11.85
C ALA A 514 32.88 3.94 -10.84
N ALA A 515 31.78 3.18 -10.94
CA ALA A 515 30.62 3.30 -10.07
C ALA A 515 30.07 1.92 -9.71
N SER A 516 29.13 1.89 -8.75
CA SER A 516 28.46 0.67 -8.29
C SER A 516 27.05 0.98 -7.86
N LEU A 517 26.19 -0.05 -7.80
CA LEU A 517 24.81 0.10 -7.35
C LEU A 517 24.90 0.15 -5.83
N ASP A 518 24.69 1.34 -5.21
CA ASP A 518 24.79 1.48 -3.74
C ASP A 518 23.76 0.58 -3.08
N PRO A 519 22.42 0.74 -3.28
CA PRO A 519 21.50 -0.28 -2.76
C PRO A 519 21.58 -1.42 -3.80
N PRO A 520 22.03 -2.65 -3.43
CA PRO A 520 22.18 -3.70 -4.44
C PRO A 520 20.86 -4.23 -4.97
N MET A 521 20.89 -4.91 -6.12
CA MET A 521 19.71 -5.51 -6.72
C MET A 521 19.34 -6.76 -5.93
N GLU A 522 18.09 -6.83 -5.43
CA GLU A 522 17.64 -8.01 -4.68
C GLU A 522 17.40 -9.19 -5.65
N LEU A 523 17.85 -10.39 -5.26
CA LEU A 523 17.72 -11.60 -6.06
C LEU A 523 16.89 -12.66 -5.36
N TYR A 524 15.86 -13.17 -6.07
CA TYR A 524 14.93 -14.17 -5.54
C TYR A 524 14.80 -15.37 -6.46
N VAL A 525 14.51 -16.55 -5.87
CA VAL A 525 14.28 -17.80 -6.59
C VAL A 525 12.84 -18.30 -6.33
N GLU A 526 12.14 -18.73 -7.38
CA GLU A 526 10.74 -19.17 -7.29
C GLU A 526 10.59 -20.69 -7.13
N ASP A 527 11.56 -21.31 -6.42
CA ASP A 527 11.62 -22.74 -6.08
C ASP A 527 12.60 -22.92 -4.93
N GLN A 528 12.28 -23.79 -3.96
CA GLN A 528 13.18 -24.02 -2.82
C GLN A 528 14.15 -25.18 -3.09
N ALA A 529 14.67 -25.21 -4.32
CA ALA A 529 15.57 -26.23 -4.83
C ALA A 529 17.04 -25.99 -4.50
N ALA A 530 17.82 -27.07 -4.34
CA ALA A 530 19.24 -26.97 -4.09
C ALA A 530 19.94 -26.86 -5.45
N ALA A 531 20.84 -25.86 -5.60
CA ALA A 531 21.59 -25.63 -6.84
C ALA A 531 22.94 -24.97 -6.61
N ALA A 532 23.85 -25.11 -7.59
CA ALA A 532 25.17 -24.49 -7.57
C ALA A 532 25.53 -23.89 -8.93
N ALA A 533 24.70 -24.17 -9.95
CA ALA A 533 24.92 -23.69 -11.31
C ALA A 533 23.84 -22.72 -11.83
N ARG A 534 23.25 -21.88 -10.96
CA ARG A 534 22.24 -20.93 -11.41
C ARG A 534 22.90 -19.71 -12.05
N THR A 535 22.38 -19.26 -13.22
CA THR A 535 22.97 -18.17 -13.99
C THR A 535 22.03 -17.05 -14.41
N CYS A 536 22.62 -15.85 -14.64
CA CYS A 536 21.97 -14.62 -15.09
C CYS A 536 22.89 -13.88 -16.03
N THR A 537 22.33 -13.15 -17.02
CA THR A 537 23.13 -12.38 -17.96
C THR A 537 23.08 -10.89 -17.61
N VAL A 538 24.18 -10.36 -17.02
CA VAL A 538 24.31 -8.96 -16.61
C VAL A 538 24.76 -8.09 -17.78
N SER A 539 23.79 -7.43 -18.44
CA SER A 539 24.05 -6.55 -19.57
C SER A 539 24.15 -5.09 -19.14
N LEU A 540 24.93 -4.32 -19.91
CA LEU A 540 25.18 -2.88 -19.70
C LEU A 540 24.95 -2.19 -21.03
N TYR A 541 24.07 -1.20 -21.03
CA TYR A 541 23.72 -0.41 -22.20
C TYR A 541 24.17 1.03 -21.99
N ASP A 542 24.56 1.71 -23.06
CA ASP A 542 24.85 3.13 -22.97
C ASP A 542 24.14 3.85 -24.09
N SER A 543 23.30 4.82 -23.69
CA SER A 543 22.49 5.70 -24.53
C SER A 543 22.08 5.08 -25.91
N VAL A 544 21.40 3.89 -25.82
CA VAL A 544 20.70 2.99 -26.75
C VAL A 544 21.31 1.52 -26.81
N GLY A 545 22.59 1.35 -27.19
CA GLY A 545 23.19 0.04 -27.40
C GLY A 545 24.08 -0.54 -26.33
N ALA A 546 24.05 -1.89 -26.17
CA ALA A 546 24.83 -2.67 -25.21
C ALA A 546 26.35 -2.57 -25.42
N VAL A 547 27.08 -2.10 -24.37
CA VAL A 547 28.52 -1.90 -24.39
C VAL A 547 29.31 -3.12 -23.89
N THR A 548 28.78 -3.86 -22.89
CA THR A 548 29.40 -5.06 -22.31
C THR A 548 28.37 -5.98 -21.63
N ASP A 549 28.74 -7.26 -21.41
CA ASP A 549 27.89 -8.22 -20.74
C ASP A 549 28.73 -9.31 -20.08
N SER A 550 28.31 -9.73 -18.89
CA SER A 550 28.95 -10.79 -18.15
C SER A 550 27.87 -11.81 -17.81
N LEU A 551 28.26 -12.91 -17.16
CA LEU A 551 27.31 -13.95 -16.80
C LEU A 551 27.48 -14.35 -15.34
N THR A 552 26.63 -13.79 -14.43
CA THR A 552 26.68 -14.12 -12.99
C THR A 552 26.32 -15.58 -12.73
N LEU A 553 26.93 -16.16 -11.69
CA LEU A 553 26.67 -17.54 -11.31
C LEU A 553 26.39 -17.58 -9.81
N SER A 554 25.15 -17.91 -9.45
CA SER A 554 24.73 -18.01 -8.05
C SER A 554 24.42 -19.47 -7.67
N PHE A 555 24.70 -19.83 -6.40
CA PHE A 555 24.36 -21.13 -5.83
C PHE A 555 23.18 -20.87 -4.91
N TYR A 556 22.31 -21.86 -4.70
CA TYR A 556 21.22 -21.64 -3.77
C TYR A 556 20.89 -22.89 -3.01
N THR A 557 21.50 -23.02 -1.82
CA THR A 557 21.28 -24.16 -0.93
C THR A 557 19.82 -24.11 -0.47
N ASN A 558 19.05 -25.15 -0.80
CA ASN A 558 17.62 -25.37 -0.55
C ASN A 558 17.12 -24.89 0.82
N ALA A 559 15.83 -24.44 0.87
CA ALA A 559 15.18 -23.92 2.08
C ALA A 559 15.15 -24.93 3.22
N THR A 560 15.61 -24.52 4.41
CA THR A 560 15.58 -25.39 5.57
C THR A 560 14.30 -25.12 6.38
N GLN A 561 13.47 -26.19 6.52
CA GLN A 561 12.16 -26.29 7.15
C GLN A 561 11.06 -25.88 6.16
N VAL B 4 -0.37 21.23 -21.04
CA VAL B 4 -0.23 20.68 -22.40
C VAL B 4 1.14 20.02 -22.60
N ILE B 5 1.14 18.73 -22.98
CA ILE B 5 2.33 17.91 -23.22
C ILE B 5 2.97 18.33 -24.56
N ALA B 6 2.38 17.90 -25.70
CA ALA B 6 2.86 18.22 -27.04
C ALA B 6 1.79 18.08 -28.11
N SER B 7 1.76 19.07 -29.02
CA SER B 7 0.86 19.12 -30.18
C SER B 7 1.61 18.58 -31.42
N GLY B 8 0.85 18.29 -32.47
CA GLY B 8 1.39 17.78 -33.72
C GLY B 8 0.33 17.36 -34.72
N ARG B 9 0.76 17.05 -35.95
CA ARG B 9 -0.13 16.61 -37.03
C ARG B 9 0.24 15.21 -37.47
N LEU B 10 -0.76 14.35 -37.64
CA LEU B 10 -0.57 12.96 -38.03
C LEU B 10 -1.72 12.47 -38.90
N GLU B 11 -1.43 11.62 -39.89
CA GLU B 11 -2.48 11.04 -40.72
C GLU B 11 -2.98 9.79 -40.00
N LYS B 12 -4.23 9.84 -39.55
CA LYS B 12 -4.87 8.75 -38.83
C LYS B 12 -5.74 7.99 -39.82
N CYS B 13 -5.32 6.75 -40.15
CA CYS B 13 -6.01 5.85 -41.09
C CYS B 13 -6.81 4.80 -40.35
N VAL B 14 -8.04 4.55 -40.82
CA VAL B 14 -8.98 3.60 -40.21
C VAL B 14 -9.40 2.54 -41.22
N VAL B 15 -8.90 1.31 -41.04
CA VAL B 15 -9.25 0.18 -41.91
C VAL B 15 -10.53 -0.42 -41.33
N ASP B 16 -11.67 -0.15 -41.98
CA ASP B 16 -12.98 -0.63 -41.51
C ASP B 16 -13.07 -2.15 -41.46
N GLY B 17 -13.58 -2.66 -40.35
CA GLY B 17 -13.71 -4.10 -40.07
C GLY B 17 -14.63 -4.90 -40.96
N VAL B 18 -15.63 -4.27 -41.59
CA VAL B 18 -16.56 -5.00 -42.46
C VAL B 18 -16.34 -4.64 -43.93
N THR B 19 -16.20 -3.33 -44.25
CA THR B 19 -16.01 -2.82 -45.62
C THR B 19 -14.57 -3.02 -46.14
N GLU B 20 -13.58 -3.20 -45.23
CA GLU B 20 -12.15 -3.38 -45.54
C GLU B 20 -11.48 -2.13 -46.16
N GLU B 21 -12.26 -1.05 -46.37
CA GLU B 21 -11.76 0.18 -46.98
C GLU B 21 -11.08 1.06 -45.94
N LEU B 22 -9.87 1.58 -46.26
CA LEU B 22 -9.13 2.45 -45.35
C LEU B 22 -9.43 3.93 -45.61
N ASP B 23 -9.73 4.66 -44.54
CA ASP B 23 -10.08 6.08 -44.59
C ASP B 23 -9.03 6.90 -43.85
N CYS B 24 -8.22 7.64 -44.60
CA CYS B 24 -7.16 8.45 -44.03
C CYS B 24 -7.55 9.92 -43.93
N GLN B 25 -7.36 10.51 -42.75
CA GLN B 25 -7.64 11.91 -42.49
C GLN B 25 -6.54 12.49 -41.62
N GLU B 26 -5.94 13.63 -42.04
CA GLU B 26 -4.89 14.28 -41.27
C GLU B 26 -5.52 15.05 -40.12
N LYS B 27 -5.16 14.66 -38.87
CA LYS B 27 -5.70 15.22 -37.64
C LYS B 27 -4.63 15.87 -36.77
N VAL B 28 -5.07 16.75 -35.84
CA VAL B 28 -4.22 17.44 -34.85
C VAL B 28 -4.36 16.69 -33.52
N VAL B 29 -3.29 15.99 -33.13
CA VAL B 29 -3.22 15.16 -31.93
C VAL B 29 -2.50 15.91 -30.81
N VAL B 30 -3.28 16.35 -29.80
CA VAL B 30 -2.76 17.11 -28.66
C VAL B 30 -2.94 16.34 -27.35
N THR B 31 -1.81 16.01 -26.68
CA THR B 31 -1.83 15.37 -25.37
C THR B 31 -1.66 16.50 -24.37
N LEU B 32 -2.39 16.46 -23.24
CA LEU B 32 -2.35 17.51 -22.23
C LEU B 32 -2.74 17.04 -20.83
N THR B 33 -2.09 17.60 -19.79
CA THR B 33 -2.45 17.28 -18.42
C THR B 33 -3.72 18.02 -17.99
N VAL B 34 -4.39 17.46 -16.96
CA VAL B 34 -5.57 18.02 -16.29
C VAL B 34 -5.29 17.77 -14.80
N GLY B 35 -5.07 18.87 -14.06
CA GLY B 35 -4.75 18.82 -12.63
C GLY B 35 -5.89 18.39 -11.72
N ASN B 36 -5.56 18.02 -10.47
CA ASN B 36 -6.52 17.59 -9.45
C ASN B 36 -7.50 18.73 -9.12
N GLY B 37 -6.98 19.93 -8.92
CA GLY B 37 -7.77 21.11 -8.60
C GLY B 37 -8.00 22.06 -9.76
N GLN B 38 -8.23 21.51 -10.96
CA GLN B 38 -8.49 22.30 -12.18
C GLN B 38 -9.99 22.26 -12.45
N SER B 39 -10.80 22.62 -11.44
CA SER B 39 -12.26 22.60 -11.48
C SER B 39 -12.93 23.80 -12.20
N LEU B 40 -12.13 24.75 -12.77
CA LEU B 40 -12.67 25.92 -13.47
C LEU B 40 -12.15 26.12 -14.89
N GLN B 41 -12.95 26.86 -15.70
CA GLN B 41 -12.63 27.21 -17.08
C GLN B 41 -11.59 28.35 -17.09
N THR B 42 -10.30 28.01 -16.96
CA THR B 42 -9.19 28.95 -16.93
C THR B 42 -8.53 29.05 -18.31
N GLU B 43 -8.08 27.91 -18.83
CA GLU B 43 -7.43 27.84 -20.13
C GLU B 43 -8.31 27.12 -21.16
N ALA B 44 -8.05 27.39 -22.45
CA ALA B 44 -8.76 26.80 -23.58
C ALA B 44 -7.84 26.63 -24.78
N LEU B 45 -8.26 25.78 -25.71
CA LEU B 45 -7.54 25.50 -26.94
C LEU B 45 -8.34 25.95 -28.13
N GLU B 46 -7.70 26.68 -29.05
CA GLU B 46 -8.34 27.15 -30.27
C GLU B 46 -7.80 26.40 -31.48
N PHE B 47 -8.71 25.67 -32.18
CA PHE B 47 -8.38 24.89 -33.37
C PHE B 47 -8.93 25.55 -34.63
N SER B 48 -8.06 25.74 -35.63
CA SER B 48 -8.44 26.33 -36.91
C SER B 48 -8.89 25.24 -37.89
N LEU B 49 -10.15 25.34 -38.33
CA LEU B 49 -10.78 24.39 -39.26
C LEU B 49 -11.16 25.06 -40.57
N ALA B 77 -13.04 30.44 -38.61
CA ALA B 77 -13.77 30.24 -37.35
C ALA B 77 -13.00 29.29 -36.38
N PRO B 78 -12.69 29.76 -35.14
CA PRO B 78 -11.94 28.89 -34.21
C PRO B 78 -12.79 27.99 -33.33
N LEU B 79 -12.32 26.75 -33.10
CA LEU B 79 -12.99 25.76 -32.25
C LEU B 79 -12.42 25.86 -30.84
N ARG B 80 -13.20 26.40 -29.90
CA ARG B 80 -12.77 26.55 -28.52
C ARG B 80 -13.04 25.30 -27.70
N VAL B 81 -11.97 24.68 -27.17
CA VAL B 81 -12.02 23.45 -26.38
C VAL B 81 -11.38 23.69 -25.01
N SER B 82 -12.11 23.44 -23.93
CA SER B 82 -11.59 23.62 -22.57
C SER B 82 -11.89 22.46 -21.63
N LEU B 83 -10.87 22.04 -20.87
CA LEU B 83 -10.94 20.90 -19.95
C LEU B 83 -10.95 21.31 -18.49
N THR B 84 -11.76 20.59 -17.69
CA THR B 84 -11.89 20.73 -16.24
C THR B 84 -11.97 19.36 -15.60
N LYS B 85 -11.36 19.19 -14.42
CA LYS B 85 -11.42 17.94 -13.67
C LYS B 85 -12.14 18.14 -12.33
N SER B 86 -13.13 17.28 -12.06
CA SER B 86 -13.92 17.29 -10.82
C SER B 86 -12.99 17.08 -9.58
N PRO B 87 -13.44 17.34 -8.32
CA PRO B 87 -12.56 17.09 -7.18
C PRO B 87 -12.24 15.59 -7.08
N LEU B 88 -10.96 15.24 -6.92
CA LEU B 88 -10.57 13.83 -6.87
C LEU B 88 -10.82 13.20 -5.51
N TRP B 89 -11.29 11.94 -5.53
CA TRP B 89 -11.60 11.15 -4.36
C TRP B 89 -11.04 9.74 -4.46
N ALA B 90 -10.57 9.18 -3.34
CA ALA B 90 -10.07 7.82 -3.29
C ALA B 90 -11.10 6.97 -2.52
N SER B 91 -11.99 6.28 -3.26
CA SER B 91 -13.04 5.47 -2.65
C SER B 91 -12.60 4.04 -2.41
N TYR B 92 -12.93 3.52 -1.21
CA TYR B 92 -12.59 2.18 -0.72
C TYR B 92 -13.85 1.33 -0.62
N PRO B 93 -13.91 0.16 -1.28
CA PRO B 93 -15.13 -0.66 -1.22
C PRO B 93 -15.33 -1.34 0.11
N LEU B 94 -16.57 -1.30 0.62
CA LEU B 94 -16.94 -1.92 1.88
C LEU B 94 -17.43 -3.38 1.71
N GLN B 95 -17.11 -4.23 2.68
CA GLN B 95 -17.54 -5.63 2.74
C GLN B 95 -17.79 -5.93 4.20
N TYR B 96 -19.08 -6.10 4.57
CA TYR B 96 -19.49 -6.35 5.95
C TYR B 96 -18.86 -7.62 6.50
N LEU B 97 -18.33 -7.53 7.73
CA LEU B 97 -17.72 -8.66 8.41
C LEU B 97 -18.62 -9.15 9.53
N SER B 98 -18.75 -8.32 10.58
CA SER B 98 -19.55 -8.63 11.77
C SER B 98 -19.96 -7.31 12.42
N SER B 99 -20.87 -7.40 13.40
CA SER B 99 -21.31 -6.25 14.19
C SER B 99 -20.49 -6.23 15.50
N PHE B 100 -20.23 -5.04 16.01
CA PHE B 100 -19.44 -4.86 17.22
C PHE B 100 -20.15 -3.89 18.16
N ASN B 101 -20.19 -4.23 19.46
CA ASN B 101 -20.87 -3.40 20.47
C ASN B 101 -20.07 -2.15 20.83
N TRP B 102 -20.78 -1.09 21.25
CA TRP B 102 -20.18 0.19 21.65
C TRP B 102 -19.36 0.09 22.95
N LYS B 103 -19.92 -0.56 23.98
CA LYS B 103 -19.27 -0.75 25.28
C LYS B 103 -19.91 -1.89 26.11
N PRO B 104 -19.44 -3.15 25.91
CA PRO B 104 -19.92 -4.26 26.74
C PRO B 104 -19.51 -4.02 28.20
N LEU B 105 -20.48 -4.18 29.10
CA LEU B 105 -20.35 -3.96 30.53
C LEU B 105 -20.45 -5.24 31.35
N GLU B 106 -19.64 -5.29 32.43
CA GLU B 106 -19.70 -6.36 33.41
C GLU B 106 -20.73 -5.91 34.44
N VAL B 107 -21.62 -6.83 34.80
CA VAL B 107 -22.67 -6.63 35.78
C VAL B 107 -22.44 -7.66 36.88
N ILE B 108 -22.29 -7.21 38.12
CA ILE B 108 -22.03 -8.12 39.23
C ILE B 108 -23.30 -8.31 40.05
N LEU B 109 -23.71 -9.57 40.21
CA LEU B 109 -24.90 -9.98 40.94
C LEU B 109 -24.52 -10.72 42.21
N ARG B 110 -25.12 -10.34 43.34
CA ARG B 110 -24.87 -11.03 44.59
C ARG B 110 -26.17 -11.78 44.96
N PRO B 111 -26.15 -13.14 44.87
CA PRO B 111 -27.39 -13.90 45.04
C PRO B 111 -28.17 -13.80 46.36
N SER B 112 -27.54 -13.35 47.48
CA SER B 112 -28.13 -13.27 48.85
C SER B 112 -28.42 -14.67 49.47
N ASN B 113 -28.89 -15.63 48.64
CA ASN B 113 -29.13 -17.02 49.03
C ASN B 113 -27.78 -17.78 49.05
N LYS B 114 -26.67 -17.04 48.76
CA LYS B 114 -25.26 -17.45 48.76
C LYS B 114 -24.96 -18.63 47.80
N VAL B 115 -25.82 -18.85 46.78
CA VAL B 115 -25.62 -19.93 45.82
C VAL B 115 -25.41 -19.37 44.41
N CYS B 116 -24.20 -19.51 43.89
CA CYS B 116 -23.87 -19.06 42.55
C CYS B 116 -23.79 -20.24 41.62
N LYS B 117 -24.75 -20.32 40.69
CA LYS B 117 -24.80 -21.40 39.73
C LYS B 117 -24.50 -20.80 38.37
N ASP B 118 -23.27 -20.98 37.88
CA ASP B 118 -22.81 -20.52 36.56
C ASP B 118 -21.70 -21.43 36.03
N GLY B 119 -22.10 -22.39 35.21
CA GLY B 119 -21.24 -23.37 34.57
C GLY B 119 -21.86 -23.97 33.32
N ASP B 120 -21.04 -24.59 32.46
CA ASP B 120 -21.49 -25.23 31.21
C ASP B 120 -22.33 -26.46 31.57
N TRP B 121 -23.49 -26.60 30.89
CA TRP B 121 -24.54 -27.63 31.04
C TRP B 121 -25.66 -27.21 32.00
N GLU B 122 -25.34 -26.32 32.97
CA GLU B 122 -26.28 -25.79 33.97
C GLU B 122 -27.36 -24.98 33.24
N ASP B 123 -28.62 -25.42 33.36
CA ASP B 123 -29.77 -24.83 32.66
C ASP B 123 -30.31 -23.55 33.29
N SER B 124 -30.21 -23.39 34.64
CA SER B 124 -30.62 -22.12 35.23
C SER B 124 -29.46 -21.41 35.93
N PRO B 125 -28.60 -20.69 35.16
CA PRO B 125 -27.48 -19.97 35.80
C PRO B 125 -27.93 -18.66 36.41
N THR B 126 -27.09 -18.07 37.27
CA THR B 126 -27.35 -16.81 37.94
C THR B 126 -27.48 -15.67 36.91
N CYS B 127 -26.54 -15.59 35.96
CA CYS B 127 -26.54 -14.58 34.90
C CYS B 127 -27.64 -14.82 33.87
N GLY B 128 -27.91 -16.09 33.58
CA GLY B 128 -28.88 -16.48 32.57
C GLY B 128 -28.22 -16.49 31.21
N TRP B 129 -28.64 -17.44 30.36
CA TRP B 129 -28.09 -17.57 29.00
C TRP B 129 -28.57 -16.45 28.08
N PHE B 130 -27.69 -16.05 27.15
CA PHE B 130 -28.00 -15.04 26.16
C PHE B 130 -28.48 -15.77 24.91
N SER B 131 -29.59 -15.30 24.30
CA SER B 131 -30.16 -15.90 23.11
C SER B 131 -30.25 -14.90 21.97
N VAL B 135 -30.19 -18.96 19.60
CA VAL B 135 -30.54 -19.60 20.87
C VAL B 135 -29.40 -19.51 21.90
N ARG B 136 -29.30 -20.49 22.88
CA ARG B 136 -28.30 -20.45 23.96
C ARG B 136 -26.85 -20.26 23.47
N VAL B 137 -26.35 -19.00 23.57
CA VAL B 137 -24.99 -18.60 23.18
C VAL B 137 -23.99 -19.18 24.16
N ALA B 138 -22.94 -19.85 23.64
CA ALA B 138 -21.89 -20.50 24.42
C ALA B 138 -21.11 -19.52 25.31
N ASP B 139 -20.92 -19.94 26.57
CA ASP B 139 -20.23 -19.24 27.65
C ASP B 139 -20.89 -17.91 28.04
N SER B 140 -22.19 -17.72 27.67
CA SER B 140 -22.93 -16.51 28.02
C SER B 140 -23.38 -16.48 29.49
N GLN B 141 -23.24 -17.62 30.20
CA GLN B 141 -23.63 -17.77 31.60
C GLN B 141 -22.74 -16.95 32.58
N GLY B 142 -21.66 -16.36 32.09
CA GLY B 142 -20.74 -15.57 32.90
C GLY B 142 -19.93 -16.43 33.85
N PHE B 143 -19.57 -15.90 35.02
CA PHE B 143 -18.79 -16.68 35.99
C PHE B 143 -19.07 -16.32 37.44
N CYS B 144 -18.69 -17.23 38.37
CA CYS B 144 -18.86 -17.07 39.82
C CYS B 144 -17.55 -16.75 40.53
N CYS B 145 -17.63 -15.98 41.63
CA CYS B 145 -16.48 -15.63 42.47
C CYS B 145 -16.85 -15.68 43.94
N GLU B 146 -16.05 -16.41 44.73
CA GLU B 146 -16.21 -16.61 46.18
C GLU B 146 -15.36 -15.59 46.99
N CYS B 147 -14.83 -15.99 48.17
CA CYS B 147 -13.99 -15.15 49.02
C CYS B 147 -12.68 -15.85 49.40
N THR B 164 -10.93 -5.44 43.73
CA THR B 164 -11.11 -6.56 42.79
C THR B 164 -12.38 -7.35 43.08
N ARG B 165 -12.91 -8.03 42.04
CA ARG B 165 -14.13 -8.85 42.03
C ARG B 165 -14.43 -9.59 43.34
N ALA B 166 -13.58 -10.58 43.69
CA ALA B 166 -13.69 -11.43 44.88
C ALA B 166 -13.47 -10.69 46.20
N ASN B 167 -12.52 -9.72 46.21
CA ASN B 167 -12.21 -8.88 47.36
C ASN B 167 -13.42 -8.05 47.81
N LEU B 168 -14.27 -7.64 46.85
CA LEU B 168 -15.49 -6.86 47.08
C LEU B 168 -16.55 -7.66 47.78
N ASP B 169 -16.68 -8.97 47.44
CA ASP B 169 -17.65 -9.93 48.01
C ASP B 169 -17.47 -10.10 49.52
N CYS B 170 -16.23 -9.95 50.01
CA CYS B 170 -15.89 -10.07 51.43
C CYS B 170 -16.40 -8.80 52.15
N ASP B 171 -17.60 -8.92 52.74
CA ASP B 171 -18.30 -7.83 53.44
C ASP B 171 -18.42 -8.18 54.92
N PRO B 185 -19.84 -15.99 50.93
CA PRO B 185 -20.34 -14.79 50.23
C PRO B 185 -19.86 -14.72 48.77
N VAL B 186 -20.61 -15.41 47.89
CA VAL B 186 -20.35 -15.59 46.45
C VAL B 186 -21.09 -14.55 45.57
N SER B 187 -20.58 -14.33 44.33
CA SER B 187 -21.11 -13.37 43.35
C SER B 187 -21.04 -13.91 41.91
N ALA B 188 -21.90 -13.35 41.02
CA ALA B 188 -22.02 -13.69 39.59
C ALA B 188 -21.67 -12.50 38.71
N HIS B 189 -20.76 -12.71 37.75
CA HIS B 189 -20.26 -11.67 36.86
C HIS B 189 -20.79 -11.91 35.47
N CYS B 190 -21.68 -11.01 35.03
CA CYS B 190 -22.41 -11.14 33.79
C CYS B 190 -22.07 -10.09 32.76
N LEU B 191 -21.92 -10.52 31.52
CA LEU B 191 -21.63 -9.64 30.40
C LEU B 191 -22.94 -9.11 29.80
N THR B 192 -23.02 -7.78 29.70
CA THR B 192 -24.17 -7.04 29.16
C THR B 192 -23.69 -6.12 28.06
N PHE B 193 -24.52 -5.83 27.07
CA PHE B 193 -24.10 -4.97 25.98
C PHE B 193 -24.73 -3.61 25.96
N ASP B 194 -23.99 -2.61 25.49
CA ASP B 194 -24.49 -1.24 25.33
C ASP B 194 -25.61 -1.28 24.28
N PRO B 195 -26.71 -0.48 24.38
CA PRO B 195 -27.74 -0.54 23.33
C PRO B 195 -27.17 -0.23 21.94
N GLN B 196 -26.14 0.63 21.88
CA GLN B 196 -25.48 1.01 20.63
C GLN B 196 -24.55 -0.07 20.10
N TRP B 197 -24.69 -0.35 18.80
CA TRP B 197 -23.91 -1.31 18.05
C TRP B 197 -23.39 -0.65 16.77
N TYR B 198 -22.24 -1.11 16.32
CA TYR B 198 -21.57 -0.62 15.12
C TYR B 198 -21.32 -1.78 14.15
N SER B 199 -21.57 -1.55 12.86
CA SER B 199 -21.34 -2.57 11.85
C SER B 199 -19.92 -2.45 11.31
N GLY B 200 -19.21 -3.58 11.31
CA GLY B 200 -17.81 -3.64 10.89
C GLY B 200 -17.67 -3.97 9.42
N TYR B 201 -17.01 -3.08 8.65
CA TYR B 201 -16.83 -3.28 7.22
C TYR B 201 -15.36 -3.25 6.86
N GLU B 202 -14.89 -4.32 6.21
CA GLU B 202 -13.49 -4.41 5.78
C GLU B 202 -13.33 -3.56 4.52
N LEU B 203 -12.45 -2.55 4.56
CA LEU B 203 -12.20 -1.71 3.39
C LEU B 203 -11.36 -2.46 2.37
N GLY B 204 -11.68 -2.25 1.10
CA GLY B 204 -10.97 -2.88 -0.01
C GLY B 204 -9.91 -1.97 -0.58
N ALA B 205 -9.58 -2.17 -1.86
CA ALA B 205 -8.56 -1.35 -2.52
C ALA B 205 -9.13 -0.06 -3.11
N ALA B 206 -8.43 1.06 -2.83
CA ALA B 206 -8.80 2.38 -3.30
C ALA B 206 -8.89 2.45 -4.80
N SER B 207 -9.87 3.20 -5.28
CA SER B 207 -10.05 3.43 -6.71
C SER B 207 -10.33 4.90 -6.81
N LEU B 208 -9.54 5.59 -7.65
CA LEU B 208 -9.69 7.02 -7.82
C LEU B 208 -10.93 7.30 -8.60
N GLN B 209 -11.76 8.16 -8.05
CA GLN B 209 -13.04 8.54 -8.62
C GLN B 209 -13.06 10.03 -8.89
N PHE B 210 -13.29 10.39 -10.15
CA PHE B 210 -13.38 11.76 -10.67
C PHE B 210 -14.17 11.75 -11.99
N GLU B 211 -14.12 12.87 -12.74
CA GLU B 211 -14.77 13.06 -14.03
C GLU B 211 -14.11 14.26 -14.71
N ILE B 212 -13.74 14.09 -15.98
CA ILE B 212 -13.16 15.18 -16.76
C ILE B 212 -14.25 15.71 -17.69
N ALA B 213 -14.44 17.02 -17.69
CA ALA B 213 -15.45 17.65 -18.53
C ALA B 213 -14.74 18.45 -19.63
N ILE B 214 -15.01 18.08 -20.89
CA ILE B 214 -14.42 18.77 -22.05
C ILE B 214 -15.53 19.59 -22.72
N THR B 215 -15.41 20.92 -22.76
CA THR B 215 -16.46 21.73 -23.37
C THR B 215 -16.06 22.22 -24.74
N VAL B 216 -16.56 21.54 -25.76
CA VAL B 216 -16.28 21.86 -27.15
C VAL B 216 -17.28 22.91 -27.61
N GLU B 217 -16.78 23.99 -28.22
CA GLU B 217 -17.58 25.10 -28.73
C GLU B 217 -17.02 25.55 -30.07
N VAL B 218 -17.89 25.99 -31.00
CA VAL B 218 -17.44 26.50 -32.32
C VAL B 218 -17.50 28.03 -32.32
N ARG B 263 -22.64 29.95 -29.50
CA ARG B 263 -23.76 29.63 -28.62
C ARG B 263 -23.86 28.13 -28.32
N GLU B 264 -23.41 27.28 -29.28
CA GLU B 264 -23.42 25.82 -29.18
C GLU B 264 -22.20 25.28 -28.41
N VAL B 265 -22.44 24.83 -27.17
CA VAL B 265 -21.40 24.24 -26.32
C VAL B 265 -21.77 22.77 -26.07
N LEU B 266 -20.76 21.87 -26.14
CA LEU B 266 -20.92 20.44 -25.98
C LEU B 266 -19.97 19.86 -24.91
N HIS B 267 -20.52 19.26 -23.82
CA HIS B 267 -19.71 18.62 -22.78
C HIS B 267 -19.27 17.26 -23.29
N LEU B 268 -18.16 16.74 -22.78
CA LEU B 268 -17.65 15.40 -23.07
C LEU B 268 -17.12 14.91 -21.75
N GLY B 269 -17.64 13.78 -21.27
CA GLY B 269 -17.26 13.30 -19.96
C GLY B 269 -16.33 12.10 -19.83
N PRO B 270 -15.01 12.14 -20.22
CA PRO B 270 -14.16 10.99 -19.94
C PRO B 270 -13.89 10.92 -18.44
N SER B 271 -13.84 9.69 -17.93
CA SER B 271 -13.65 9.41 -16.52
C SER B 271 -13.04 8.02 -16.45
N VAL B 272 -12.77 7.53 -15.24
CA VAL B 272 -12.25 6.19 -14.95
C VAL B 272 -13.17 5.08 -15.57
N PRO B 273 -14.54 5.09 -15.40
CA PRO B 273 -15.35 4.04 -16.04
C PRO B 273 -15.61 4.28 -17.53
N LEU B 274 -15.34 5.51 -18.03
CA LEU B 274 -15.51 5.88 -19.45
C LEU B 274 -14.24 6.53 -19.98
N ALA B 275 -13.17 5.72 -20.15
CA ALA B 275 -11.85 6.16 -20.58
C ALA B 275 -11.81 6.97 -21.93
N SER B 276 -12.81 6.76 -22.81
CA SER B 276 -12.89 7.39 -24.13
C SER B 276 -14.19 8.17 -24.37
N SER B 277 -14.10 9.24 -25.17
CA SER B 277 -15.22 10.11 -25.56
C SER B 277 -15.04 10.70 -26.96
N ALA B 278 -16.15 10.98 -27.67
CA ALA B 278 -16.11 11.51 -29.04
C ALA B 278 -17.29 12.42 -29.40
N SER B 279 -17.10 13.31 -30.40
CA SER B 279 -18.08 14.25 -30.94
C SER B 279 -17.74 14.67 -32.40
N ARG B 280 -17.79 13.68 -33.36
CA ARG B 280 -17.50 13.70 -34.82
C ARG B 280 -16.11 14.34 -35.17
N LEU B 281 -15.95 15.67 -34.99
CA LEU B 281 -14.72 16.44 -35.27
C LEU B 281 -13.64 16.19 -34.22
N LEU B 282 -14.05 15.99 -32.96
CA LEU B 282 -13.15 15.79 -31.83
C LEU B 282 -13.45 14.51 -31.06
N SER B 283 -12.42 13.69 -30.89
CA SER B 283 -12.48 12.45 -30.12
C SER B 283 -11.31 12.47 -29.13
N ALA B 284 -11.62 12.46 -27.83
CA ALA B 284 -10.62 12.48 -26.78
C ALA B 284 -10.53 11.18 -25.98
N LYS B 285 -9.33 10.84 -25.51
CA LYS B 285 -9.11 9.64 -24.71
C LYS B 285 -8.30 9.97 -23.47
N LEU B 286 -8.79 9.52 -22.31
CA LEU B 286 -8.10 9.66 -21.04
C LEU B 286 -7.16 8.45 -20.97
N LEU B 287 -5.85 8.70 -21.03
CA LEU B 287 -4.87 7.61 -20.96
C LEU B 287 -4.74 7.11 -19.52
N GLY B 288 -4.75 8.04 -18.59
CA GLY B 288 -4.64 7.80 -17.16
C GLY B 288 -3.86 8.91 -16.52
N ASP B 289 -3.78 8.94 -15.20
CA ASP B 289 -2.99 9.99 -14.61
C ASP B 289 -1.67 9.48 -14.06
N LEU B 290 -0.73 10.41 -13.86
CA LEU B 290 0.60 10.15 -13.32
C LEU B 290 0.50 9.78 -11.82
N ALA B 291 1.59 9.22 -11.27
CA ALA B 291 1.65 8.82 -9.86
C ALA B 291 1.64 10.02 -8.91
N MET B 292 0.91 9.89 -7.77
CA MET B 292 0.81 10.89 -6.71
C MET B 292 2.13 10.92 -5.95
N TYR B 293 2.63 12.15 -5.64
CA TYR B 293 3.89 12.30 -4.91
C TYR B 293 3.77 11.87 -3.47
N THR B 294 2.59 12.11 -2.86
CA THR B 294 2.27 11.67 -1.51
C THR B 294 1.29 10.51 -1.69
N GLN B 295 1.72 9.29 -1.35
CA GLN B 295 0.87 8.10 -1.49
C GLN B 295 -0.33 8.17 -0.54
N LEU B 296 -1.40 7.41 -0.85
CA LEU B 296 -2.63 7.35 -0.05
C LEU B 296 -2.37 6.69 1.30
N PRO B 297 -3.17 6.97 2.37
CA PRO B 297 -2.92 6.32 3.66
C PRO B 297 -3.21 4.82 3.56
N ALA B 298 -2.38 4.01 4.26
CA ALA B 298 -2.52 2.55 4.24
C ALA B 298 -3.73 2.11 5.08
N ILE B 299 -4.94 2.25 4.48
CA ILE B 299 -6.22 1.89 5.13
C ILE B 299 -6.96 0.78 4.38
N SER B 300 -6.37 0.30 3.28
CA SER B 300 -6.91 -0.71 2.39
C SER B 300 -7.19 -2.08 3.07
N ASN B 301 -7.00 -2.21 4.39
CA ASN B 301 -7.30 -3.48 5.08
C ASN B 301 -7.95 -3.32 6.44
N GLN B 302 -7.97 -2.08 6.95
CA GLN B 302 -8.55 -1.72 8.25
C GLN B 302 -10.08 -1.93 8.24
N VAL B 303 -10.70 -1.99 9.42
CA VAL B 303 -12.13 -2.21 9.56
C VAL B 303 -12.85 -0.92 9.97
N LEU B 304 -13.77 -0.48 9.10
CA LEU B 304 -14.61 0.71 9.25
C LEU B 304 -15.81 0.39 10.12
N MET B 305 -15.99 1.18 11.17
CA MET B 305 -17.05 1.05 12.17
C MET B 305 -18.09 2.12 11.95
N VAL B 306 -19.23 1.73 11.36
CA VAL B 306 -20.37 2.61 11.08
C VAL B 306 -21.43 2.29 12.15
N PRO B 307 -21.97 3.27 12.91
CA PRO B 307 -22.98 2.90 13.93
C PRO B 307 -24.28 2.42 13.28
N GLN B 308 -24.71 1.19 13.63
CA GLN B 308 -25.92 0.53 13.12
C GLN B 308 -27.16 1.34 13.54
N PRO B 309 -28.06 1.73 12.60
CA PRO B 309 -29.21 2.55 13.00
C PRO B 309 -30.40 1.77 13.56
N PRO B 310 -31.11 2.23 14.64
CA PRO B 310 -30.89 3.47 15.42
C PRO B 310 -29.62 3.48 16.28
N ALA B 325 -25.52 14.46 16.24
CA ALA B 325 -24.72 13.63 15.33
C ALA B 325 -24.79 14.03 13.84
N THR B 326 -23.71 13.76 13.07
CA THR B 326 -23.57 14.07 11.63
C THR B 326 -23.18 12.81 10.81
N ASN B 327 -23.61 12.76 9.51
CA ASN B 327 -23.34 11.66 8.55
C ASN B 327 -21.82 11.46 8.40
N ARG B 328 -21.29 10.34 8.95
CA ARG B 328 -19.88 9.91 8.97
C ARG B 328 -19.04 10.47 10.15
N SER B 329 -19.64 11.27 11.03
CA SER B 329 -18.90 11.85 12.16
C SER B 329 -18.58 10.81 13.25
N ALA B 330 -19.53 9.92 13.52
CA ALA B 330 -19.42 8.87 14.54
C ALA B 330 -18.53 7.71 14.09
N TRP B 331 -18.27 7.64 12.76
CA TRP B 331 -17.48 6.59 12.11
C TRP B 331 -16.04 6.52 12.61
N MET B 332 -15.53 5.27 12.78
CA MET B 332 -14.18 4.97 13.22
C MET B 332 -13.56 3.95 12.28
N LEU B 333 -12.23 4.04 12.07
CA LEU B 333 -11.47 3.13 11.22
C LEU B 333 -10.41 2.46 12.08
N LEU B 334 -10.58 1.16 12.30
CA LEU B 334 -9.75 0.38 13.23
C LEU B 334 -8.85 -0.64 12.57
N ASP B 335 -7.59 -0.75 13.05
CA ASP B 335 -6.62 -1.74 12.58
C ASP B 335 -7.11 -3.12 13.03
N LYS B 336 -6.83 -4.17 12.24
CA LYS B 336 -7.25 -5.53 12.58
C LYS B 336 -6.66 -6.04 13.92
N THR B 337 -5.53 -5.44 14.38
CA THR B 337 -4.87 -5.77 15.64
C THR B 337 -5.73 -5.42 16.85
N MET B 338 -6.69 -4.51 16.69
CA MET B 338 -7.53 -4.10 17.80
C MET B 338 -8.91 -4.76 17.82
N LEU B 339 -9.04 -5.86 17.08
CA LEU B 339 -10.29 -6.60 16.98
C LEU B 339 -10.10 -8.07 17.26
N SER B 340 -10.88 -8.61 18.19
CA SER B 340 -10.88 -10.04 18.43
C SER B 340 -12.05 -10.49 17.55
N MET B 341 -11.75 -10.99 16.33
CA MET B 341 -12.78 -11.41 15.36
C MET B 341 -13.51 -12.66 15.81
N ASP B 342 -12.78 -13.62 16.43
CA ASP B 342 -13.35 -14.85 16.98
C ASP B 342 -13.98 -14.62 18.37
N GLY B 343 -13.77 -13.44 18.95
CA GLY B 343 -14.29 -13.03 20.25
C GLY B 343 -13.71 -13.82 21.40
N LEU B 344 -12.47 -14.32 21.21
CA LEU B 344 -11.77 -15.16 22.19
C LEU B 344 -10.67 -14.45 22.98
N ALA B 345 -10.11 -13.35 22.44
CA ALA B 345 -9.08 -12.56 23.10
C ALA B 345 -9.73 -11.58 24.08
N CYS B 346 -8.94 -11.01 25.01
CA CYS B 346 -9.41 -10.04 26.02
C CYS B 346 -9.01 -8.62 25.58
N ASP B 347 -9.75 -7.60 26.06
CA ASP B 347 -9.50 -6.17 25.88
C ASP B 347 -9.31 -5.72 24.39
N LYS B 348 -10.19 -6.22 23.51
CA LYS B 348 -10.20 -5.93 22.06
C LYS B 348 -11.62 -5.67 21.59
N VAL B 349 -11.78 -4.97 20.44
CA VAL B 349 -13.10 -4.67 19.90
C VAL B 349 -13.68 -5.89 19.18
N GLY B 350 -14.32 -6.74 19.94
CA GLY B 350 -14.93 -7.96 19.43
C GLY B 350 -14.93 -9.07 20.46
N THR B 351 -14.28 -8.83 21.62
CA THR B 351 -14.21 -9.76 22.75
C THR B 351 -15.63 -10.07 23.24
N GLY B 352 -15.92 -11.36 23.40
CA GLY B 352 -17.24 -11.83 23.78
C GLY B 352 -17.33 -12.62 25.07
N PHE B 353 -18.47 -13.31 25.24
CA PHE B 353 -18.81 -14.13 26.41
C PHE B 353 -17.75 -15.16 26.72
N SER B 354 -17.19 -15.76 25.66
CA SER B 354 -16.17 -16.79 25.72
C SER B 354 -14.82 -16.24 26.16
N ALA B 355 -14.63 -14.92 26.05
CA ALA B 355 -13.39 -14.26 26.46
C ALA B 355 -13.48 -13.74 27.89
N PHE B 356 -14.64 -13.13 28.26
CA PHE B 356 -14.98 -12.58 29.58
C PHE B 356 -14.88 -13.67 30.65
N ARG B 357 -15.55 -14.82 30.42
CA ARG B 357 -15.44 -16.03 31.23
C ARG B 357 -14.13 -16.61 30.68
N TYR B 358 -13.28 -17.26 31.50
CA TYR B 358 -11.95 -17.80 31.11
C TYR B 358 -10.85 -16.73 31.02
N GLN B 359 -11.09 -15.52 31.58
CA GLN B 359 -10.05 -14.48 31.57
C GLN B 359 -8.86 -14.87 32.49
N PRO B 360 -7.60 -14.43 32.19
CA PRO B 360 -6.43 -14.89 32.96
C PRO B 360 -6.59 -15.07 34.48
N SER B 361 -6.76 -13.97 35.24
CA SER B 361 -6.91 -14.02 36.70
C SER B 361 -8.33 -14.37 37.10
N GLY B 362 -9.28 -13.61 36.53
CA GLY B 362 -10.70 -13.77 36.82
C GLY B 362 -11.09 -12.97 38.03
N CYS B 363 -11.43 -13.67 39.13
CA CYS B 363 -11.86 -13.11 40.41
C CYS B 363 -10.84 -12.20 41.08
N GLY B 364 -9.55 -12.42 40.79
CA GLY B 364 -8.48 -11.61 41.34
C GLY B 364 -8.24 -10.31 40.60
N ARG B 365 -8.99 -10.09 39.50
CA ARG B 365 -8.94 -8.89 38.64
C ARG B 365 -10.12 -7.92 38.91
N ALA B 366 -9.89 -6.61 38.76
CA ALA B 366 -10.87 -5.55 39.03
C ALA B 366 -12.11 -5.62 38.13
N PRO B 367 -13.30 -5.15 38.58
CA PRO B 367 -14.48 -5.19 37.70
C PRO B 367 -14.27 -4.39 36.43
N GLN B 368 -14.64 -5.00 35.27
CA GLN B 368 -14.51 -4.53 33.88
C GLN B 368 -13.11 -4.86 33.34
N ALA B 369 -12.57 -6.02 33.78
CA ALA B 369 -11.22 -6.48 33.46
C ALA B 369 -10.98 -6.92 32.01
N CYS B 370 -11.84 -7.74 31.44
CA CYS B 370 -11.64 -8.20 30.07
C CYS B 370 -12.28 -7.24 29.05
N LEU B 371 -13.03 -6.22 29.54
CA LEU B 371 -13.82 -5.31 28.73
C LEU B 371 -13.18 -3.94 28.43
N SER B 372 -11.86 -3.84 28.52
CA SER B 372 -11.15 -2.61 28.17
C SER B 372 -11.00 -2.52 26.63
N GLY B 373 -10.58 -1.36 26.14
CA GLY B 373 -10.31 -1.12 24.73
C GLY B 373 -11.42 -1.42 23.75
N GLN B 374 -12.64 -1.05 24.10
CA GLN B 374 -13.83 -1.19 23.24
C GLN B 374 -13.98 0.05 22.37
N LEU B 375 -15.05 0.14 21.55
CA LEU B 375 -15.29 1.31 20.69
C LEU B 375 -15.43 2.60 21.50
N LYS B 376 -16.11 2.54 22.66
CA LYS B 376 -16.29 3.69 23.57
C LYS B 376 -14.93 4.13 24.14
N ASP B 377 -14.14 3.20 24.71
CA ASP B 377 -12.82 3.47 25.28
C ASP B 377 -11.87 4.06 24.24
N LEU B 378 -11.96 3.59 22.97
CA LEU B 378 -11.12 4.11 21.89
C LEU B 378 -11.55 5.50 21.46
N TRP B 379 -12.89 5.72 21.33
CA TRP B 379 -13.48 7.02 20.96
C TRP B 379 -13.13 8.05 22.03
N GLU B 380 -13.36 7.70 23.32
CA GLU B 380 -13.06 8.52 24.50
C GLU B 380 -11.59 8.91 24.54
N ALA B 381 -10.69 7.91 24.37
CA ALA B 381 -9.23 8.10 24.31
C ALA B 381 -8.85 9.05 23.19
N ASP B 382 -9.60 9.02 22.08
CA ASP B 382 -9.37 9.87 20.92
C ASP B 382 -9.79 11.31 21.16
N LEU B 383 -10.93 11.56 21.83
CA LEU B 383 -11.36 12.94 22.14
C LEU B 383 -10.32 13.60 23.05
N ALA B 384 -9.70 12.78 23.93
CA ALA B 384 -8.64 13.19 24.85
C ALA B 384 -7.41 13.60 24.06
N ARG B 385 -7.10 12.89 22.95
CA ARG B 385 -5.96 13.22 22.07
C ARG B 385 -6.20 14.60 21.45
N ILE B 386 -7.40 14.82 20.85
CA ILE B 386 -7.78 16.10 20.23
C ILE B 386 -7.65 17.23 21.25
N ALA B 387 -8.12 16.98 22.49
CA ALA B 387 -8.06 17.90 23.64
C ALA B 387 -6.62 18.32 23.96
N ASP B 388 -5.64 17.36 23.86
CA ASP B 388 -4.20 17.61 24.10
C ASP B 388 -3.48 18.09 22.82
N GLY B 389 -4.26 18.49 21.80
CA GLY B 389 -3.76 18.95 20.52
C GLY B 389 -2.91 17.91 19.80
N ARG B 390 -3.45 16.69 19.72
CA ARG B 390 -2.84 15.52 19.09
C ARG B 390 -3.87 14.92 18.14
N VAL B 391 -3.40 14.30 17.04
CA VAL B 391 -4.29 13.72 16.03
C VAL B 391 -4.88 12.38 16.53
N PRO B 392 -6.23 12.18 16.47
CA PRO B 392 -6.82 10.90 16.90
C PRO B 392 -6.30 9.70 16.08
N LEU B 393 -6.35 8.50 16.66
CA LEU B 393 -5.83 7.28 16.04
C LEU B 393 -6.91 6.40 15.37
N TYR B 394 -8.19 6.60 15.75
CA TYR B 394 -9.29 5.77 15.29
C TYR B 394 -10.40 6.53 14.55
N MET B 395 -10.65 7.79 14.92
CA MET B 395 -11.68 8.62 14.26
C MET B 395 -11.31 8.84 12.78
N ILE B 396 -12.27 8.60 11.86
CA ILE B 396 -12.04 8.77 10.41
C ILE B 396 -11.66 10.22 10.04
N THR B 397 -11.90 11.18 10.95
CA THR B 397 -11.55 12.59 10.76
C THR B 397 -10.04 12.84 10.85
N ARG B 398 -9.24 11.81 11.24
CA ARG B 398 -7.78 11.93 11.33
C ARG B 398 -7.09 12.22 9.99
N PHE B 399 -7.75 11.87 8.88
CA PHE B 399 -7.24 12.07 7.52
C PHE B 399 -7.53 13.47 7.01
N THR B 400 -8.69 14.03 7.40
CA THR B 400 -9.13 15.36 6.96
C THR B 400 -8.33 16.47 7.64
N GLY B 401 -8.38 16.50 8.96
CA GLY B 401 -7.70 17.49 9.79
C GLY B 401 -8.58 18.04 10.89
N GLY B 402 -9.77 17.45 11.02
CA GLY B 402 -10.74 17.83 12.05
C GLY B 402 -12.19 17.81 11.60
N SER B 403 -12.47 18.51 10.49
CA SER B 403 -13.82 18.63 9.96
C SER B 403 -14.31 17.40 9.23
N ASP B 404 -15.59 17.05 9.45
CA ASP B 404 -16.30 15.94 8.82
C ASP B 404 -16.93 16.40 7.48
N THR B 405 -17.17 17.73 7.37
CA THR B 405 -17.76 18.45 6.23
C THR B 405 -17.07 18.14 4.90
N THR B 406 -15.73 18.00 4.92
CA THR B 406 -14.89 17.69 3.75
C THR B 406 -15.35 16.38 3.11
N LEU B 407 -15.50 15.32 3.93
CA LEU B 407 -15.94 13.97 3.55
C LEU B 407 -17.39 13.92 3.07
N GLN B 408 -18.29 14.75 3.69
CA GLN B 408 -19.72 14.82 3.36
C GLN B 408 -19.95 15.17 1.89
N SER B 409 -19.03 15.97 1.31
CA SER B 409 -19.02 16.41 -0.08
C SER B 409 -18.86 15.27 -1.12
N PHE B 410 -18.60 14.02 -0.66
CA PHE B 410 -18.46 12.85 -1.52
C PHE B 410 -19.82 12.39 -2.09
N SER B 411 -19.84 12.12 -3.41
CA SER B 411 -20.99 11.73 -4.23
C SER B 411 -21.66 10.39 -3.89
N GLY B 412 -20.89 9.42 -3.39
CA GLY B 412 -21.34 8.06 -3.07
C GLY B 412 -22.52 7.90 -2.12
N GLY B 413 -23.02 6.67 -2.06
CA GLY B 413 -24.16 6.28 -1.23
C GLY B 413 -23.92 6.26 0.27
N PRO B 414 -24.96 5.93 1.07
CA PRO B 414 -24.81 5.93 2.54
C PRO B 414 -23.67 5.08 3.08
N LEU B 415 -23.49 3.87 2.52
CA LEU B 415 -22.42 2.94 2.91
C LEU B 415 -21.27 2.99 1.91
N SER B 416 -20.60 4.13 1.92
CA SER B 416 -19.45 4.37 1.08
C SER B 416 -18.42 5.11 1.92
N PHE B 417 -17.15 4.96 1.55
CA PHE B 417 -16.07 5.65 2.23
C PHE B 417 -15.06 6.09 1.20
N ALA B 418 -14.75 7.39 1.20
CA ALA B 418 -13.77 7.98 0.28
C ALA B 418 -13.09 9.13 0.94
N LEU B 419 -11.79 9.25 0.67
CA LEU B 419 -10.98 10.32 1.22
C LEU B 419 -10.64 11.32 0.12
N PRO B 420 -10.67 12.63 0.45
CA PRO B 420 -10.30 13.62 -0.57
C PRO B 420 -8.82 13.53 -0.91
N VAL B 421 -8.48 13.57 -2.20
CA VAL B 421 -7.10 13.46 -2.65
C VAL B 421 -6.50 14.88 -2.72
N THR B 422 -5.42 15.11 -1.95
CA THR B 422 -4.72 16.40 -1.90
C THR B 422 -3.42 16.38 -2.69
N SER B 423 -2.87 15.17 -2.95
CA SER B 423 -1.67 15.04 -3.76
C SER B 423 -2.05 15.23 -5.23
N HIS B 424 -1.10 15.74 -6.03
CA HIS B 424 -1.33 16.00 -7.45
C HIS B 424 -1.45 14.71 -8.24
N SER B 425 -2.44 14.64 -9.13
CA SER B 425 -2.59 13.49 -10.01
C SER B 425 -2.97 13.99 -11.39
N GLN B 426 -1.98 14.45 -12.14
CA GLN B 426 -2.15 15.04 -13.46
C GLN B 426 -2.62 14.01 -14.47
N SER B 427 -3.90 14.12 -14.89
CA SER B 427 -4.55 13.24 -15.85
C SER B 427 -4.10 13.54 -17.28
N LEU B 428 -3.71 12.50 -18.05
CA LEU B 428 -3.28 12.68 -19.44
C LEU B 428 -4.45 12.43 -20.37
N VAL B 429 -4.82 13.46 -21.15
CA VAL B 429 -5.94 13.42 -22.09
C VAL B 429 -5.39 13.70 -23.49
N THR B 430 -5.66 12.82 -24.46
CA THR B 430 -5.21 13.03 -25.83
C THR B 430 -6.40 13.38 -26.70
N LEU B 431 -6.32 14.54 -27.38
CA LEU B 431 -7.37 15.07 -28.24
C LEU B 431 -7.02 14.90 -29.70
N SER B 432 -7.96 14.38 -30.48
CA SER B 432 -7.80 14.16 -31.91
C SER B 432 -8.85 15.00 -32.65
N VAL B 433 -8.42 16.11 -33.27
CA VAL B 433 -9.31 17.01 -33.99
C VAL B 433 -9.02 16.97 -35.48
N ALA B 434 -10.08 16.93 -36.31
CA ALA B 434 -9.99 16.94 -37.78
C ALA B 434 -9.46 18.31 -38.29
N ALA B 435 -9.61 19.37 -37.46
CA ALA B 435 -9.12 20.74 -37.71
C ALA B 435 -7.60 20.77 -37.71
N ASP B 436 -7.00 21.67 -38.50
CA ASP B 436 -5.55 21.77 -38.63
C ASP B 436 -5.00 23.14 -38.20
N GLY B 437 -4.35 23.16 -37.02
CA GLY B 437 -3.78 24.33 -36.36
C GLY B 437 -4.31 24.50 -34.95
N VAL B 438 -3.40 24.77 -33.97
CA VAL B 438 -3.79 24.91 -32.56
C VAL B 438 -3.05 26.07 -31.83
N ARG B 439 -3.78 26.73 -30.91
CA ARG B 439 -3.33 27.85 -30.08
C ARG B 439 -3.88 27.65 -28.64
N LEU B 440 -3.06 27.95 -27.62
CA LEU B 440 -3.44 27.86 -26.21
C LEU B 440 -3.72 29.26 -25.65
N VAL B 441 -4.91 29.46 -25.06
CA VAL B 441 -5.33 30.74 -24.47
C VAL B 441 -5.60 30.51 -22.97
N THR B 442 -4.89 31.24 -22.09
CA THR B 442 -4.97 31.07 -20.64
C THR B 442 -5.24 32.38 -19.88
N ASN B 443 -6.09 32.32 -18.84
CA ASN B 443 -6.40 33.46 -17.98
C ASN B 443 -5.30 33.59 -16.92
N ARG B 444 -4.71 34.79 -16.77
CA ARG B 444 -3.63 35.07 -15.83
C ARG B 444 -4.00 36.18 -14.83
N SER B 445 -5.00 35.90 -13.97
CA SER B 445 -5.46 36.85 -12.96
C SER B 445 -4.57 36.84 -11.68
N PRO B 446 -4.17 38.02 -11.13
CA PRO B 446 -3.33 38.01 -9.92
C PRO B 446 -4.07 37.57 -8.67
N GLY B 447 -3.32 37.25 -7.62
CA GLY B 447 -3.88 36.81 -6.36
C GLY B 447 -3.23 37.42 -5.14
N LYS B 448 -3.84 37.18 -3.97
CA LYS B 448 -3.35 37.67 -2.69
C LYS B 448 -3.63 36.67 -1.57
N ILE B 449 -2.63 36.37 -0.72
CA ILE B 449 -2.79 35.48 0.44
C ILE B 449 -3.49 36.34 1.52
N THR B 450 -4.78 36.10 1.74
CA THR B 450 -5.61 36.83 2.69
C THR B 450 -5.69 36.10 4.04
N GLY B 451 -4.53 35.58 4.48
CA GLY B 451 -4.40 34.85 5.73
C GLY B 451 -3.70 33.50 5.60
N ALA B 452 -2.91 33.13 6.63
CA ALA B 452 -2.15 31.88 6.69
C ALA B 452 -1.81 31.57 8.15
N ALA B 453 -2.27 30.41 8.65
CA ALA B 453 -2.04 29.99 10.03
C ALA B 453 -1.81 28.48 10.19
N VAL B 454 -0.93 28.10 11.14
CA VAL B 454 -0.62 26.72 11.50
C VAL B 454 -1.46 26.45 12.72
N CYS B 455 -2.38 25.51 12.61
CA CYS B 455 -3.29 25.20 13.70
C CYS B 455 -3.33 23.73 14.05
N ARG B 456 -3.72 23.41 15.29
CA ARG B 456 -3.82 22.04 15.78
C ARG B 456 -5.03 21.31 15.16
N PHE B 457 -5.12 19.98 15.38
CA PHE B 457 -6.23 19.17 14.87
C PHE B 457 -7.58 19.71 15.38
N ALA B 458 -8.52 19.93 14.44
CA ALA B 458 -9.88 20.43 14.63
C ALA B 458 -9.94 21.86 15.17
N GLY B 459 -8.90 22.65 14.86
CA GLY B 459 -8.77 24.04 15.29
C GLY B 459 -8.83 24.25 16.79
N THR B 460 -8.11 23.39 17.55
CA THR B 460 -8.00 23.41 19.03
C THR B 460 -7.47 24.80 19.43
N SER B 461 -6.38 25.22 18.76
CA SER B 461 -5.69 26.49 18.93
C SER B 461 -5.01 26.79 17.60
N CYS B 462 -4.19 27.83 17.55
CA CYS B 462 -3.41 28.22 16.37
C CYS B 462 -2.03 28.73 16.78
N GLY B 463 -1.20 29.00 15.77
CA GLY B 463 0.16 29.48 15.95
C GLY B 463 1.20 28.39 16.06
N GLY B 464 0.79 27.18 16.41
CA GLY B 464 1.72 26.07 16.54
C GLY B 464 1.13 24.75 16.98
N PHE B 465 2.02 23.75 17.19
CA PHE B 465 1.66 22.38 17.56
C PHE B 465 2.69 21.68 18.45
N GLU B 466 2.49 20.39 18.75
CA GLU B 466 3.42 19.63 19.57
C GLU B 466 4.40 18.84 18.68
N ALA B 467 5.71 19.11 18.82
CA ALA B 467 6.77 18.49 18.04
C ALA B 467 6.70 16.98 18.03
N VAL B 468 6.66 16.37 16.82
CA VAL B 468 6.64 14.92 16.53
C VAL B 468 5.33 14.22 17.03
N ALA B 469 5.03 14.26 18.36
CA ALA B 469 3.84 13.65 18.97
C ALA B 469 2.50 14.14 18.38
N ALA B 470 2.54 15.25 17.62
CA ALA B 470 1.40 15.86 16.94
C ALA B 470 1.84 16.53 15.63
N ARG B 471 0.90 17.17 14.93
CA ARG B 471 1.19 17.86 13.67
C ARG B 471 0.37 19.13 13.53
N GLY B 472 0.91 20.07 12.76
CA GLY B 472 0.26 21.33 12.45
C GLY B 472 -0.58 21.16 11.21
N TYR B 473 -1.48 22.11 10.98
CA TYR B 473 -2.36 22.13 9.84
C TYR B 473 -2.37 23.53 9.28
N ILE B 474 -1.74 23.72 8.12
CA ILE B 474 -1.63 25.02 7.46
C ILE B 474 -2.94 25.32 6.71
N TYR B 475 -3.67 26.36 7.17
CA TYR B 475 -4.91 26.82 6.55
C TYR B 475 -4.53 28.10 5.85
N VAL B 476 -4.77 28.20 4.55
CA VAL B 476 -4.43 29.41 3.80
C VAL B 476 -5.60 29.93 3.01
N ASN B 477 -5.97 31.20 3.25
CA ASN B 477 -7.02 31.89 2.53
C ASN B 477 -6.35 32.70 1.42
N ILE B 478 -6.87 32.59 0.20
CA ILE B 478 -6.34 33.33 -0.94
C ILE B 478 -7.47 34.07 -1.63
N THR B 479 -7.14 35.03 -2.51
CA THR B 479 -8.15 35.80 -3.24
C THR B 479 -7.70 36.14 -4.66
N ASN B 480 -8.57 35.84 -5.64
CA ASN B 480 -8.36 36.13 -7.05
C ASN B 480 -8.65 37.64 -7.19
N THR B 481 -7.59 38.45 -7.33
CA THR B 481 -7.72 39.90 -7.45
C THR B 481 -7.76 40.32 -8.93
N GLY B 482 -8.69 39.75 -9.69
CA GLY B 482 -8.86 40.03 -11.11
C GLY B 482 -10.27 39.85 -11.62
N ARG B 483 -10.44 40.07 -12.94
CA ARG B 483 -11.70 39.99 -13.66
C ARG B 483 -11.91 38.58 -14.25
N LEU B 484 -10.88 37.72 -14.20
CA LEU B 484 -10.97 36.38 -14.78
C LEU B 484 -10.76 35.26 -13.76
N ASP B 485 -11.45 34.12 -13.98
CA ASP B 485 -11.33 32.91 -13.18
C ASP B 485 -9.97 32.32 -13.57
N SER B 486 -9.06 32.16 -12.58
CA SER B 486 -7.70 31.67 -12.86
C SER B 486 -7.21 30.58 -11.90
N ASP B 487 -6.21 29.78 -12.36
CA ASP B 487 -5.59 28.71 -11.59
C ASP B 487 -4.36 29.26 -10.84
N TYR B 488 -4.20 28.87 -9.58
CA TYR B 488 -3.13 29.32 -8.71
C TYR B 488 -2.37 28.13 -8.09
N THR B 489 -1.09 28.33 -7.77
CA THR B 489 -0.28 27.30 -7.12
C THR B 489 0.28 27.84 -5.82
N LEU B 490 -0.04 27.15 -4.72
CA LEU B 490 0.39 27.53 -3.39
C LEU B 490 1.50 26.59 -2.91
N THR B 491 2.65 27.16 -2.53
CA THR B 491 3.84 26.40 -2.12
C THR B 491 4.35 26.79 -0.74
N VAL B 492 4.65 25.78 0.10
CA VAL B 492 5.24 26.00 1.43
C VAL B 492 6.69 25.56 1.32
N SER B 493 7.56 26.52 0.99
CA SER B 493 8.98 26.30 0.73
C SER B 493 9.87 27.17 1.64
N ASN B 494 11.22 27.03 1.48
CA ASN B 494 12.26 27.78 2.19
C ASN B 494 12.02 27.79 3.71
N CYS B 495 11.71 26.61 4.25
CA CYS B 495 11.41 26.44 5.67
C CYS B 495 12.66 26.28 6.49
N SER B 496 12.56 26.59 7.78
CA SER B 496 13.66 26.47 8.74
C SER B 496 14.07 25.00 8.99
N SER B 497 15.07 24.79 9.88
CA SER B 497 15.65 23.47 10.20
C SER B 497 14.64 22.44 10.68
N ASN B 498 14.82 21.18 10.23
CA ASN B 498 14.04 19.98 10.54
C ASN B 498 12.54 20.16 10.35
N VAL B 499 12.12 20.69 9.20
CA VAL B 499 10.70 20.84 8.87
C VAL B 499 10.46 19.93 7.67
N ARG B 500 9.47 19.01 7.81
CA ARG B 500 9.16 18.05 6.75
C ARG B 500 8.52 18.75 5.57
N PRO B 501 9.14 18.61 4.37
CA PRO B 501 8.60 19.26 3.17
C PRO B 501 7.15 18.94 2.85
N ILE B 502 6.39 19.95 2.40
CA ILE B 502 4.96 19.84 2.08
C ILE B 502 4.82 20.04 0.57
N GLU B 503 4.11 19.11 -0.12
CA GLU B 503 3.84 19.16 -1.56
C GLU B 503 2.91 20.36 -1.89
N ALA B 504 3.17 21.03 -3.03
CA ALA B 504 2.43 22.20 -3.53
C ALA B 504 0.95 21.89 -3.74
N ARG B 505 0.12 22.94 -3.81
CA ARG B 505 -1.33 22.80 -4.04
C ARG B 505 -1.82 23.63 -5.21
N THR B 506 -2.84 23.12 -5.91
CA THR B 506 -3.46 23.85 -7.02
C THR B 506 -4.82 24.37 -6.58
N LEU B 507 -5.18 25.60 -7.00
CA LEU B 507 -6.44 26.24 -6.65
C LEU B 507 -7.05 26.95 -7.86
N ALA B 508 -8.20 26.46 -8.34
CA ALA B 508 -8.91 27.14 -9.42
C ALA B 508 -9.86 28.08 -8.71
N VAL B 509 -9.61 29.40 -8.83
CA VAL B 509 -10.39 30.42 -8.14
C VAL B 509 -11.11 31.35 -9.12
N ARG B 510 -12.43 31.57 -8.89
CA ARG B 510 -13.27 32.45 -9.71
C ARG B 510 -12.86 33.91 -9.50
N ALA B 511 -13.10 34.75 -10.52
CA ALA B 511 -12.78 36.17 -10.52
C ALA B 511 -13.35 36.89 -9.31
N GLY B 512 -12.52 37.73 -8.68
CA GLY B 512 -12.90 38.51 -7.51
C GLY B 512 -13.07 37.72 -6.21
N SER B 513 -13.55 36.47 -6.35
CA SER B 513 -13.82 35.58 -5.24
C SER B 513 -12.57 35.09 -4.51
N ALA B 514 -12.77 34.67 -3.25
CA ALA B 514 -11.75 34.16 -2.36
C ALA B 514 -11.94 32.65 -2.20
N ALA B 515 -10.85 31.94 -1.91
CA ALA B 515 -10.85 30.49 -1.70
C ALA B 515 -9.87 30.11 -0.58
N SER B 516 -9.94 28.85 -0.15
CA SER B 516 -9.09 28.30 0.89
C SER B 516 -8.81 26.83 0.62
N LEU B 517 -7.76 26.28 1.27
CA LEU B 517 -7.42 24.86 1.17
C LEU B 517 -8.42 24.15 2.07
N ASP B 518 -9.45 23.45 1.49
CA ASP B 518 -10.46 22.78 2.34
C ASP B 518 -9.77 21.72 3.19
N PRO B 519 -9.13 20.67 2.63
CA PRO B 519 -8.33 19.80 3.51
C PRO B 519 -7.00 20.58 3.71
N PRO B 520 -6.64 20.97 4.95
CA PRO B 520 -5.44 21.79 5.13
C PRO B 520 -4.14 21.01 4.88
N MET B 521 -3.05 21.75 4.64
CA MET B 521 -1.74 21.14 4.44
C MET B 521 -1.19 20.66 5.78
N GLU B 522 -0.85 19.36 5.88
CA GLU B 522 -0.30 18.80 7.12
C GLU B 522 1.13 19.29 7.31
N LEU B 523 1.48 19.68 8.55
CA LEU B 523 2.81 20.18 8.89
C LEU B 523 3.50 19.31 9.92
N TYR B 524 4.73 18.87 9.60
CA TYR B 524 5.54 17.99 10.45
C TYR B 524 6.92 18.55 10.72
N VAL B 525 7.48 18.23 11.91
CA VAL B 525 8.85 18.59 12.32
C VAL B 525 9.69 17.33 12.54
N GLU B 526 10.92 17.32 12.01
CA GLU B 526 11.80 16.16 12.08
C GLU B 526 12.76 16.20 13.28
N ASP B 527 12.31 16.78 14.41
CA ASP B 527 13.01 16.91 15.69
C ASP B 527 11.99 17.21 16.79
N GLN B 528 12.14 16.59 17.97
CA GLN B 528 11.19 16.84 19.07
C GLN B 528 11.65 17.98 19.97
N ALA B 529 12.16 19.05 19.32
CA ALA B 529 12.72 20.24 19.95
C ALA B 529 11.69 21.28 20.34
N ALA B 530 11.94 21.99 21.44
CA ALA B 530 11.08 23.08 21.88
C ALA B 530 11.51 24.32 21.10
N ALA B 531 10.57 24.89 20.33
CA ALA B 531 10.83 26.07 19.52
C ALA B 531 9.61 27.00 19.48
N ALA B 532 9.84 28.31 19.21
CA ALA B 532 8.75 29.30 19.14
C ALA B 532 8.88 30.20 17.91
N ALA B 533 10.03 30.15 17.23
CA ALA B 533 10.31 30.96 16.06
C ALA B 533 10.53 30.15 14.77
N ARG B 534 9.76 29.05 14.59
CA ARG B 534 9.90 28.25 13.37
C ARG B 534 9.17 28.94 12.22
N THR B 535 9.81 28.99 11.01
CA THR B 535 9.25 29.71 9.85
C THR B 535 9.23 28.92 8.55
N CYS B 536 8.30 29.33 7.65
CA CYS B 536 8.06 28.79 6.30
C CYS B 536 7.66 29.92 5.38
N THR B 537 8.02 29.81 4.09
CA THR B 537 7.67 30.83 3.09
C THR B 537 6.51 30.34 2.22
N VAL B 538 5.30 30.88 2.46
CA VAL B 538 4.08 30.54 1.70
C VAL B 538 3.98 31.41 0.41
N SER B 539 4.42 30.87 -0.73
CA SER B 539 4.42 31.58 -2.02
C SER B 539 3.19 31.23 -2.85
N LEU B 540 2.62 32.21 -3.53
CA LEU B 540 1.44 32.02 -4.37
C LEU B 540 1.80 32.39 -5.79
N TYR B 541 1.64 31.44 -6.70
CA TYR B 541 1.98 31.62 -8.10
C TYR B 541 0.72 31.65 -8.94
N ASP B 542 0.72 32.40 -10.03
CA ASP B 542 -0.39 32.35 -10.97
C ASP B 542 0.16 32.20 -12.35
N SER B 543 -0.27 31.11 -13.03
CA SER B 543 0.05 30.71 -14.38
C SER B 543 1.47 31.17 -14.88
N VAL B 544 2.50 30.77 -14.06
CA VAL B 544 3.98 30.83 -14.13
C VAL B 544 4.64 31.64 -12.93
N GLY B 545 4.34 32.94 -12.76
CA GLY B 545 5.00 33.80 -11.78
C GLY B 545 4.30 34.10 -10.48
N ALA B 546 5.09 34.22 -9.37
CA ALA B 546 4.63 34.51 -8.00
C ALA B 546 3.95 35.88 -7.87
N VAL B 547 2.67 35.91 -7.45
CA VAL B 547 1.88 37.15 -7.33
C VAL B 547 1.89 37.71 -5.92
N THR B 548 2.25 36.88 -4.92
CA THR B 548 2.36 37.23 -3.50
C THR B 548 3.04 36.12 -2.71
N ASP B 549 3.59 36.46 -1.55
CA ASP B 549 4.24 35.54 -0.63
C ASP B 549 4.18 36.09 0.78
N SER B 550 3.98 35.21 1.75
CA SER B 550 3.96 35.57 3.15
C SER B 550 4.96 34.68 3.87
N LEU B 551 5.13 34.87 5.18
CA LEU B 551 6.06 34.08 5.95
C LEU B 551 5.40 33.55 7.22
N THR B 552 4.91 32.28 7.21
CA THR B 552 4.26 31.67 8.37
C THR B 552 5.23 31.47 9.53
N LEU B 553 4.71 31.56 10.76
CA LEU B 553 5.52 31.39 11.95
C LEU B 553 4.79 30.42 12.88
N SER B 554 5.38 29.24 13.07
CA SER B 554 4.84 28.19 13.93
C SER B 554 5.70 27.97 15.19
N PHE B 555 5.05 27.60 16.32
CA PHE B 555 5.73 27.28 17.58
C PHE B 555 5.64 25.78 17.81
N TYR B 556 6.75 25.09 18.09
CA TYR B 556 6.56 23.68 18.37
C TYR B 556 7.06 23.32 19.77
N THR B 557 6.09 23.16 20.73
CA THR B 557 6.38 22.77 22.13
C THR B 557 6.82 21.30 22.06
N ASN B 558 8.03 20.99 22.58
CA ASN B 558 8.69 19.67 22.56
C ASN B 558 7.78 18.50 22.95
N ALA B 559 8.05 17.30 22.36
CA ALA B 559 7.29 16.05 22.58
C ALA B 559 7.30 15.64 24.05
N THR B 560 6.11 15.37 24.60
CA THR B 560 6.00 14.92 25.99
C THR B 560 5.94 13.39 26.01
N GLN B 561 6.94 12.76 26.70
CA GLN B 561 7.20 11.32 26.85
C GLN B 561 7.99 10.79 25.64
N VAL C 4 -1.26 6.73 -29.02
CA VAL C 4 -0.15 7.57 -29.46
C VAL C 4 -0.24 8.98 -28.82
N ILE C 5 0.84 9.38 -28.12
CA ILE C 5 0.97 10.67 -27.42
C ILE C 5 1.17 11.79 -28.44
N ALA C 6 2.40 11.91 -29.01
CA ALA C 6 2.75 12.91 -30.01
C ALA C 6 3.95 12.52 -30.86
N SER C 7 3.84 12.75 -32.17
CA SER C 7 4.91 12.53 -33.16
C SER C 7 5.62 13.85 -33.43
N GLY C 8 6.79 13.77 -34.07
CA GLY C 8 7.58 14.94 -34.39
C GLY C 8 8.96 14.61 -34.93
N ARG C 9 9.68 15.63 -35.38
CA ARG C 9 11.02 15.49 -35.93
C ARG C 9 12.00 16.28 -35.08
N LEU C 10 13.13 15.65 -34.74
CA LEU C 10 14.17 16.25 -33.90
C LEU C 10 15.55 15.78 -34.35
N GLU C 11 16.54 16.67 -34.25
CA GLU C 11 17.91 16.29 -34.57
C GLU C 11 18.54 15.72 -33.29
N LYS C 12 18.84 14.42 -33.32
CA LYS C 12 19.42 13.70 -32.20
C LYS C 12 20.93 13.60 -32.47
N CYS C 13 21.72 14.32 -31.66
CA CYS C 13 23.19 14.36 -31.76
C CYS C 13 23.83 13.48 -30.71
N VAL C 14 24.86 12.74 -31.11
CA VAL C 14 25.59 11.82 -30.23
C VAL C 14 27.08 12.16 -30.21
N VAL C 15 27.54 12.72 -29.08
CA VAL C 15 28.95 13.08 -28.89
C VAL C 15 29.63 11.82 -28.37
N ASP C 16 30.40 11.13 -29.23
CA ASP C 16 31.10 9.90 -28.85
C ASP C 16 32.11 10.11 -27.73
N GLY C 17 32.05 9.22 -26.74
CA GLY C 17 32.89 9.25 -25.54
C GLY C 17 34.38 9.10 -25.73
N VAL C 18 34.83 8.44 -26.80
CA VAL C 18 36.26 8.24 -27.03
C VAL C 18 36.77 9.09 -28.21
N THR C 19 36.03 9.10 -29.35
CA THR C 19 36.39 9.85 -30.56
C THR C 19 36.10 11.36 -30.46
N GLU C 20 35.20 11.76 -29.52
CA GLU C 20 34.79 13.15 -29.27
C GLU C 20 34.00 13.79 -30.44
N GLU C 21 33.80 13.04 -31.54
CA GLU C 21 33.10 13.51 -32.72
C GLU C 21 31.59 13.39 -32.54
N LEU C 22 30.87 14.48 -32.85
CA LEU C 22 29.40 14.49 -32.74
C LEU C 22 28.73 14.10 -34.05
N ASP C 23 27.77 13.17 -33.95
CA ASP C 23 27.04 12.65 -35.10
C ASP C 23 25.57 13.02 -34.98
N CYS C 24 25.14 13.98 -35.81
CA CYS C 24 23.77 14.45 -35.80
C CYS C 24 22.97 13.84 -36.93
N GLN C 25 21.80 13.29 -36.56
CA GLN C 25 20.87 12.67 -37.50
C GLN C 25 19.46 13.07 -37.13
N GLU C 26 18.70 13.58 -38.11
CA GLU C 26 17.31 13.98 -37.86
C GLU C 26 16.45 12.72 -37.85
N LYS C 27 15.80 12.47 -36.71
CA LYS C 27 14.97 11.30 -36.48
C LYS C 27 13.52 11.66 -36.18
N VAL C 28 12.62 10.66 -36.34
CA VAL C 28 11.19 10.77 -36.04
C VAL C 28 10.94 10.13 -34.66
N VAL C 29 10.67 10.98 -33.66
CA VAL C 29 10.48 10.59 -32.27
C VAL C 29 8.99 10.52 -31.96
N VAL C 30 8.47 9.28 -31.79
CA VAL C 30 7.06 9.04 -31.51
C VAL C 30 6.87 8.39 -30.14
N THR C 31 6.19 9.10 -29.22
CA THR C 31 5.85 8.58 -27.89
C THR C 31 4.43 8.04 -28.03
N LEU C 32 4.21 6.83 -27.51
CA LEU C 32 2.90 6.19 -27.60
C LEU C 32 2.51 5.43 -26.34
N THR C 33 1.25 4.99 -26.32
CA THR C 33 0.64 4.25 -25.22
C THR C 33 0.25 2.84 -25.64
N VAL C 34 0.64 1.86 -24.81
CA VAL C 34 0.31 0.46 -24.98
C VAL C 34 -0.49 0.05 -23.75
N GLY C 35 -1.75 -0.29 -23.97
CA GLY C 35 -2.67 -0.69 -22.93
C GLY C 35 -2.38 -2.05 -22.32
N ASN C 36 -3.04 -2.33 -21.18
CA ASN C 36 -2.93 -3.60 -20.43
C ASN C 36 -3.42 -4.78 -21.29
N GLY C 37 -4.58 -4.60 -21.93
CA GLY C 37 -5.20 -5.61 -22.78
C GLY C 37 -5.03 -5.38 -24.27
N GLN C 38 -3.83 -4.92 -24.68
CA GLN C 38 -3.51 -4.68 -26.09
C GLN C 38 -2.62 -5.83 -26.59
N SER C 39 -3.10 -7.08 -26.43
CA SER C 39 -2.38 -8.30 -26.81
C SER C 39 -2.35 -8.61 -28.33
N LEU C 40 -3.16 -7.90 -29.13
CA LEU C 40 -3.25 -8.19 -30.56
C LEU C 40 -2.75 -7.08 -31.48
N GLN C 41 -2.40 -7.47 -32.72
CA GLN C 41 -1.95 -6.59 -33.80
C GLN C 41 -3.19 -5.89 -34.43
N THR C 42 -3.63 -4.81 -33.80
CA THR C 42 -4.78 -4.01 -34.22
C THR C 42 -4.33 -2.78 -35.01
N GLU C 43 -3.44 -1.97 -34.39
CA GLU C 43 -2.89 -0.78 -35.01
C GLU C 43 -1.41 -0.93 -35.34
N ALA C 44 -0.93 -0.13 -36.30
CA ALA C 44 0.46 -0.10 -36.74
C ALA C 44 0.87 1.30 -37.19
N LEU C 45 2.18 1.53 -37.27
CA LEU C 45 2.79 2.79 -37.67
C LEU C 45 3.57 2.60 -38.94
N GLU C 46 3.40 3.51 -39.91
CA GLU C 46 4.09 3.43 -41.19
C GLU C 46 5.05 4.59 -41.40
N PHE C 47 6.35 4.26 -41.40
CA PHE C 47 7.43 5.24 -41.53
C PHE C 47 8.00 5.26 -42.94
N SER C 48 8.09 6.47 -43.53
CA SER C 48 8.64 6.66 -44.88
C SER C 48 10.14 6.94 -44.79
N ALA C 77 8.77 2.88 -50.05
CA ALA C 77 8.53 1.69 -49.25
C ALA C 77 8.27 2.00 -47.74
N PRO C 78 7.09 1.61 -47.18
CA PRO C 78 6.82 1.94 -45.77
C PRO C 78 7.32 0.92 -44.74
N LEU C 79 7.81 1.42 -43.59
CA LEU C 79 8.29 0.58 -42.49
C LEU C 79 7.11 0.39 -41.51
N ARG C 80 6.54 -0.82 -41.48
CA ARG C 80 5.40 -1.13 -40.61
C ARG C 80 5.87 -1.54 -39.23
N VAL C 81 5.47 -0.77 -38.20
CA VAL C 81 5.84 -1.01 -36.79
C VAL C 81 4.57 -1.14 -35.95
N SER C 82 4.42 -2.26 -35.21
CA SER C 82 3.24 -2.49 -34.38
C SER C 82 3.57 -3.02 -32.99
N LEU C 83 2.93 -2.43 -31.97
CA LEU C 83 3.16 -2.76 -30.55
C LEU C 83 2.03 -3.56 -29.93
N THR C 84 2.41 -4.52 -29.06
CA THR C 84 1.51 -5.38 -28.28
C THR C 84 2.08 -5.55 -26.88
N LYS C 85 1.21 -5.59 -25.87
CA LYS C 85 1.62 -5.78 -24.48
C LYS C 85 1.04 -7.07 -23.95
N SER C 86 1.91 -7.90 -23.34
CA SER C 86 1.57 -9.18 -22.74
C SER C 86 0.55 -8.97 -21.59
N PRO C 87 -0.14 -10.04 -21.08
CA PRO C 87 -1.06 -9.81 -19.96
C PRO C 87 -0.29 -9.32 -18.74
N LEU C 88 -0.77 -8.24 -18.07
CA LEU C 88 -0.06 -7.68 -16.93
C LEU C 88 -0.32 -8.46 -15.64
N TRP C 89 0.74 -8.63 -14.84
CA TRP C 89 0.72 -9.35 -13.58
C TRP C 89 1.43 -8.60 -12.47
N ALA C 90 0.90 -8.67 -11.25
CA ALA C 90 1.52 -8.05 -10.09
C ALA C 90 2.11 -9.17 -9.22
N SER C 91 3.42 -9.45 -9.38
CA SER C 91 4.09 -10.50 -8.62
C SER C 91 4.65 -10.02 -7.30
N TYR C 92 4.46 -10.82 -6.25
CA TYR C 92 4.87 -10.56 -4.86
C TYR C 92 5.97 -11.55 -4.43
N PRO C 93 7.16 -11.05 -3.99
CA PRO C 93 8.24 -11.97 -3.62
C PRO C 93 7.99 -12.71 -2.31
N LEU C 94 8.28 -14.01 -2.31
CA LEU C 94 8.10 -14.87 -1.14
C LEU C 94 9.37 -14.95 -0.27
N GLN C 95 9.17 -15.06 1.04
CA GLN C 95 10.24 -15.23 2.03
C GLN C 95 9.67 -16.15 3.10
N TYR C 96 10.18 -17.39 3.14
CA TYR C 96 9.71 -18.41 4.08
C TYR C 96 9.88 -17.98 5.54
N LEU C 97 8.82 -18.19 6.34
CA LEU C 97 8.84 -17.85 7.75
C LEU C 97 8.89 -19.13 8.59
N SER C 98 7.80 -19.91 8.56
CA SER C 98 7.65 -21.15 9.31
C SER C 98 6.65 -22.05 8.63
N SER C 99 6.56 -23.32 9.07
CA SER C 99 5.61 -24.31 8.61
C SER C 99 4.40 -24.36 9.56
N PHE C 100 3.23 -24.76 9.03
CA PHE C 100 1.98 -24.80 9.81
C PHE C 100 1.17 -26.05 9.45
N ASN C 101 0.57 -26.75 10.44
CA ASN C 101 -0.21 -27.96 10.18
C ASN C 101 -1.59 -27.59 9.66
N TRP C 102 -2.26 -28.51 8.93
CA TRP C 102 -3.60 -28.29 8.38
C TRP C 102 -4.63 -28.11 9.51
N LYS C 103 -4.76 -29.13 10.39
CA LYS C 103 -5.68 -29.07 11.52
C LYS C 103 -5.21 -29.94 12.69
N PRO C 104 -4.41 -29.33 13.61
CA PRO C 104 -3.99 -30.06 14.82
C PRO C 104 -5.21 -30.57 15.57
N LEU C 105 -5.20 -31.87 15.91
CA LEU C 105 -6.30 -32.56 16.57
C LEU C 105 -5.98 -33.00 17.99
N GLU C 106 -6.96 -32.90 18.87
CA GLU C 106 -6.83 -33.37 20.25
C GLU C 106 -7.43 -34.77 20.35
N VAL C 107 -6.58 -35.74 20.65
CA VAL C 107 -7.01 -37.12 20.80
C VAL C 107 -7.13 -37.42 22.30
N ILE C 108 -8.38 -37.63 22.78
CA ILE C 108 -8.64 -37.93 24.18
C ILE C 108 -8.42 -39.41 24.40
N LEU C 109 -7.50 -39.73 25.32
CA LEU C 109 -7.19 -41.11 25.68
C LEU C 109 -7.68 -41.40 27.11
N ARG C 110 -8.43 -42.47 27.30
CA ARG C 110 -8.88 -42.87 28.62
C ARG C 110 -8.16 -44.20 28.88
N PRO C 111 -7.14 -44.17 29.77
CA PRO C 111 -6.24 -45.34 29.93
C PRO C 111 -6.85 -46.66 30.47
N SER C 112 -8.10 -46.65 31.00
CA SER C 112 -8.83 -47.83 31.53
C SER C 112 -8.25 -48.37 32.86
N ASN C 113 -6.90 -48.38 32.99
CA ASN C 113 -6.18 -48.78 34.20
C ASN C 113 -6.23 -47.63 35.22
N LYS C 114 -6.94 -46.54 34.85
CA LYS C 114 -7.21 -45.31 35.60
C LYS C 114 -5.93 -44.55 36.04
N VAL C 115 -4.80 -44.79 35.36
CA VAL C 115 -3.54 -44.12 35.67
C VAL C 115 -3.05 -43.27 34.48
N CYS C 116 -3.20 -41.94 34.62
CA CYS C 116 -2.75 -40.95 33.67
C CYS C 116 -1.78 -40.08 34.43
N LYS C 117 -0.53 -40.07 33.99
CA LYS C 117 0.50 -39.24 34.57
C LYS C 117 1.29 -38.67 33.41
N ASP C 118 0.96 -37.43 33.06
CA ASP C 118 1.58 -36.71 31.94
C ASP C 118 2.09 -35.34 32.37
N GLY C 119 3.37 -35.35 32.69
CA GLY C 119 4.12 -34.18 33.10
C GLY C 119 5.51 -34.20 32.50
N ASP C 120 6.19 -33.04 32.56
CA ASP C 120 7.55 -32.83 32.04
C ASP C 120 8.51 -33.67 32.86
N TRP C 121 9.53 -34.24 32.19
CA TRP C 121 10.57 -35.13 32.74
C TRP C 121 10.10 -36.59 32.99
N GLU C 122 8.81 -36.91 32.76
CA GLU C 122 8.32 -38.29 32.92
C GLU C 122 8.58 -39.06 31.62
N ASP C 123 9.40 -40.11 31.71
CA ASP C 123 9.84 -40.90 30.55
C ASP C 123 8.73 -41.63 29.81
N SER C 124 7.69 -42.10 30.52
CA SER C 124 6.60 -42.79 29.85
C SER C 124 5.24 -42.10 30.08
N PRO C 125 4.94 -40.96 29.38
CA PRO C 125 3.62 -40.33 29.57
C PRO C 125 2.58 -41.01 28.69
N THR C 126 1.28 -40.91 29.05
CA THR C 126 0.16 -41.55 28.34
C THR C 126 0.16 -41.17 26.85
N CYS C 127 0.33 -39.87 26.56
CA CYS C 127 0.36 -39.33 25.20
C CYS C 127 1.61 -39.71 24.46
N GLY C 128 2.73 -39.76 25.18
CA GLY C 128 4.03 -40.06 24.60
C GLY C 128 4.66 -38.83 24.00
N TRP C 129 6.00 -38.73 24.10
CA TRP C 129 6.75 -37.59 23.59
C TRP C 129 6.84 -37.59 22.07
N PHE C 130 6.81 -36.38 21.48
CA PHE C 130 6.94 -36.18 20.05
C PHE C 130 8.43 -35.91 19.76
N SER C 131 8.98 -36.56 18.73
CA SER C 131 10.39 -36.38 18.36
C SER C 131 10.52 -35.83 16.91
N GLN C 132 11.05 -34.59 16.77
CA GLN C 132 11.16 -33.89 15.48
C GLN C 132 12.61 -33.70 14.99
N GLY C 133 13.52 -33.44 15.93
CA GLY C 133 14.95 -33.29 15.63
C GLY C 133 15.73 -34.41 16.27
N GLY C 134 15.09 -35.59 16.36
CA GLY C 134 15.64 -36.78 16.99
C GLY C 134 15.55 -36.69 18.51
N VAL C 135 15.09 -35.52 19.03
CA VAL C 135 14.96 -35.20 20.45
C VAL C 135 13.52 -34.84 20.85
N ARG C 136 13.15 -35.26 22.07
CA ARG C 136 11.92 -35.06 22.83
C ARG C 136 11.50 -33.57 22.87
N VAL C 137 10.41 -33.25 22.13
CA VAL C 137 9.82 -31.91 22.01
C VAL C 137 9.11 -31.56 23.33
N ALA C 138 9.44 -30.38 23.89
CA ALA C 138 8.86 -29.92 25.15
C ALA C 138 7.35 -29.67 25.07
N ASP C 139 6.63 -30.03 26.13
CA ASP C 139 5.17 -29.86 26.31
C ASP C 139 4.31 -30.65 25.28
N SER C 140 4.93 -31.64 24.59
CA SER C 140 4.24 -32.50 23.61
C SER C 140 3.47 -33.68 24.24
N GLN C 141 3.59 -33.82 25.58
CA GLN C 141 2.96 -34.86 26.39
C GLN C 141 1.47 -34.59 26.73
N GLY C 142 0.96 -33.41 26.39
CA GLY C 142 -0.43 -33.05 26.69
C GLY C 142 -0.71 -32.89 28.17
N PHE C 143 -1.96 -33.17 28.58
CA PHE C 143 -2.38 -33.01 29.99
C PHE C 143 -3.47 -33.98 30.43
N CYS C 144 -3.44 -34.38 31.72
CA CYS C 144 -4.44 -35.28 32.30
C CYS C 144 -5.58 -34.49 32.95
N CYS C 145 -6.79 -35.09 33.02
CA CYS C 145 -7.98 -34.50 33.65
C CYS C 145 -8.74 -35.55 34.43
N GLU C 146 -9.11 -35.23 35.68
CA GLU C 146 -9.85 -36.13 36.58
C GLU C 146 -11.38 -35.84 36.58
N CYS C 147 -12.07 -36.05 37.72
CA CYS C 147 -13.51 -35.81 37.89
C CYS C 147 -13.78 -34.95 39.12
N THR C 164 -17.64 -30.64 28.41
CA THR C 164 -16.29 -30.20 28.75
C THR C 164 -15.38 -31.40 29.15
N ARG C 165 -14.08 -31.31 28.76
CA ARG C 165 -13.00 -32.30 28.93
C ARG C 165 -13.06 -33.18 30.19
N ALA C 166 -13.33 -32.59 31.39
CA ALA C 166 -13.40 -33.32 32.66
C ALA C 166 -14.81 -33.85 32.97
N ASN C 167 -15.86 -33.13 32.52
CA ASN C 167 -17.28 -33.51 32.69
C ASN C 167 -17.60 -34.81 31.93
N LEU C 168 -16.91 -35.04 30.79
CA LEU C 168 -17.05 -36.22 29.93
C LEU C 168 -16.57 -37.49 30.62
N ASP C 169 -15.44 -37.39 31.38
CA ASP C 169 -14.80 -38.48 32.12
C ASP C 169 -15.74 -39.11 33.16
N CYS C 170 -16.65 -38.29 33.73
CA CYS C 170 -17.62 -38.71 34.72
C CYS C 170 -18.71 -39.56 34.07
N PRO C 185 -10.73 -42.65 37.27
CA PRO C 185 -11.58 -41.54 36.80
C PRO C 185 -10.77 -40.41 36.17
N VAL C 186 -9.75 -40.77 35.35
CA VAL C 186 -8.83 -39.84 34.69
C VAL C 186 -8.78 -40.04 33.14
N SER C 187 -8.18 -39.06 32.42
CA SER C 187 -8.05 -39.04 30.95
C SER C 187 -6.88 -38.17 30.47
N ALA C 188 -6.24 -38.53 29.35
CA ALA C 188 -5.14 -37.81 28.70
C ALA C 188 -5.67 -37.03 27.50
N HIS C 189 -5.12 -35.83 27.28
CA HIS C 189 -5.51 -34.98 26.16
C HIS C 189 -4.27 -34.69 25.35
N CYS C 190 -4.13 -35.38 24.21
CA CYS C 190 -2.94 -35.35 23.36
C CYS C 190 -3.10 -34.61 22.05
N LEU C 191 -2.07 -33.84 21.68
CA LEU C 191 -2.08 -33.13 20.41
C LEU C 191 -1.46 -34.00 19.33
N THR C 192 -2.19 -34.16 18.24
CA THR C 192 -1.84 -34.94 17.05
C THR C 192 -1.95 -34.04 15.83
N PHE C 193 -1.19 -34.33 14.78
CA PHE C 193 -1.26 -33.50 13.58
C PHE C 193 -1.92 -34.17 12.39
N ASP C 194 -2.62 -33.36 11.57
CA ASP C 194 -3.22 -33.84 10.34
C ASP C 194 -2.04 -34.21 9.40
N PRO C 195 -2.13 -35.25 8.54
CA PRO C 195 -0.99 -35.57 7.65
C PRO C 195 -0.54 -34.39 6.79
N GLN C 196 -1.48 -33.52 6.38
CA GLN C 196 -1.16 -32.35 5.56
C GLN C 196 -0.53 -31.20 6.35
N TRP C 197 0.60 -30.67 5.84
CA TRP C 197 1.34 -29.52 6.36
C TRP C 197 1.39 -28.43 5.29
N TYR C 198 1.49 -27.17 5.73
CA TYR C 198 1.53 -25.94 4.93
C TYR C 198 2.80 -25.14 5.24
N SER C 199 3.22 -24.25 4.33
CA SER C 199 4.41 -23.41 4.50
C SER C 199 4.02 -21.95 4.41
N GLY C 200 4.36 -21.20 5.46
CA GLY C 200 4.07 -19.78 5.53
C GLY C 200 5.16 -18.94 4.91
N TYR C 201 4.79 -18.16 3.89
CA TYR C 201 5.70 -17.26 3.19
C TYR C 201 5.21 -15.84 3.30
N GLU C 202 6.05 -14.94 3.82
CA GLU C 202 5.71 -13.53 3.94
C GLU C 202 5.84 -12.87 2.55
N LEU C 203 4.75 -12.32 2.03
CA LEU C 203 4.77 -11.64 0.73
C LEU C 203 5.46 -10.30 0.84
N GLY C 204 6.23 -9.96 -0.18
CA GLY C 204 6.96 -8.70 -0.26
C GLY C 204 6.18 -7.67 -1.06
N ALA C 205 6.89 -6.71 -1.65
CA ALA C 205 6.27 -5.65 -2.44
C ALA C 205 6.05 -6.05 -3.90
N ALA C 206 4.85 -5.78 -4.40
CA ALA C 206 4.44 -6.09 -5.77
C ALA C 206 5.34 -5.43 -6.78
N SER C 207 5.62 -6.14 -7.86
CA SER C 207 6.38 -5.62 -8.97
C SER C 207 5.61 -6.00 -10.23
N LEU C 208 5.31 -5.02 -11.10
CA LEU C 208 4.58 -5.27 -12.35
C LEU C 208 5.44 -6.04 -13.32
N GLN C 209 4.93 -7.18 -13.76
CA GLN C 209 5.63 -8.04 -14.69
C GLN C 209 4.81 -8.17 -15.96
N PHE C 210 5.44 -7.81 -17.08
CA PHE C 210 4.87 -7.87 -18.43
C PHE C 210 6.02 -7.90 -19.46
N GLU C 211 5.70 -7.66 -20.74
CA GLU C 211 6.64 -7.61 -21.87
C GLU C 211 5.93 -6.91 -23.03
N ILE C 212 6.61 -5.93 -23.63
CA ILE C 212 6.08 -5.23 -24.80
C ILE C 212 6.80 -5.79 -26.03
N ALA C 213 6.02 -6.19 -27.05
CA ALA C 213 6.57 -6.73 -28.27
C ALA C 213 6.36 -5.71 -29.38
N ILE C 214 7.47 -5.13 -29.88
CA ILE C 214 7.47 -4.13 -30.96
C ILE C 214 7.87 -4.79 -32.27
N THR C 215 6.88 -5.21 -33.09
CA THR C 215 7.09 -5.86 -34.37
C THR C 215 7.50 -4.82 -35.39
N VAL C 216 8.62 -5.06 -36.08
CA VAL C 216 9.16 -4.18 -37.12
C VAL C 216 9.18 -4.99 -38.42
N GLU C 217 8.62 -4.41 -39.50
CA GLU C 217 8.54 -5.02 -40.82
C GLU C 217 8.99 -4.01 -41.89
N VAL C 218 10.05 -4.34 -42.65
CA VAL C 218 10.68 -3.51 -43.70
C VAL C 218 9.69 -3.09 -44.80
N ARG C 263 8.99 -7.62 -45.89
CA ARG C 263 10.31 -8.26 -45.91
C ARG C 263 10.55 -9.09 -44.62
N GLU C 264 11.53 -8.66 -43.80
CA GLU C 264 11.96 -9.29 -42.54
C GLU C 264 11.11 -8.84 -41.35
N VAL C 265 10.78 -9.80 -40.47
CA VAL C 265 10.01 -9.58 -39.24
C VAL C 265 11.01 -9.57 -38.06
N LEU C 266 11.26 -8.38 -37.51
CA LEU C 266 12.14 -8.18 -36.37
C LEU C 266 11.25 -7.82 -35.19
N HIS C 267 11.29 -8.65 -34.13
CA HIS C 267 10.49 -8.48 -32.93
C HIS C 267 11.37 -8.06 -31.75
N LEU C 268 11.10 -6.85 -31.20
CA LEU C 268 11.83 -6.26 -30.06
C LEU C 268 11.06 -6.48 -28.75
N GLY C 269 11.78 -6.62 -27.64
CA GLY C 269 11.13 -6.88 -26.36
C GLY C 269 11.43 -5.98 -25.18
N PRO C 270 11.05 -4.65 -25.17
CA PRO C 270 11.28 -3.85 -23.95
C PRO C 270 10.30 -4.27 -22.87
N SER C 271 10.78 -4.27 -21.63
CA SER C 271 10.01 -4.69 -20.46
C SER C 271 10.53 -3.97 -19.21
N VAL C 272 10.06 -4.38 -18.04
CA VAL C 272 10.51 -3.86 -16.76
C VAL C 272 12.03 -4.18 -16.55
N PRO C 273 12.56 -5.43 -16.74
CA PRO C 273 14.01 -5.65 -16.57
C PRO C 273 14.86 -5.19 -17.76
N LEU C 274 14.22 -4.91 -18.93
CA LEU C 274 14.89 -4.43 -20.15
C LEU C 274 14.19 -3.20 -20.70
N ALA C 275 14.33 -2.07 -19.98
CA ALA C 275 13.70 -0.79 -20.31
C ALA C 275 13.96 -0.25 -21.73
N SER C 276 15.08 -0.64 -22.36
CA SER C 276 15.50 -0.17 -23.69
C SER C 276 15.74 -1.30 -24.70
N SER C 277 15.49 -1.02 -26.00
CA SER C 277 15.67 -1.94 -27.12
C SER C 277 16.02 -1.21 -28.42
N ALA C 278 16.78 -1.86 -29.32
CA ALA C 278 17.21 -1.26 -30.58
C ALA C 278 17.36 -2.25 -31.75
N SER C 279 17.25 -1.74 -33.00
CA SER C 279 17.36 -2.46 -34.26
C SER C 279 17.78 -1.53 -35.45
N ARG C 280 19.04 -0.98 -35.36
CA ARG C 280 19.76 -0.05 -36.26
C ARG C 280 18.94 1.21 -36.65
N LEU C 281 17.87 1.08 -37.48
CA LEU C 281 17.00 2.16 -37.95
C LEU C 281 16.06 2.64 -36.84
N LEU C 282 15.59 1.71 -35.99
CA LEU C 282 14.66 2.02 -34.91
C LEU C 282 15.17 1.54 -33.55
N SER C 283 15.16 2.45 -32.57
CA SER C 283 15.53 2.22 -31.18
C SER C 283 14.39 2.74 -30.30
N ALA C 284 13.78 1.85 -29.52
CA ALA C 284 12.67 2.21 -28.64
C ALA C 284 13.01 2.09 -27.16
N LYS C 285 12.39 2.96 -26.33
CA LYS C 285 12.58 2.96 -24.89
C LYS C 285 11.27 3.01 -24.16
N LEU C 286 11.09 2.10 -23.19
CA LEU C 286 9.94 2.07 -22.31
C LEU C 286 10.27 3.02 -21.16
N LEU C 287 9.54 4.13 -21.10
CA LEU C 287 9.75 5.13 -20.05
C LEU C 287 9.17 4.64 -18.72
N GLY C 288 8.01 3.99 -18.81
CA GLY C 288 7.28 3.43 -17.69
C GLY C 288 5.79 3.60 -17.93
N ASP C 289 4.95 3.00 -17.08
CA ASP C 289 3.54 3.21 -17.29
C ASP C 289 2.94 4.15 -16.26
N LEU C 290 1.77 4.70 -16.58
CA LEU C 290 1.00 5.59 -15.73
C LEU C 290 0.38 4.80 -14.56
N ALA C 291 -0.08 5.52 -13.51
CA ALA C 291 -0.69 4.89 -12.34
C ALA C 291 -2.07 4.30 -12.62
N MET C 292 -2.35 3.14 -11.98
CA MET C 292 -3.59 2.38 -12.07
C MET C 292 -4.69 3.13 -11.32
N TYR C 293 -5.88 3.20 -11.90
CA TYR C 293 -7.01 3.89 -11.26
C TYR C 293 -7.54 3.13 -10.05
N THR C 294 -7.51 1.79 -10.12
CA THR C 294 -7.88 0.91 -9.02
C THR C 294 -6.58 0.34 -8.51
N GLN C 295 -6.19 0.74 -7.29
CA GLN C 295 -4.94 0.27 -6.69
C GLN C 295 -4.99 -1.24 -6.40
N LEU C 296 -3.81 -1.86 -6.28
CA LEU C 296 -3.68 -3.29 -5.99
C LEU C 296 -4.17 -3.63 -4.58
N PRO C 297 -4.61 -4.89 -4.30
CA PRO C 297 -5.05 -5.22 -2.94
C PRO C 297 -3.88 -5.19 -1.95
N ALA C 298 -4.17 -4.74 -0.72
CA ALA C 298 -3.18 -4.59 0.34
C ALA C 298 -2.76 -5.95 0.90
N ILE C 299 -1.93 -6.69 0.14
CA ILE C 299 -1.47 -8.04 0.51
C ILE C 299 0.06 -8.12 0.69
N SER C 300 0.74 -6.99 0.50
CA SER C 300 2.18 -6.84 0.58
C SER C 300 2.79 -7.19 1.95
N ASN C 301 1.98 -7.64 2.93
CA ASN C 301 2.48 -7.97 4.27
C ASN C 301 1.84 -9.24 4.88
N GLN C 302 0.84 -9.80 4.20
CA GLN C 302 0.13 -11.00 4.62
C GLN C 302 1.00 -12.25 4.42
N VAL C 303 0.64 -13.38 5.06
CA VAL C 303 1.38 -14.64 4.98
C VAL C 303 0.65 -15.66 4.10
N LEU C 304 1.32 -16.05 3.00
CA LEU C 304 0.87 -17.03 2.02
C LEU C 304 1.13 -18.44 2.50
N MET C 305 0.06 -19.25 2.53
CA MET C 305 0.06 -20.64 2.99
C MET C 305 -0.02 -21.58 1.80
N VAL C 306 1.12 -22.20 1.47
CA VAL C 306 1.26 -23.15 0.37
C VAL C 306 1.32 -24.55 1.00
N PRO C 307 0.49 -25.53 0.60
CA PRO C 307 0.62 -26.86 1.22
C PRO C 307 1.89 -27.59 0.80
N GLN C 308 2.64 -28.06 1.80
CA GLN C 308 3.90 -28.77 1.67
C GLN C 308 3.72 -30.02 0.82
N PRO C 309 4.59 -30.23 -0.20
CA PRO C 309 4.44 -31.44 -1.03
C PRO C 309 5.13 -32.69 -0.42
N PRO C 310 4.49 -33.90 -0.46
CA PRO C 310 3.19 -34.25 -1.04
C PRO C 310 1.98 -33.68 -0.28
N ALA C 325 -6.03 -30.27 -4.99
CA ALA C 325 -6.42 -30.82 -6.29
C ALA C 325 -5.75 -30.14 -7.50
N THR C 326 -5.64 -28.77 -7.48
CA THR C 326 -5.04 -27.96 -8.55
C THR C 326 -3.92 -27.02 -8.03
N ASN C 327 -2.89 -26.74 -8.89
CA ASN C 327 -1.73 -25.86 -8.61
C ASN C 327 -2.23 -24.46 -8.21
N ARG C 328 -2.09 -24.10 -6.90
CA ARG C 328 -2.49 -22.83 -6.26
C ARG C 328 -3.94 -22.79 -5.74
N SER C 329 -4.72 -23.88 -5.93
CA SER C 329 -6.13 -23.90 -5.48
C SER C 329 -6.25 -23.99 -3.96
N ALA C 330 -5.38 -24.82 -3.34
CA ALA C 330 -5.37 -25.05 -1.89
C ALA C 330 -4.76 -23.89 -1.12
N TRP C 331 -4.03 -23.00 -1.82
CA TRP C 331 -3.33 -21.85 -1.28
C TRP C 331 -4.24 -20.86 -0.58
N MET C 332 -3.77 -20.32 0.54
CA MET C 332 -4.47 -19.32 1.33
C MET C 332 -3.54 -18.13 1.57
N LEU C 333 -4.12 -16.97 1.85
CA LEU C 333 -3.38 -15.75 2.16
C LEU C 333 -3.96 -15.18 3.44
N LEU C 334 -3.17 -15.24 4.52
CA LEU C 334 -3.62 -14.89 5.86
C LEU C 334 -2.99 -13.63 6.44
N ASP C 335 -3.80 -12.82 7.12
CA ASP C 335 -3.35 -11.60 7.82
C ASP C 335 -2.49 -12.06 8.99
N LYS C 336 -1.47 -11.26 9.36
CA LYS C 336 -0.56 -11.56 10.47
C LYS C 336 -1.28 -11.69 11.82
N THR C 337 -2.48 -11.07 11.96
CA THR C 337 -3.32 -11.12 13.16
C THR C 337 -3.84 -12.53 13.44
N MET C 338 -3.89 -13.39 12.41
CA MET C 338 -4.42 -14.73 12.59
C MET C 338 -3.36 -15.83 12.76
N LEU C 339 -2.12 -15.45 13.11
CA LEU C 339 -1.09 -16.46 13.35
C LEU C 339 -0.37 -16.22 14.66
N SER C 340 -0.07 -17.33 15.37
CA SER C 340 0.75 -17.26 16.56
C SER C 340 2.13 -17.70 16.09
N MET C 341 2.92 -16.73 15.65
CA MET C 341 4.28 -16.90 15.14
C MET C 341 5.21 -17.45 16.20
N ASP C 342 5.07 -16.96 17.45
CA ASP C 342 5.84 -17.42 18.61
C ASP C 342 5.23 -18.70 19.22
N GLY C 343 4.03 -19.06 18.73
CA GLY C 343 3.26 -20.23 19.14
C GLY C 343 2.81 -20.18 20.59
N LEU C 344 2.61 -18.96 21.11
CA LEU C 344 2.22 -18.72 22.49
C LEU C 344 0.74 -18.39 22.68
N ALA C 345 0.05 -17.99 21.60
CA ALA C 345 -1.38 -17.69 21.67
C ALA C 345 -2.20 -18.97 21.49
N CYS C 346 -3.48 -18.95 21.88
CA CYS C 346 -4.42 -20.07 21.75
C CYS C 346 -5.35 -19.79 20.56
N ASP C 347 -5.85 -20.85 19.88
CA ASP C 347 -6.78 -20.78 18.74
C ASP C 347 -6.30 -19.83 17.61
N LYS C 348 -5.12 -20.09 17.05
CA LYS C 348 -4.52 -19.29 15.96
C LYS C 348 -3.81 -20.23 14.98
N VAL C 349 -3.54 -19.78 13.74
CA VAL C 349 -2.81 -20.62 12.78
C VAL C 349 -1.33 -20.62 13.19
N GLY C 350 -0.98 -21.54 14.09
CA GLY C 350 0.39 -21.66 14.61
C GLY C 350 0.49 -22.03 16.08
N THR C 351 -0.63 -22.37 16.73
CA THR C 351 -0.64 -22.75 18.14
C THR C 351 -0.04 -24.17 18.28
N GLY C 352 1.01 -24.30 19.09
CA GLY C 352 1.74 -25.54 19.27
C GLY C 352 1.20 -26.50 20.31
N PHE C 353 2.09 -27.39 20.80
CA PHE C 353 1.79 -28.35 21.87
C PHE C 353 1.73 -27.55 23.16
N SER C 354 2.67 -26.59 23.26
CA SER C 354 2.90 -25.65 24.35
C SER C 354 1.65 -24.82 24.58
N ALA C 355 1.07 -24.31 23.50
CA ALA C 355 -0.14 -23.50 23.52
C ALA C 355 -1.35 -24.36 23.94
N PHE C 356 -1.43 -25.60 23.39
CA PHE C 356 -2.49 -26.60 23.64
C PHE C 356 -2.51 -27.03 25.10
N ARG C 357 -1.33 -27.21 25.70
CA ARG C 357 -1.11 -27.49 27.11
C ARG C 357 -1.11 -26.08 27.77
N TYR C 358 -1.21 -25.97 29.10
CA TYR C 358 -1.19 -24.65 29.77
C TYR C 358 -2.30 -23.69 29.28
N GLN C 359 -3.34 -24.20 28.56
CA GLN C 359 -4.45 -23.37 28.11
C GLN C 359 -5.26 -22.84 29.33
N PRO C 360 -5.88 -21.62 29.26
CA PRO C 360 -6.55 -21.02 30.43
C PRO C 360 -7.31 -21.96 31.37
N SER C 361 -8.43 -22.54 30.92
CA SER C 361 -9.25 -23.43 31.74
C SER C 361 -8.71 -24.85 31.76
N GLY C 362 -8.51 -25.42 30.58
CA GLY C 362 -8.01 -26.77 30.42
C GLY C 362 -9.10 -27.81 30.48
N CYS C 363 -9.30 -28.38 31.66
CA CYS C 363 -10.27 -29.46 31.90
C CYS C 363 -11.74 -28.99 32.01
N GLY C 364 -11.95 -27.69 32.13
CA GLY C 364 -13.27 -27.07 32.20
C GLY C 364 -13.79 -26.55 30.88
N ARG C 365 -13.05 -26.83 29.80
CA ARG C 365 -13.38 -26.41 28.43
C ARG C 365 -13.59 -27.65 27.55
N ALA C 366 -14.55 -27.57 26.59
CA ALA C 366 -14.90 -28.66 25.67
C ALA C 366 -13.75 -29.08 24.77
N PRO C 367 -13.60 -30.40 24.40
CA PRO C 367 -12.48 -30.82 23.55
C PRO C 367 -12.27 -29.97 22.31
N GLN C 368 -10.99 -29.83 21.90
CA GLN C 368 -10.52 -29.01 20.78
C GLN C 368 -10.67 -27.50 21.16
N ALA C 369 -10.58 -27.19 22.46
CA ALA C 369 -10.76 -25.84 23.04
C ALA C 369 -9.67 -24.81 22.65
N CYS C 370 -8.43 -25.27 22.42
CA CYS C 370 -7.37 -24.37 22.01
C CYS C 370 -6.91 -24.72 20.58
N LEU C 371 -7.81 -25.30 19.78
CA LEU C 371 -7.50 -25.71 18.41
C LEU C 371 -8.43 -25.09 17.36
N SER C 372 -9.12 -24.00 17.72
CA SER C 372 -9.98 -23.31 16.75
C SER C 372 -9.14 -22.42 15.82
N GLY C 373 -9.78 -21.95 14.75
CA GLY C 373 -9.17 -21.04 13.80
C GLY C 373 -7.85 -21.49 13.21
N GLN C 374 -7.75 -22.79 12.87
CA GLN C 374 -6.60 -23.40 12.21
C GLN C 374 -6.86 -23.27 10.73
N LEU C 375 -5.89 -23.67 9.90
CA LEU C 375 -6.02 -23.59 8.44
C LEU C 375 -7.29 -24.29 7.91
N LYS C 376 -7.54 -25.54 8.36
CA LYS C 376 -8.74 -26.28 7.95
C LYS C 376 -9.97 -25.50 8.39
N ASP C 377 -10.02 -25.07 9.66
CA ASP C 377 -11.14 -24.32 10.22
C ASP C 377 -11.49 -23.09 9.38
N LEU C 378 -10.46 -22.31 8.98
CA LEU C 378 -10.61 -21.12 8.14
C LEU C 378 -11.10 -21.49 6.76
N TRP C 379 -10.46 -22.49 6.14
CA TRP C 379 -10.81 -22.96 4.81
C TRP C 379 -12.30 -23.32 4.74
N GLU C 380 -12.77 -24.14 5.69
CA GLU C 380 -14.16 -24.59 5.80
C GLU C 380 -15.08 -23.38 5.93
N ALA C 381 -14.68 -22.40 6.77
CA ALA C 381 -15.44 -21.17 7.00
C ALA C 381 -15.62 -20.40 5.70
N ASP C 382 -14.61 -20.47 4.81
CA ASP C 382 -14.62 -19.82 3.51
C ASP C 382 -15.54 -20.50 2.53
N LEU C 383 -15.63 -21.83 2.59
CA LEU C 383 -16.55 -22.59 1.74
C LEU C 383 -17.98 -22.26 2.14
N ALA C 384 -18.21 -22.08 3.47
CA ALA C 384 -19.48 -21.65 4.03
C ALA C 384 -19.84 -20.25 3.53
N ARG C 385 -18.84 -19.33 3.41
CA ARG C 385 -19.06 -17.99 2.87
C ARG C 385 -19.49 -18.09 1.40
N ILE C 386 -18.74 -18.88 0.57
CA ILE C 386 -19.05 -19.09 -0.86
C ILE C 386 -20.47 -19.67 -1.01
N ALA C 387 -20.84 -20.62 -0.11
CA ALA C 387 -22.15 -21.26 -0.04
C ALA C 387 -23.25 -20.22 0.19
N ASP C 388 -23.00 -19.21 1.05
CA ASP C 388 -23.97 -18.14 1.35
C ASP C 388 -23.86 -16.96 0.36
N GLY C 389 -23.15 -17.19 -0.75
CA GLY C 389 -22.94 -16.20 -1.80
C GLY C 389 -22.22 -14.96 -1.31
N ARG C 390 -21.11 -15.20 -0.59
CA ARG C 390 -20.24 -14.19 0.02
C ARG C 390 -18.81 -14.50 -0.40
N VAL C 391 -17.96 -13.49 -0.55
CA VAL C 391 -16.56 -13.67 -0.97
C VAL C 391 -15.70 -14.19 0.20
N PRO C 392 -14.91 -15.27 -0.02
CA PRO C 392 -14.06 -15.81 1.06
C PRO C 392 -13.02 -14.80 1.56
N LEU C 393 -12.55 -14.98 2.80
CA LEU C 393 -11.61 -14.07 3.46
C LEU C 393 -10.15 -14.52 3.42
N TYR C 394 -9.89 -15.82 3.20
CA TYR C 394 -8.55 -16.38 3.26
C TYR C 394 -8.08 -17.05 1.96
N MET C 395 -9.00 -17.65 1.21
CA MET C 395 -8.70 -18.32 -0.05
C MET C 395 -8.11 -17.30 -1.03
N ILE C 396 -6.97 -17.63 -1.69
CA ILE C 396 -6.33 -16.71 -2.66
C ILE C 396 -7.24 -16.43 -3.88
N THR C 397 -8.30 -17.24 -4.08
CA THR C 397 -9.28 -17.08 -5.16
C THR C 397 -10.21 -15.88 -4.93
N ARG C 398 -10.14 -15.22 -3.74
CA ARG C 398 -10.96 -14.04 -3.42
C ARG C 398 -10.67 -12.84 -4.32
N PHE C 399 -9.47 -12.79 -4.92
CA PHE C 399 -9.04 -11.71 -5.81
C PHE C 399 -9.52 -11.92 -7.24
N THR C 400 -9.60 -13.18 -7.67
CA THR C 400 -9.99 -13.54 -9.02
C THR C 400 -11.50 -13.37 -9.27
N GLY C 401 -12.32 -14.17 -8.60
CA GLY C 401 -13.76 -14.16 -8.78
C GLY C 401 -14.34 -15.56 -8.65
N GLY C 402 -13.47 -16.50 -8.26
CA GLY C 402 -13.84 -17.89 -8.07
C GLY C 402 -12.88 -18.87 -8.68
N SER C 403 -12.54 -18.68 -9.96
CA SER C 403 -11.64 -19.59 -10.70
C SER C 403 -10.16 -19.41 -10.36
N ASP C 404 -9.46 -20.55 -10.25
CA ASP C 404 -8.02 -20.66 -9.97
C ASP C 404 -7.24 -20.58 -11.31
N THR C 405 -7.92 -20.96 -12.42
CA THR C 405 -7.41 -21.01 -13.81
C THR C 405 -6.74 -19.70 -14.26
N THR C 406 -7.29 -18.54 -13.84
CA THR C 406 -6.80 -17.20 -14.15
C THR C 406 -5.35 -17.07 -13.69
N LEU C 407 -5.08 -17.44 -12.40
CA LEU C 407 -3.77 -17.41 -11.73
C LEU C 407 -2.76 -18.40 -12.32
N GLN C 408 -3.24 -19.61 -12.75
CA GLN C 408 -2.41 -20.68 -13.33
C GLN C 408 -1.65 -20.19 -14.56
N SER C 409 -2.25 -19.25 -15.32
CA SER C 409 -1.70 -18.63 -16.52
C SER C 409 -0.41 -17.80 -16.27
N PHE C 410 -0.01 -17.61 -15.00
CA PHE C 410 1.21 -16.87 -14.64
C PHE C 410 2.48 -17.67 -14.96
N SER C 411 3.45 -16.99 -15.60
CA SER C 411 4.73 -17.49 -16.09
C SER C 411 5.74 -18.00 -15.04
N GLY C 412 5.70 -17.43 -13.82
CA GLY C 412 6.61 -17.75 -12.72
C GLY C 412 6.71 -19.20 -12.26
N GLY C 413 7.71 -19.46 -11.43
CA GLY C 413 8.02 -20.79 -10.89
C GLY C 413 7.02 -21.35 -9.89
N PRO C 414 7.25 -22.59 -9.38
CA PRO C 414 6.30 -23.20 -8.43
C PRO C 414 5.99 -22.36 -7.19
N LEU C 415 7.02 -21.73 -6.60
CA LEU C 415 6.89 -20.88 -5.42
C LEU C 415 6.91 -19.40 -5.81
N SER C 416 5.85 -19.01 -6.50
CA SER C 416 5.63 -17.65 -6.95
C SER C 416 4.17 -17.31 -6.74
N PHE C 417 3.88 -16.02 -6.56
CA PHE C 417 2.52 -15.55 -6.39
C PHE C 417 2.36 -14.25 -7.13
N ALA C 418 1.37 -14.20 -8.03
CA ALA C 418 1.06 -13.01 -8.81
C ALA C 418 -0.41 -12.94 -9.09
N LEU C 419 -0.94 -11.72 -9.04
CA LEU C 419 -2.35 -11.48 -9.30
C LEU C 419 -2.52 -10.81 -10.66
N PRO C 420 -3.54 -11.19 -11.43
CA PRO C 420 -3.76 -10.54 -12.72
C PRO C 420 -4.19 -9.09 -12.52
N VAL C 421 -3.62 -8.17 -13.29
CA VAL C 421 -3.96 -6.76 -13.18
C VAL C 421 -5.12 -6.46 -14.14
N THR C 422 -6.25 -5.98 -13.61
CA THR C 422 -7.45 -5.62 -14.38
C THR C 422 -7.58 -4.11 -14.57
N SER C 423 -6.90 -3.32 -13.71
CA SER C 423 -6.90 -1.86 -13.84
C SER C 423 -5.98 -1.48 -15.00
N HIS C 424 -6.28 -0.35 -15.66
CA HIS C 424 -5.51 0.13 -16.80
C HIS C 424 -4.13 0.59 -16.38
N SER C 425 -3.13 0.20 -17.16
CA SER C 425 -1.74 0.60 -16.95
C SER C 425 -1.13 0.91 -18.32
N GLN C 426 -1.34 2.14 -18.77
CA GLN C 426 -0.87 2.56 -20.09
C GLN C 426 0.64 2.82 -20.07
N SER C 427 1.42 1.93 -20.71
CA SER C 427 2.88 2.06 -20.80
C SER C 427 3.30 3.07 -21.83
N LEU C 428 4.26 3.94 -21.49
CA LEU C 428 4.77 4.95 -22.41
C LEU C 428 6.02 4.43 -23.11
N VAL C 429 5.96 4.30 -24.44
CA VAL C 429 7.07 3.80 -25.26
C VAL C 429 7.46 4.89 -26.26
N THR C 430 8.74 5.27 -26.30
CA THR C 430 9.22 6.27 -27.24
C THR C 430 10.06 5.61 -28.32
N LEU C 431 9.67 5.82 -29.58
CA LEU C 431 10.32 5.24 -30.76
C LEU C 431 11.12 6.29 -31.49
N SER C 432 12.37 5.94 -31.81
CA SER C 432 13.29 6.81 -32.54
C SER C 432 13.67 6.14 -33.86
N VAL C 433 13.10 6.64 -34.97
CA VAL C 433 13.37 6.08 -36.30
C VAL C 433 14.14 7.09 -37.14
N ALA C 434 15.17 6.60 -37.88
CA ALA C 434 16.00 7.41 -38.79
C ALA C 434 15.18 7.89 -40.01
N ALA C 435 14.06 7.16 -40.31
CA ALA C 435 13.08 7.44 -41.37
C ALA C 435 12.34 8.74 -41.07
N ASP C 436 11.94 9.48 -42.11
CA ASP C 436 11.26 10.77 -41.95
C ASP C 436 9.86 10.77 -42.57
N GLY C 437 8.86 10.75 -41.70
CA GLY C 437 7.43 10.71 -42.03
C GLY C 437 6.73 9.55 -41.35
N VAL C 438 5.55 9.82 -40.72
CA VAL C 438 4.80 8.79 -40.00
C VAL C 438 3.27 8.89 -40.23
N ARG C 439 2.61 7.73 -40.27
CA ARG C 439 1.17 7.52 -40.46
C ARG C 439 0.71 6.41 -39.53
N LEU C 440 -0.48 6.58 -38.91
CA LEU C 440 -1.07 5.58 -38.01
C LEU C 440 -2.22 4.88 -38.73
N VAL C 441 -2.16 3.52 -38.76
CA VAL C 441 -3.18 2.68 -39.42
C VAL C 441 -3.80 1.78 -38.35
N THR C 442 -5.12 1.86 -38.15
CA THR C 442 -5.85 1.11 -37.12
C THR C 442 -7.06 0.34 -37.67
N ASN C 443 -7.26 -0.89 -37.18
CA ASN C 443 -8.41 -1.74 -37.54
C ASN C 443 -9.62 -1.32 -36.69
N ARG C 444 -10.77 -1.04 -37.35
CA ARG C 444 -12.01 -0.60 -36.68
C ARG C 444 -13.18 -1.56 -36.95
N SER C 445 -13.07 -2.79 -36.42
CA SER C 445 -14.10 -3.82 -36.57
C SER C 445 -15.25 -3.66 -35.56
N PRO C 446 -16.54 -3.76 -35.97
CA PRO C 446 -17.63 -3.61 -34.99
C PRO C 446 -17.76 -4.80 -34.05
N GLY C 447 -18.51 -4.62 -32.97
CA GLY C 447 -18.72 -5.66 -31.97
C GLY C 447 -20.15 -5.78 -31.49
N LYS C 448 -20.42 -6.84 -30.72
CA LYS C 448 -21.74 -7.13 -30.15
C LYS C 448 -21.61 -7.81 -28.79
N ILE C 449 -22.38 -7.33 -27.78
CA ILE C 449 -22.41 -7.93 -26.44
C ILE C 449 -23.30 -9.19 -26.55
N THR C 450 -22.66 -10.36 -26.54
CA THR C 450 -23.33 -11.66 -26.69
C THR C 450 -23.61 -12.31 -25.33
N GLY C 451 -24.06 -11.47 -24.38
CA GLY C 451 -24.37 -11.87 -23.02
C GLY C 451 -23.72 -11.02 -21.95
N ALA C 452 -24.45 -10.80 -20.84
CA ALA C 452 -24.02 -10.01 -19.70
C ALA C 452 -24.84 -10.39 -18.46
N ALA C 453 -24.16 -10.85 -17.39
CA ALA C 453 -24.81 -11.27 -16.16
C ALA C 453 -24.02 -10.93 -14.91
N VAL C 454 -24.74 -10.59 -13.81
CA VAL C 454 -24.19 -10.28 -12.49
C VAL C 454 -24.35 -11.56 -11.72
N CYS C 455 -23.23 -12.16 -11.31
CA CYS C 455 -23.26 -13.43 -10.61
C CYS C 455 -22.48 -13.39 -9.32
N ARG C 456 -22.80 -14.29 -8.39
CA ARG C 456 -22.13 -14.40 -7.09
C ARG C 456 -20.72 -15.02 -7.25
N PHE C 457 -19.93 -15.03 -6.16
CA PHE C 457 -18.58 -15.60 -6.17
C PHE C 457 -18.64 -17.05 -6.60
N ALA C 458 -17.71 -17.42 -7.52
CA ALA C 458 -17.54 -18.77 -8.10
C ALA C 458 -18.79 -19.30 -8.80
N GLY C 459 -19.62 -18.38 -9.31
CA GLY C 459 -20.86 -18.70 -10.02
C GLY C 459 -21.85 -19.53 -9.23
N THR C 460 -22.05 -19.16 -7.94
CA THR C 460 -22.99 -19.79 -6.98
C THR C 460 -24.40 -19.76 -7.61
N SER C 461 -24.79 -18.57 -8.09
CA SER C 461 -26.06 -18.27 -8.74
C SER C 461 -25.79 -17.08 -9.67
N CYS C 462 -26.85 -16.50 -10.27
CA CYS C 462 -26.77 -15.32 -11.11
C CYS C 462 -27.98 -14.40 -10.90
N GLY C 463 -27.96 -13.24 -11.55
CA GLY C 463 -29.00 -12.24 -11.46
C GLY C 463 -28.83 -11.19 -10.37
N GLY C 464 -28.09 -11.55 -9.32
CA GLY C 464 -27.87 -10.65 -8.20
C GLY C 464 -27.01 -11.19 -7.07
N PHE C 465 -26.82 -10.34 -6.06
CA PHE C 465 -25.97 -10.63 -4.90
C PHE C 465 -26.52 -10.04 -3.60
N GLU C 466 -25.75 -10.17 -2.50
CA GLU C 466 -26.16 -9.66 -1.19
C GLU C 466 -25.55 -8.28 -0.95
N ALA C 467 -26.42 -7.28 -0.75
CA ALA C 467 -26.03 -5.88 -0.53
C ALA C 467 -24.99 -5.71 0.57
N VAL C 468 -23.86 -5.05 0.23
CA VAL C 468 -22.72 -4.71 1.10
C VAL C 468 -21.95 -5.98 1.61
N ALA C 469 -22.62 -6.90 2.34
CA ALA C 469 -22.03 -8.13 2.90
C ALA C 469 -21.39 -9.05 1.86
N ALA C 470 -21.70 -8.81 0.56
CA ALA C 470 -21.18 -9.54 -0.58
C ALA C 470 -21.04 -8.62 -1.80
N ARG C 471 -20.61 -9.18 -2.95
CA ARG C 471 -20.44 -8.45 -4.19
C ARG C 471 -20.82 -9.28 -5.40
N GLY C 472 -21.23 -8.58 -6.44
CA GLY C 472 -21.57 -9.19 -7.72
C GLY C 472 -20.34 -9.26 -8.59
N TYR C 473 -20.42 -10.06 -9.65
CA TYR C 473 -19.34 -10.24 -10.60
C TYR C 473 -19.94 -10.20 -11.99
N ILE C 474 -19.68 -9.12 -12.72
CA ILE C 474 -20.19 -8.91 -14.06
C ILE C 474 -19.35 -9.70 -15.06
N TYR C 475 -19.98 -10.72 -15.70
CA TYR C 475 -19.34 -11.55 -16.72
C TYR C 475 -19.95 -11.08 -18.02
N VAL C 476 -19.13 -10.66 -18.99
CA VAL C 476 -19.63 -10.16 -20.26
C VAL C 476 -18.95 -10.86 -21.42
N ASN C 477 -19.76 -11.46 -22.29
CA ASN C 477 -19.31 -12.10 -23.52
C ASN C 477 -19.51 -11.07 -24.64
N ILE C 478 -18.46 -10.84 -25.44
CA ILE C 478 -18.50 -9.91 -26.58
C ILE C 478 -18.05 -10.63 -27.85
N THR C 479 -18.39 -10.10 -29.03
CA THR C 479 -18.00 -10.72 -30.30
C THR C 479 -17.57 -9.68 -31.33
N ASN C 480 -16.41 -9.93 -31.95
CA ASN C 480 -15.87 -9.09 -33.01
C ASN C 480 -16.64 -9.47 -34.26
N THR C 481 -17.57 -8.60 -34.69
CA THR C 481 -18.42 -8.86 -35.86
C THR C 481 -17.80 -8.24 -37.12
N GLY C 482 -16.55 -8.59 -37.40
CA GLY C 482 -15.80 -8.10 -38.56
C GLY C 482 -14.74 -9.05 -39.09
N ARG C 483 -14.02 -8.60 -40.13
CA ARG C 483 -12.96 -9.34 -40.82
C ARG C 483 -11.59 -9.02 -40.22
N LEU C 484 -11.52 -8.03 -39.31
CA LEU C 484 -10.24 -7.61 -38.70
C LEU C 484 -10.19 -7.76 -37.20
N ASP C 485 -8.99 -8.09 -36.68
CA ASP C 485 -8.72 -8.20 -35.25
C ASP C 485 -8.71 -6.76 -34.74
N SER C 486 -9.60 -6.44 -33.78
CA SER C 486 -9.70 -5.07 -33.27
C SER C 486 -9.77 -4.94 -31.73
N ASP C 487 -9.41 -3.75 -31.22
CA ASP C 487 -9.43 -3.42 -29.79
C ASP C 487 -10.80 -2.81 -29.43
N TYR C 488 -11.36 -3.23 -28.30
CA TYR C 488 -12.66 -2.79 -27.81
C TYR C 488 -12.60 -2.29 -26.38
N THR C 489 -13.52 -1.39 -26.02
CA THR C 489 -13.64 -0.83 -24.67
C THR C 489 -15.01 -1.18 -24.12
N LEU C 490 -15.05 -1.81 -22.96
CA LEU C 490 -16.30 -2.17 -22.31
C LEU C 490 -16.48 -1.30 -21.07
N THR C 491 -17.63 -0.60 -20.97
CA THR C 491 -17.91 0.33 -19.87
C THR C 491 -19.24 0.02 -19.17
N VAL C 492 -19.22 0.03 -17.83
CA VAL C 492 -20.44 -0.16 -17.02
C VAL C 492 -20.75 1.21 -16.42
N SER C 493 -21.59 1.96 -17.13
CA SER C 493 -21.94 3.34 -16.82
C SER C 493 -23.45 3.53 -16.65
N ASN C 494 -23.89 4.78 -16.33
CA ASN C 494 -25.30 5.20 -16.16
C ASN C 494 -26.06 4.24 -15.26
N CYS C 495 -25.45 3.89 -14.13
CA CYS C 495 -26.04 2.95 -13.17
C CYS C 495 -26.99 3.63 -12.24
N SER C 496 -27.91 2.86 -11.65
CA SER C 496 -28.90 3.35 -10.70
C SER C 496 -28.26 3.82 -9.38
N SER C 497 -29.11 4.28 -8.42
CA SER C 497 -28.69 4.82 -7.13
C SER C 497 -27.85 3.85 -6.29
N ASN C 498 -26.85 4.43 -5.60
CA ASN C 498 -25.89 3.78 -4.70
C ASN C 498 -25.22 2.54 -5.31
N VAL C 499 -24.68 2.65 -6.53
CA VAL C 499 -23.94 1.57 -7.17
C VAL C 499 -22.52 2.09 -7.32
N ARG C 500 -21.54 1.33 -6.79
CA ARG C 500 -20.13 1.73 -6.84
C ARG C 500 -19.59 1.65 -8.26
N PRO C 501 -19.09 2.79 -8.79
CA PRO C 501 -18.56 2.83 -10.16
C PRO C 501 -17.48 1.80 -10.45
N ILE C 502 -17.54 1.21 -11.66
CA ILE C 502 -16.64 0.17 -12.15
C ILE C 502 -15.78 0.76 -13.28
N GLU C 503 -14.44 0.61 -13.19
CA GLU C 503 -13.50 1.11 -14.19
C GLU C 503 -13.66 0.32 -15.50
N ALA C 504 -13.55 1.02 -16.65
CA ALA C 504 -13.65 0.46 -18.01
C ALA C 504 -12.63 -0.65 -18.26
N ARG C 505 -12.89 -1.49 -19.27
CA ARG C 505 -12.00 -2.59 -19.64
C ARG C 505 -11.61 -2.54 -21.11
N THR C 506 -10.39 -2.99 -21.42
CA THR C 506 -9.92 -3.09 -22.81
C THR C 506 -9.91 -4.57 -23.22
N LEU C 507 -10.30 -4.84 -24.48
CA LEU C 507 -10.34 -6.19 -25.02
C LEU C 507 -9.83 -6.23 -26.45
N ALA C 508 -8.70 -6.91 -26.67
CA ALA C 508 -8.18 -7.10 -28.02
C ALA C 508 -8.82 -8.40 -28.50
N VAL C 509 -9.74 -8.32 -29.48
CA VAL C 509 -10.49 -9.49 -29.98
C VAL C 509 -10.19 -9.76 -31.45
N ARG C 510 -9.90 -11.03 -31.78
CA ARG C 510 -9.63 -11.49 -33.14
C ARG C 510 -10.91 -11.45 -33.98
N ALA C 511 -10.74 -11.28 -35.30
CA ALA C 511 -11.82 -11.20 -36.28
C ALA C 511 -12.77 -12.38 -36.17
N GLY C 512 -14.07 -12.10 -36.19
CA GLY C 512 -15.12 -13.11 -36.12
C GLY C 512 -15.29 -13.78 -34.77
N SER C 513 -14.18 -13.97 -34.05
CA SER C 513 -14.12 -14.61 -32.74
C SER C 513 -14.81 -13.81 -31.62
N ALA C 514 -15.20 -14.54 -30.57
CA ALA C 514 -15.84 -14.02 -29.37
C ALA C 514 -14.84 -14.06 -28.23
N ALA C 515 -15.02 -13.15 -27.26
CA ALA C 515 -14.16 -13.05 -26.08
C ALA C 515 -15.00 -12.72 -24.84
N SER C 516 -14.38 -12.83 -23.67
CA SER C 516 -15.01 -12.53 -22.39
C SER C 516 -13.98 -11.95 -21.44
N LEU C 517 -14.44 -11.25 -20.38
CA LEU C 517 -13.56 -10.70 -19.37
C LEU C 517 -13.21 -11.88 -18.47
N ASP C 518 -11.95 -12.40 -18.56
CA ASP C 518 -11.53 -13.57 -17.75
C ASP C 518 -11.67 -13.23 -16.27
N PRO C 519 -10.95 -12.24 -15.71
CA PRO C 519 -11.26 -11.86 -14.33
C PRO C 519 -12.51 -10.95 -14.46
N PRO C 520 -13.69 -11.32 -13.88
CA PRO C 520 -14.90 -10.50 -14.09
C PRO C 520 -14.85 -9.16 -13.37
N MET C 521 -15.70 -8.22 -13.80
CA MET C 521 -15.79 -6.91 -13.18
C MET C 521 -16.51 -7.02 -11.84
N GLU C 522 -15.87 -6.58 -10.75
CA GLU C 522 -16.49 -6.64 -9.42
C GLU C 522 -17.59 -5.59 -9.32
N LEU C 523 -18.73 -5.95 -8.73
CA LEU C 523 -19.89 -5.06 -8.56
C LEU C 523 -20.24 -4.84 -7.10
N TYR C 524 -20.33 -3.56 -6.68
CA TYR C 524 -20.62 -3.18 -5.30
C TYR C 524 -21.79 -2.22 -5.20
N VAL C 525 -22.53 -2.28 -4.07
CA VAL C 525 -23.64 -1.36 -3.75
C VAL C 525 -23.32 -0.54 -2.49
N GLU C 526 -23.58 0.78 -2.54
CA GLU C 526 -23.26 1.69 -1.44
C GLU C 526 -24.44 1.92 -0.48
N ASP C 527 -25.29 0.89 -0.30
CA ASP C 527 -26.45 0.85 0.60
C ASP C 527 -26.84 -0.61 0.85
N GLN C 528 -27.19 -0.97 2.09
CA GLN C 528 -27.58 -2.34 2.41
C GLN C 528 -29.08 -2.56 2.24
N ALA C 529 -29.64 -1.97 1.17
CA ALA C 529 -31.06 -1.98 0.83
C ALA C 529 -31.48 -3.20 0.04
N ALA C 530 -32.74 -3.63 0.22
CA ALA C 530 -33.27 -4.75 -0.54
C ALA C 530 -33.84 -4.14 -1.83
N ALA C 531 -33.37 -4.60 -3.00
CA ALA C 531 -33.82 -4.13 -4.32
C ALA C 531 -33.77 -5.26 -5.33
N ALA C 532 -34.69 -5.29 -6.30
CA ALA C 532 -34.72 -6.35 -7.31
C ALA C 532 -34.65 -5.78 -8.74
N ALA C 533 -34.75 -4.45 -8.86
CA ALA C 533 -34.71 -3.75 -10.14
C ALA C 533 -33.50 -2.82 -10.30
N ARG C 534 -32.31 -3.23 -9.81
CA ARG C 534 -31.12 -2.40 -9.96
C ARG C 534 -30.55 -2.56 -11.37
N THR C 535 -30.17 -1.43 -12.02
CA THR C 535 -29.70 -1.44 -13.42
C THR C 535 -28.40 -0.71 -13.68
N CYS C 536 -27.71 -1.12 -14.77
CA CYS C 536 -26.45 -0.58 -15.29
C CYS C 536 -26.46 -0.63 -16.80
N THR C 537 -25.80 0.33 -17.46
CA THR C 537 -25.72 0.37 -18.92
C THR C 537 -24.34 -0.12 -19.40
N VAL C 538 -24.28 -1.37 -19.90
CA VAL C 538 -23.04 -1.95 -20.41
C VAL C 538 -22.86 -1.48 -21.86
N SER C 539 -21.80 -0.71 -22.13
CA SER C 539 -21.51 -0.16 -23.45
C SER C 539 -20.20 -0.71 -24.02
N LEU C 540 -20.19 -1.03 -25.31
CA LEU C 540 -19.00 -1.54 -26.00
C LEU C 540 -18.60 -0.54 -27.07
N TYR C 541 -17.38 0.01 -26.97
CA TYR C 541 -16.82 0.98 -27.89
C TYR C 541 -15.77 0.31 -28.74
N ASP C 542 -15.62 0.73 -30.00
CA ASP C 542 -14.53 0.24 -30.83
C ASP C 542 -13.86 1.40 -31.47
N SER C 543 -12.53 1.51 -31.22
CA SER C 543 -11.59 2.51 -31.72
C SER C 543 -12.24 3.90 -32.04
N VAL C 544 -12.93 4.46 -30.99
CA VAL C 544 -13.58 5.75 -30.72
C VAL C 544 -15.13 5.64 -30.38
N GLY C 545 -15.97 5.10 -31.29
CA GLY C 545 -17.43 5.07 -31.10
C GLY C 545 -18.08 3.78 -30.66
N ALA C 546 -19.18 3.92 -29.84
CA ALA C 546 -19.98 2.81 -29.29
C ALA C 546 -20.68 1.97 -30.36
N VAL C 547 -20.36 0.65 -30.43
CA VAL C 547 -20.92 -0.27 -31.45
C VAL C 547 -22.16 -1.03 -30.97
N THR C 548 -22.39 -1.09 -29.64
CA THR C 548 -23.54 -1.75 -29.01
C THR C 548 -23.63 -1.43 -27.53
N ASP C 549 -24.82 -1.63 -26.96
CA ASP C 549 -25.08 -1.42 -25.54
C ASP C 549 -26.26 -2.25 -25.07
N SER C 550 -26.15 -2.78 -23.87
CA SER C 550 -27.20 -3.56 -23.23
C SER C 550 -27.49 -2.93 -21.89
N LEU C 551 -28.47 -3.45 -21.16
CA LEU C 551 -28.82 -2.91 -19.87
C LEU C 551 -28.92 -4.02 -18.83
N THR C 552 -27.85 -4.25 -18.03
CA THR C 552 -27.83 -5.29 -16.99
C THR C 552 -28.84 -4.98 -15.88
N LEU C 553 -29.39 -6.05 -15.29
CA LEU C 553 -30.35 -5.92 -14.20
C LEU C 553 -29.92 -6.85 -13.08
N SER C 554 -29.52 -6.26 -11.95
CA SER C 554 -29.10 -7.00 -10.77
C SER C 554 -30.11 -6.85 -9.61
N PHE C 555 -30.23 -7.89 -8.79
CA PHE C 555 -31.08 -7.84 -7.60
C PHE C 555 -30.17 -7.83 -6.39
N TYR C 556 -30.40 -6.96 -5.42
CA TYR C 556 -29.58 -7.08 -4.24
C TYR C 556 -30.42 -7.35 -3.01
N THR C 557 -30.33 -8.60 -2.46
CA THR C 557 -31.05 -8.95 -1.24
C THR C 557 -30.26 -8.24 -0.12
N ASN C 558 -30.94 -7.42 0.75
CA ASN C 558 -30.36 -6.65 1.87
C ASN C 558 -29.43 -7.44 2.81
N ALA C 559 -28.41 -6.73 3.38
CA ALA C 559 -27.38 -7.30 4.26
C ALA C 559 -27.97 -7.97 5.51
N THR C 560 -27.56 -9.22 5.77
CA THR C 560 -28.03 -9.93 6.96
C THR C 560 -26.97 -9.76 8.07
N GLN C 561 -27.40 -9.14 9.21
CA GLN C 561 -26.61 -8.78 10.40
C GLN C 561 -25.89 -7.45 10.20
#